data_4QZV
#
_entry.id   4QZV
#
_cell.length_a   78.801
_cell.length_b   203.166
_cell.length_c   207.753
_cell.angle_alpha   90.00
_cell.angle_beta   90.00
_cell.angle_gamma   90.00
#
_symmetry.space_group_name_H-M   'P 2 21 21'
#
loop_
_entity.id
_entity.type
_entity.pdbx_description
1 polymer 'Dipeptidyl peptidase 4'
2 polymer 'Spike protein S1'
3 branched 2-acetamido-2-deoxy-beta-D-glucopyranose-(1-4)-2-acetamido-2-deoxy-beta-D-glucopyranose
4 branched beta-D-mannopyranose-(1-4)-2-acetamido-2-deoxy-beta-D-glucopyranose-(1-4)-2-acetamido-2-deoxy-beta-D-glucopyranose
5 non-polymer 2-acetamido-2-deoxy-beta-D-glucopyranose
6 water water
#
loop_
_entity_poly.entity_id
_entity_poly.type
_entity_poly.pdbx_seq_one_letter_code
_entity_poly.pdbx_strand_id
1 'polypeptide(L)'
;SRKTYTLTDYLKNTYRLKLYSLRWISDHEYLYKQENNILVFNAEYGNSSVFLENSTFDEFGHSINDYSISPDGQFILLEY
NYVKQWRHSYTASYDIYDLNKRQLITEERIPNNTQWVTWSPVGHKLAYVWNNDIYVKIEPNLPSYRITWTGKEDIIYNGI
TDWVYEEEVFSAYSALWWSPNGTFLAYAQFNDTEVPLIEYSFYSDESLQYPKTVRVPYPKAGAVNPTVKFFVVNTDSLSS
VTNATSIQITAPASMLIGDHYLCDVTWATQERISLQWLRRIQNYSVMDICDYDESSGRWNCLVARQHIEMSTTGWVGRFR
PSEPHFTLDGNSFYKIISNEEGYRHICYFQIDKKDCTFITKGTWEVIGIEALTSDYLYYISNEYKGMPGGRNLYKIQLSD
YTKVTCLSCELNPERCQYYSVSFSKEAKYYQLRCSGPGLPLYTLHSSVNDKGLRVLEDNSALDKMLQNVQMPSKKLDFII
LNETKFWYQMILPPHFDKSKKYPLLLDVYAGPCSQKADTVFRLNWATYLASTENIIVASFDGRGSGYQGDKIMHAINRRL
GTFEVEDQIEAARQFSKMGFVDNKRIAIWGWSYGGYVTSMVLGSGSGVFKCGIAVAPVSRWEYYDSVYTERYMGLPTPED
NLDHYRNSTVMSRAENFKQVEYLLIHGTADDNVHFQQSAQISKALVDVGVDFQAMWYTDEDHGIASSTAHQHIYTHMSHF
IKQCFSLPHHHHHH
;
A,C
2 'polypeptide(L)'
;EASATGTFIEQPNATECDFSPMLTGVAPQVYNFKRLVFSNCNYNLTKLLSLFAVDEFSCNGISPDSIARGCYSTLTVDYF
AYPLSMKSYIRPGSAGNIPLYNYKQSFANPTCRVMASVLANVTITKPHAYGYISKCSRLTGANQDVETPLYINPGEYSIC
RDFSPGGFSEDGQVFKRTLTQFEGGGLLIGVGTRVPMTDNLQMSFIISVQYGTGTDSVCPMLDLGDSLTITNRLGKCVDY
HHHHHH
;
B,D
#
loop_
_chem_comp.id
_chem_comp.type
_chem_comp.name
_chem_comp.formula
BMA D-saccharide, beta linking beta-D-mannopyranose 'C6 H12 O6'
NAG D-saccharide, beta linking 2-acetamido-2-deoxy-beta-D-glucopyranose 'C8 H15 N O6'
#
# COMPACT_ATOMS: atom_id res chain seq x y z
N ARG A 2 -14.05 -49.51 18.52
CA ARG A 2 -13.12 -49.15 17.45
C ARG A 2 -12.68 -47.69 17.56
N LYS A 3 -11.84 -47.23 16.65
CA LYS A 3 -11.42 -45.85 16.66
C LYS A 3 -12.45 -44.96 16.04
N THR A 4 -12.19 -43.67 16.08
CA THR A 4 -13.04 -42.73 15.35
C THR A 4 -12.15 -41.93 14.41
N TYR A 5 -12.76 -41.25 13.44
CA TYR A 5 -12.02 -40.40 12.51
C TYR A 5 -11.70 -39.07 13.22
N THR A 6 -10.46 -38.90 13.64
CA THR A 6 -10.09 -37.77 14.50
C THR A 6 -9.67 -36.55 13.71
N LEU A 7 -9.58 -35.40 14.38
CA LEU A 7 -9.11 -34.17 13.76
C LEU A 7 -7.69 -34.36 13.24
N THR A 8 -6.86 -35.03 14.02
CA THR A 8 -5.49 -35.37 13.59
C THR A 8 -5.49 -36.24 12.33
N ASP A 9 -6.44 -37.17 12.23
CA ASP A 9 -6.56 -37.98 11.03
C ASP A 9 -6.82 -37.10 9.82
N TYR A 10 -7.71 -36.12 9.98
CA TYR A 10 -8.01 -35.19 8.89
C TYR A 10 -6.82 -34.30 8.54
N LEU A 11 -6.09 -33.83 9.54
CA LEU A 11 -4.99 -32.88 9.30
C LEU A 11 -3.70 -33.55 8.82
N LYS A 12 -3.52 -34.82 9.19
CA LYS A 12 -2.31 -35.56 8.82
C LYS A 12 -2.58 -36.52 7.66
N ASN A 13 -3.81 -36.52 7.17
CA ASN A 13 -4.20 -37.34 6.01
C ASN A 13 -3.83 -38.80 6.23
N THR A 14 -4.27 -39.37 7.34
CA THR A 14 -3.85 -40.71 7.72
C THR A 14 -4.65 -41.79 6.97
N TYR A 15 -5.83 -41.42 6.47
CA TYR A 15 -6.61 -42.30 5.62
C TYR A 15 -6.72 -41.71 4.20
N ARG A 16 -5.79 -42.09 3.34
CA ARG A 16 -5.70 -41.51 2.00
C ARG A 16 -6.60 -42.18 0.97
N LEU A 17 -7.28 -41.36 0.18
CA LEU A 17 -7.98 -41.84 -1.01
C LEU A 17 -6.96 -42.08 -2.11
N LYS A 18 -7.05 -43.23 -2.77
CA LYS A 18 -6.16 -43.47 -3.91
C LYS A 18 -6.83 -42.99 -5.19
N LEU A 19 -5.99 -42.52 -6.12
CA LEU A 19 -6.46 -41.99 -7.39
C LEU A 19 -5.94 -42.84 -8.54
N TYR A 20 -6.37 -42.52 -9.75
CA TYR A 20 -5.77 -43.08 -10.95
C TYR A 20 -5.79 -42.03 -12.06
N SER A 21 -4.84 -41.09 -11.98
CA SER A 21 -4.73 -40.03 -12.97
C SER A 21 -3.91 -40.51 -14.16
N LEU A 22 -4.52 -40.49 -15.34
CA LEU A 22 -3.84 -40.91 -16.54
C LEU A 22 -3.86 -39.80 -17.58
N ARG A 23 -2.86 -39.81 -18.47
CA ARG A 23 -2.86 -38.92 -19.61
C ARG A 23 -2.90 -39.71 -20.91
N TRP A 24 -4.02 -39.62 -21.62
CA TRP A 24 -4.11 -40.19 -22.95
C TRP A 24 -3.10 -39.54 -23.89
N ILE A 25 -2.36 -40.35 -24.63
CA ILE A 25 -1.43 -39.80 -25.62
C ILE A 25 -1.79 -40.24 -27.03
N SER A 26 -2.70 -41.20 -27.12
CA SER A 26 -3.17 -41.69 -28.41
C SER A 26 -4.56 -42.27 -28.25
N ASP A 27 -5.02 -42.99 -29.26
CA ASP A 27 -6.36 -43.55 -29.22
C ASP A 27 -6.41 -44.81 -28.38
N HIS A 28 -5.23 -45.29 -27.94
CA HIS A 28 -5.16 -46.57 -27.25
C HIS A 28 -4.05 -46.67 -26.20
N GLU A 29 -3.30 -45.60 -26.01
CA GLU A 29 -2.27 -45.59 -24.97
C GLU A 29 -2.40 -44.39 -24.02
N TYR A 30 -1.95 -44.58 -22.79
CA TYR A 30 -1.94 -43.49 -21.82
C TYR A 30 -0.73 -43.57 -20.90
N LEU A 31 -0.31 -42.41 -20.40
CA LEU A 31 0.78 -42.33 -19.44
C LEU A 31 0.25 -42.31 -18.00
N TYR A 32 1.05 -42.86 -17.10
CA TYR A 32 0.66 -42.98 -15.71
C TYR A 32 1.89 -43.09 -14.83
N LYS A 33 1.82 -42.49 -13.64
CA LYS A 33 2.96 -42.47 -12.73
C LYS A 33 2.83 -43.50 -11.62
N GLN A 34 3.67 -44.53 -11.68
CA GLN A 34 3.68 -45.57 -10.67
C GLN A 34 5.04 -45.60 -10.00
N GLU A 35 5.06 -45.50 -8.67
CA GLU A 35 6.29 -45.33 -7.88
C GLU A 35 7.30 -44.41 -8.56
N ASN A 36 6.83 -43.21 -8.93
CA ASN A 36 7.68 -42.13 -9.45
C ASN A 36 8.26 -42.36 -10.85
N ASN A 37 8.02 -43.51 -11.44
CA ASN A 37 8.34 -43.70 -12.85
C ASN A 37 7.17 -43.27 -13.71
N ILE A 38 7.43 -42.88 -14.95
CA ILE A 38 6.34 -42.66 -15.89
C ILE A 38 6.14 -43.92 -16.71
N LEU A 39 4.96 -44.52 -16.59
CA LEU A 39 4.65 -45.74 -17.33
C LEU A 39 3.71 -45.45 -18.48
N VAL A 40 3.91 -46.13 -19.59
CA VAL A 40 2.97 -46.07 -20.70
C VAL A 40 2.16 -47.35 -20.72
N PHE A 41 0.85 -47.22 -20.62
CA PHE A 41 -0.03 -48.38 -20.60
C PHE A 41 -0.72 -48.58 -21.93
N ASN A 42 -1.08 -49.83 -22.20
CA ASN A 42 -1.86 -50.18 -23.38
C ASN A 42 -3.31 -50.41 -22.97
N ALA A 43 -4.21 -49.60 -23.51
CA ALA A 43 -5.61 -49.63 -23.08
C ALA A 43 -6.26 -51.00 -23.27
N GLU A 44 -6.02 -51.63 -24.41
CA GLU A 44 -6.71 -52.87 -24.76
C GLU A 44 -6.16 -54.08 -23.98
N TYR A 45 -4.86 -54.12 -23.77
CA TYR A 45 -4.22 -55.28 -23.12
C TYR A 45 -3.85 -55.04 -21.66
N GLY A 46 -3.58 -53.79 -21.30
CA GLY A 46 -3.25 -53.47 -19.92
C GLY A 46 -1.79 -53.66 -19.58
N ASN A 47 -0.97 -54.07 -20.54
CA ASN A 47 0.46 -54.14 -20.28
C ASN A 47 1.06 -52.74 -20.26
N SER A 48 2.29 -52.63 -19.77
CA SER A 48 2.94 -51.35 -19.64
C SER A 48 4.45 -51.46 -19.75
N SER A 49 5.05 -50.50 -20.43
CA SER A 49 6.50 -50.35 -20.45
C SER A 49 6.87 -49.12 -19.63
N VAL A 50 8.15 -48.98 -19.31
CA VAL A 50 8.62 -47.77 -18.67
C VAL A 50 8.93 -46.71 -19.72
N PHE A 51 8.20 -45.60 -19.65
CA PHE A 51 8.36 -44.50 -20.59
C PHE A 51 9.52 -43.62 -20.16
N LEU A 52 9.63 -43.41 -18.85
CA LEU A 52 10.68 -42.60 -18.26
C LEU A 52 11.07 -43.17 -16.90
N GLU A 53 12.30 -43.65 -16.78
CA GLU A 53 12.76 -44.19 -15.51
C GLU A 53 12.94 -43.06 -14.50
N ASN A 54 12.45 -43.25 -13.29
CA ASN A 54 12.45 -42.20 -12.28
C ASN A 54 13.85 -41.68 -11.96
N SER A 55 14.87 -42.48 -12.25
CA SER A 55 16.24 -42.10 -12.00
C SER A 55 16.80 -41.20 -13.08
N THR A 56 15.98 -40.89 -14.09
CA THR A 56 16.44 -40.12 -15.25
C THR A 56 16.89 -38.72 -14.83
N PHE A 57 16.23 -38.15 -13.83
CA PHE A 57 16.52 -36.76 -13.46
C PHE A 57 16.80 -36.52 -11.98
N ASP A 58 17.38 -37.49 -11.29
CA ASP A 58 17.86 -37.19 -9.94
C ASP A 58 19.37 -36.90 -10.00
N GLU A 59 19.76 -36.36 -11.15
CA GLU A 59 21.08 -35.75 -11.35
C GLU A 59 20.86 -34.41 -12.05
N PHE A 60 19.63 -33.94 -12.01
CA PHE A 60 19.21 -32.74 -12.71
C PHE A 60 19.65 -31.46 -12.00
N GLY A 61 19.81 -31.52 -10.69
CA GLY A 61 20.23 -30.38 -9.91
C GLY A 61 19.08 -29.59 -9.33
N HIS A 62 17.87 -29.87 -9.84
CA HIS A 62 16.67 -29.20 -9.36
C HIS A 62 15.55 -30.21 -9.11
N SER A 63 14.52 -29.78 -8.40
CA SER A 63 13.36 -30.62 -8.16
C SER A 63 12.30 -30.37 -9.23
N ILE A 64 11.85 -31.43 -9.89
CA ILE A 64 10.83 -31.30 -10.93
C ILE A 64 9.46 -31.19 -10.29
N ASN A 65 8.77 -30.09 -10.57
CA ASN A 65 7.43 -29.88 -10.06
C ASN A 65 6.42 -30.56 -10.98
N ASP A 66 6.68 -30.49 -12.27
CA ASP A 66 5.75 -31.07 -13.25
C ASP A 66 6.47 -31.36 -14.56
N TYR A 67 5.82 -32.14 -15.41
CA TYR A 67 6.37 -32.52 -16.71
C TYR A 67 5.28 -32.46 -17.77
N SER A 68 5.69 -32.37 -19.04
CA SER A 68 4.76 -32.36 -20.15
C SER A 68 5.40 -32.98 -21.39
N ILE A 69 4.76 -34.01 -21.92
CA ILE A 69 5.28 -34.72 -23.08
C ILE A 69 4.64 -34.23 -24.36
N SER A 70 5.48 -33.96 -25.36
CA SER A 70 4.99 -33.53 -26.67
C SER A 70 4.11 -34.60 -27.29
N PRO A 71 3.08 -34.19 -28.05
CA PRO A 71 2.13 -35.11 -28.67
C PRO A 71 2.79 -36.24 -29.47
N ASP A 72 3.89 -35.95 -30.17
CA ASP A 72 4.56 -36.99 -30.96
C ASP A 72 5.52 -37.84 -30.14
N GLY A 73 5.67 -37.52 -28.86
CA GLY A 73 6.42 -38.33 -27.93
C GLY A 73 7.92 -38.11 -27.95
N GLN A 74 8.39 -37.21 -28.81
CA GLN A 74 9.82 -37.00 -28.97
C GLN A 74 10.48 -36.23 -27.84
N PHE A 75 9.73 -35.32 -27.20
CA PHE A 75 10.32 -34.46 -26.17
C PHE A 75 9.49 -34.40 -24.89
N ILE A 76 10.18 -34.19 -23.77
CA ILE A 76 9.50 -33.95 -22.50
C ILE A 76 9.85 -32.56 -21.97
N LEU A 77 8.82 -31.81 -21.64
CA LEU A 77 8.97 -30.47 -21.07
C LEU A 77 9.08 -30.57 -19.56
N LEU A 78 10.17 -30.05 -19.00
CA LEU A 78 10.40 -30.18 -17.57
C LEU A 78 10.18 -28.87 -16.84
N GLU A 79 9.29 -28.90 -15.85
CA GLU A 79 8.94 -27.72 -15.07
C GLU A 79 9.61 -27.76 -13.70
N TYR A 80 10.34 -26.70 -13.37
CA TYR A 80 10.93 -26.58 -12.05
C TYR A 80 10.94 -25.10 -11.67
N ASN A 81 11.42 -24.79 -10.47
CA ASN A 81 11.39 -23.41 -9.96
C ASN A 81 9.99 -22.81 -9.97
N TYR A 82 9.00 -23.64 -9.64
CA TYR A 82 7.60 -23.24 -9.59
C TYR A 82 7.35 -22.18 -8.53
N VAL A 83 6.73 -21.07 -8.93
CA VAL A 83 6.32 -20.02 -7.99
C VAL A 83 4.84 -19.64 -8.22
N LYS A 84 3.99 -20.03 -7.28
CA LYS A 84 2.56 -19.78 -7.39
C LYS A 84 2.21 -18.29 -7.39
N GLN A 85 1.30 -17.90 -8.28
CA GLN A 85 0.69 -16.59 -8.21
C GLN A 85 -0.76 -16.71 -7.70
N TRP A 86 -1.74 -16.67 -8.60
CA TRP A 86 -3.13 -16.75 -8.17
C TRP A 86 -3.64 -18.20 -8.23
N ARG A 87 -4.93 -18.40 -8.50
CA ARG A 87 -5.52 -19.74 -8.43
C ARG A 87 -4.96 -20.67 -9.49
N HIS A 88 -4.64 -20.12 -10.67
CA HIS A 88 -4.15 -20.95 -11.77
C HIS A 88 -2.77 -20.49 -12.28
N SER A 89 -2.46 -19.21 -12.06
CA SER A 89 -1.22 -18.64 -12.58
C SER A 89 -0.01 -19.03 -11.74
N TYR A 90 1.13 -19.06 -12.40
CA TYR A 90 2.43 -19.29 -11.75
C TYR A 90 3.53 -19.04 -12.76
N THR A 91 4.74 -18.80 -12.27
CA THR A 91 5.91 -18.75 -13.14
C THR A 91 6.79 -19.95 -12.84
N ALA A 92 7.60 -20.34 -13.83
CA ALA A 92 8.48 -21.50 -13.66
C ALA A 92 9.63 -21.44 -14.66
N SER A 93 10.72 -22.13 -14.33
CA SER A 93 11.79 -22.38 -15.28
C SER A 93 11.50 -23.68 -16.01
N TYR A 94 11.92 -23.77 -17.26
CA TYR A 94 11.62 -24.96 -18.07
C TYR A 94 12.83 -25.47 -18.82
N ASP A 95 13.02 -26.78 -18.80
CA ASP A 95 14.02 -27.44 -19.62
C ASP A 95 13.36 -28.47 -20.53
N ILE A 96 13.78 -28.50 -21.79
CA ILE A 96 13.27 -29.49 -22.72
C ILE A 96 14.26 -30.63 -22.83
N TYR A 97 13.75 -31.85 -23.01
CA TYR A 97 14.59 -33.04 -22.97
C TYR A 97 14.20 -34.02 -24.07
N ASP A 98 15.15 -34.33 -24.93
CA ASP A 98 14.95 -35.25 -26.04
C ASP A 98 14.81 -36.67 -25.51
N LEU A 99 13.83 -37.41 -26.04
CA LEU A 99 13.49 -38.72 -25.50
C LEU A 99 14.03 -39.90 -26.33
N ASN A 100 14.65 -39.61 -27.46
CA ASN A 100 15.30 -40.65 -28.26
C ASN A 100 16.80 -40.55 -28.12
N LYS A 101 17.28 -39.34 -27.95
CA LYS A 101 18.69 -39.12 -27.73
C LYS A 101 18.95 -39.13 -26.22
N ARG A 102 17.88 -39.17 -25.43
CA ARG A 102 17.91 -39.21 -23.96
C ARG A 102 18.76 -38.11 -23.31
N GLN A 103 18.67 -36.91 -23.85
CA GLN A 103 19.59 -35.85 -23.46
C GLN A 103 18.87 -34.52 -23.34
N LEU A 104 19.38 -33.69 -22.44
CA LEU A 104 18.83 -32.37 -22.17
C LEU A 104 19.27 -31.38 -23.23
N ILE A 105 18.31 -30.76 -23.91
CA ILE A 105 18.61 -29.65 -24.82
C ILE A 105 19.28 -28.51 -24.04
N THR A 106 20.33 -27.94 -24.61
CA THR A 106 21.12 -26.92 -23.91
C THR A 106 21.11 -25.57 -24.61
N GLU A 107 20.62 -25.56 -25.85
CA GLU A 107 20.67 -24.34 -26.65
C GLU A 107 19.29 -23.77 -26.94
N GLU A 108 19.22 -22.44 -26.98
CA GLU A 108 17.97 -21.71 -27.21
C GLU A 108 16.90 -22.13 -26.22
N ARG A 109 17.19 -21.94 -24.93
CA ARG A 109 16.34 -22.41 -23.86
C ARG A 109 15.18 -21.48 -23.58
N ILE A 110 14.08 -22.06 -23.10
CA ILE A 110 12.98 -21.27 -22.59
C ILE A 110 13.47 -20.54 -21.34
N PRO A 111 13.30 -19.21 -21.31
CA PRO A 111 13.86 -18.38 -20.24
C PRO A 111 13.27 -18.68 -18.86
N ASN A 112 13.99 -18.27 -17.82
CA ASN A 112 13.47 -18.30 -16.47
C ASN A 112 12.22 -17.43 -16.36
N ASN A 113 11.42 -17.66 -15.31
CA ASN A 113 10.23 -16.85 -15.04
C ASN A 113 9.25 -16.80 -16.20
N THR A 114 9.03 -17.96 -16.81
CA THR A 114 8.07 -18.08 -17.91
C THR A 114 6.66 -18.23 -17.33
N GLN A 115 5.70 -17.55 -17.95
CA GLN A 115 4.37 -17.45 -17.38
C GLN A 115 3.47 -18.59 -17.84
N TRP A 116 3.71 -19.08 -19.05
CA TRP A 116 2.94 -20.20 -19.58
C TRP A 116 3.66 -20.86 -20.76
N VAL A 117 3.52 -22.17 -20.88
CA VAL A 117 4.10 -22.94 -21.99
C VAL A 117 3.12 -23.98 -22.49
N THR A 118 3.05 -24.18 -23.80
CA THR A 118 2.17 -25.22 -24.32
C THR A 118 2.65 -25.82 -25.65
N TRP A 119 2.64 -27.15 -25.72
CA TRP A 119 2.91 -27.86 -26.96
C TRP A 119 1.78 -27.62 -27.93
N SER A 120 2.10 -27.55 -29.22
CA SER A 120 1.09 -27.62 -30.26
C SER A 120 0.40 -28.97 -30.15
N PRO A 121 -0.87 -29.07 -30.57
CA PRO A 121 -1.67 -30.29 -30.34
C PRO A 121 -1.13 -31.51 -31.08
N VAL A 122 -0.45 -31.27 -32.19
CA VAL A 122 0.27 -32.31 -32.90
C VAL A 122 1.71 -31.87 -33.12
N GLY A 123 2.61 -32.84 -33.26
CA GLY A 123 4.01 -32.53 -33.46
C GLY A 123 4.70 -32.10 -32.18
N HIS A 124 5.51 -31.05 -32.28
CA HIS A 124 6.33 -30.62 -31.15
C HIS A 124 6.71 -29.15 -31.19
N LYS A 125 5.81 -28.29 -31.69
CA LYS A 125 6.00 -26.85 -31.59
C LYS A 125 5.76 -26.41 -30.15
N LEU A 126 6.39 -25.30 -29.76
CA LEU A 126 6.15 -24.72 -28.45
C LEU A 126 5.73 -23.26 -28.56
N ALA A 127 4.67 -22.92 -27.87
CA ALA A 127 4.34 -21.51 -27.64
C ALA A 127 4.49 -21.23 -26.16
N TYR A 128 5.21 -20.16 -25.83
CA TYR A 128 5.33 -19.78 -24.42
C TYR A 128 5.16 -18.28 -24.21
N VAL A 129 4.80 -17.90 -22.99
CA VAL A 129 4.64 -16.49 -22.66
C VAL A 129 5.67 -16.08 -21.61
N TRP A 130 6.40 -15.01 -21.92
CA TRP A 130 7.44 -14.48 -21.05
C TRP A 130 7.36 -12.95 -21.07
N ASN A 131 7.38 -12.34 -19.89
CA ASN A 131 7.16 -10.90 -19.73
C ASN A 131 5.95 -10.38 -20.50
N ASN A 132 4.84 -11.11 -20.42
CA ASN A 132 3.58 -10.74 -21.07
C ASN A 132 3.61 -10.74 -22.60
N ASP A 133 4.62 -11.35 -23.20
CA ASP A 133 4.67 -11.49 -24.66
C ASP A 133 4.71 -12.95 -25.09
N ILE A 134 4.25 -13.21 -26.30
CA ILE A 134 4.20 -14.56 -26.85
C ILE A 134 5.39 -14.92 -27.74
N TYR A 135 6.01 -16.06 -27.45
CA TYR A 135 7.09 -16.57 -28.28
C TYR A 135 6.73 -17.95 -28.82
N VAL A 136 7.31 -18.30 -29.98
CA VAL A 136 7.04 -19.59 -30.61
C VAL A 136 8.33 -20.28 -31.04
N LYS A 137 8.55 -21.50 -30.56
CA LYS A 137 9.70 -22.29 -30.99
C LYS A 137 9.23 -23.41 -31.89
N ILE A 138 9.66 -23.38 -33.14
CA ILE A 138 9.29 -24.41 -34.10
C ILE A 138 9.97 -25.74 -33.76
N GLU A 139 11.23 -25.66 -33.34
CA GLU A 139 11.96 -26.83 -32.88
C GLU A 139 12.62 -26.50 -31.55
N PRO A 140 12.69 -27.48 -30.64
CA PRO A 140 13.20 -27.28 -29.27
C PRO A 140 14.60 -26.64 -29.17
N ASN A 141 15.42 -26.75 -30.21
CA ASN A 141 16.79 -26.21 -30.14
C ASN A 141 17.01 -24.98 -31.00
N LEU A 142 15.99 -24.58 -31.76
CA LEU A 142 16.09 -23.40 -32.62
C LEU A 142 15.68 -22.14 -31.86
N PRO A 143 16.04 -20.95 -32.39
CA PRO A 143 15.62 -19.71 -31.74
C PRO A 143 14.10 -19.52 -31.78
N SER A 144 13.61 -18.60 -30.93
CA SER A 144 12.19 -18.33 -30.81
C SER A 144 11.78 -17.14 -31.68
N TYR A 145 10.57 -17.17 -32.21
CA TYR A 145 10.03 -16.04 -32.96
C TYR A 145 9.13 -15.22 -32.06
N ARG A 146 9.43 -13.94 -31.91
CA ARG A 146 8.62 -13.06 -31.09
C ARG A 146 7.35 -12.61 -31.81
N ILE A 147 6.21 -13.03 -31.27
CA ILE A 147 4.93 -12.73 -31.90
C ILE A 147 4.40 -11.36 -31.45
N THR A 148 4.59 -11.01 -30.18
CA THR A 148 4.06 -9.76 -29.65
C THR A 148 5.13 -8.87 -29.01
N TRP A 149 4.92 -7.56 -29.07
CA TRP A 149 5.88 -6.62 -28.51
C TRP A 149 5.21 -5.62 -27.57
N THR A 150 3.90 -5.76 -27.39
CA THR A 150 3.13 -4.80 -26.61
C THR A 150 3.05 -5.17 -25.13
N GLY A 151 3.62 -6.31 -24.76
CA GLY A 151 3.53 -6.82 -23.41
C GLY A 151 4.07 -5.85 -22.36
N LYS A 152 3.41 -5.80 -21.21
CA LYS A 152 3.77 -4.86 -20.16
C LYS A 152 3.09 -5.25 -18.84
N GLU A 153 3.89 -5.39 -17.79
CA GLU A 153 3.42 -5.86 -16.49
C GLU A 153 2.24 -5.06 -15.97
N ASP A 154 1.20 -5.78 -15.55
CA ASP A 154 -0.04 -5.19 -14.99
C ASP A 154 -0.82 -4.34 -15.98
N ILE A 155 -0.35 -4.19 -17.22
CA ILE A 155 -1.05 -3.36 -18.19
C ILE A 155 -1.52 -4.13 -19.41
N ILE A 156 -0.59 -4.74 -20.13
CA ILE A 156 -0.93 -5.48 -21.34
C ILE A 156 -0.53 -6.95 -21.23
N TYR A 157 -1.52 -7.82 -21.38
CA TYR A 157 -1.32 -9.27 -21.28
C TYR A 157 -1.53 -9.91 -22.64
N ASN A 158 -0.49 -10.56 -23.18
CA ASN A 158 -0.61 -11.31 -24.43
C ASN A 158 -0.51 -12.81 -24.18
N GLY A 159 -1.59 -13.53 -24.49
CA GLY A 159 -1.59 -14.98 -24.36
C GLY A 159 -1.79 -15.48 -22.93
N ILE A 160 -1.89 -14.54 -21.99
CA ILE A 160 -2.26 -14.88 -20.62
C ILE A 160 -3.35 -13.94 -20.14
N THR A 161 -4.03 -14.34 -19.08
CA THR A 161 -5.17 -13.61 -18.58
C THR A 161 -4.79 -12.67 -17.44
N ASP A 162 -5.52 -11.57 -17.29
CA ASP A 162 -5.36 -10.73 -16.11
C ASP A 162 -6.07 -11.40 -14.94
N TRP A 163 -6.20 -10.69 -13.83
CA TRP A 163 -6.71 -11.32 -12.61
C TRP A 163 -8.14 -11.80 -12.80
N VAL A 164 -9.00 -10.93 -13.30
CA VAL A 164 -10.42 -11.24 -13.32
C VAL A 164 -10.75 -12.26 -14.40
N TYR A 165 -10.02 -12.26 -15.50
CA TYR A 165 -10.25 -13.24 -16.56
C TYR A 165 -9.77 -14.63 -16.15
N GLU A 166 -8.70 -14.68 -15.36
CA GLU A 166 -8.21 -15.95 -14.84
C GLU A 166 -9.21 -16.56 -13.87
N GLU A 167 -9.76 -15.71 -13.00
CA GLU A 167 -10.64 -16.17 -11.93
C GLU A 167 -12.07 -16.46 -12.37
N GLU A 168 -12.66 -15.54 -13.14
CA GLU A 168 -14.10 -15.59 -13.34
C GLU A 168 -14.54 -15.94 -14.75
N VAL A 169 -13.62 -15.95 -15.71
CA VAL A 169 -14.01 -16.27 -17.08
C VAL A 169 -13.42 -17.60 -17.56
N PHE A 170 -12.10 -17.67 -17.72
CA PHE A 170 -11.50 -18.86 -18.34
C PHE A 170 -11.04 -19.92 -17.36
N SER A 171 -10.99 -19.58 -16.06
CA SER A 171 -10.45 -20.50 -15.05
C SER A 171 -9.08 -21.03 -15.45
N ALA A 172 -8.24 -20.13 -15.95
CA ALA A 172 -6.94 -20.50 -16.47
C ALA A 172 -6.08 -19.26 -16.65
N TYR A 173 -4.77 -19.44 -16.49
CA TYR A 173 -3.80 -18.39 -16.78
C TYR A 173 -3.64 -18.22 -18.27
N SER A 174 -3.75 -19.33 -18.98
CA SER A 174 -3.48 -19.39 -20.40
C SER A 174 -4.56 -18.72 -21.24
N ALA A 175 -4.13 -17.98 -22.25
CA ALA A 175 -5.03 -17.41 -23.24
C ALA A 175 -4.48 -17.70 -24.63
N LEU A 176 -4.09 -18.96 -24.83
CA LEU A 176 -3.53 -19.45 -26.09
C LEU A 176 -4.32 -20.64 -26.60
N TRP A 177 -4.76 -20.57 -27.85
CA TRP A 177 -5.51 -21.65 -28.46
C TRP A 177 -4.91 -22.08 -29.79
N TRP A 178 -4.17 -23.18 -29.78
CA TRP A 178 -3.65 -23.76 -31.01
C TRP A 178 -4.76 -24.26 -31.92
N SER A 179 -4.58 -24.08 -33.23
CA SER A 179 -5.42 -24.74 -34.22
C SER A 179 -5.19 -26.25 -34.09
N PRO A 180 -6.16 -27.07 -34.52
CA PRO A 180 -6.09 -28.52 -34.31
C PRO A 180 -4.78 -29.17 -34.81
N ASN A 181 -4.29 -28.79 -35.98
CA ASN A 181 -3.04 -29.37 -36.49
C ASN A 181 -1.83 -28.45 -36.27
N GLY A 182 -2.01 -27.41 -35.47
CA GLY A 182 -0.92 -26.56 -35.03
C GLY A 182 -0.41 -25.52 -36.01
N THR A 183 -1.19 -25.25 -37.05
CA THR A 183 -0.83 -24.23 -38.03
C THR A 183 -0.97 -22.82 -37.45
N PHE A 184 -2.15 -22.52 -36.92
CA PHE A 184 -2.42 -21.22 -36.34
C PHE A 184 -2.33 -21.23 -34.83
N LEU A 185 -1.90 -20.10 -34.27
CA LEU A 185 -1.93 -19.89 -32.83
C LEU A 185 -2.84 -18.70 -32.56
N ALA A 186 -3.97 -18.97 -31.93
CA ALA A 186 -4.92 -17.93 -31.57
C ALA A 186 -4.60 -17.43 -30.17
N TYR A 187 -4.76 -16.14 -29.94
CA TYR A 187 -4.48 -15.58 -28.62
C TYR A 187 -5.28 -14.33 -28.32
N ALA A 188 -5.61 -14.17 -27.05
CA ALA A 188 -6.30 -12.99 -26.57
C ALA A 188 -5.30 -11.97 -26.08
N GLN A 189 -5.64 -10.70 -26.20
CA GLN A 189 -4.85 -9.65 -25.60
C GLN A 189 -5.68 -8.87 -24.58
N PHE A 190 -5.27 -8.93 -23.32
CA PHE A 190 -6.00 -8.23 -22.27
C PHE A 190 -5.31 -6.92 -21.90
N ASN A 191 -6.12 -5.91 -21.65
CA ASN A 191 -5.65 -4.55 -21.46
C ASN A 191 -6.19 -3.95 -20.16
N ASP A 192 -5.33 -3.80 -19.15
CA ASP A 192 -5.78 -3.38 -17.82
C ASP A 192 -5.50 -1.91 -17.52
N THR A 193 -5.29 -1.12 -18.58
CA THR A 193 -4.76 0.23 -18.46
C THR A 193 -5.49 1.12 -17.45
N GLU A 194 -6.81 1.06 -17.44
CA GLU A 194 -7.59 1.96 -16.60
C GLU A 194 -8.29 1.24 -15.46
N VAL A 195 -7.90 -0.01 -15.23
CA VAL A 195 -8.50 -0.80 -14.18
C VAL A 195 -7.83 -0.46 -12.85
N PRO A 196 -8.63 -0.10 -11.83
CA PRO A 196 -8.10 0.29 -10.52
C PRO A 196 -7.35 -0.85 -9.84
N LEU A 197 -6.51 -0.50 -8.88
CA LEU A 197 -5.68 -1.48 -8.21
C LEU A 197 -6.15 -1.70 -6.78
N ILE A 198 -6.32 -2.96 -6.42
CA ILE A 198 -6.48 -3.30 -5.01
C ILE A 198 -5.08 -3.32 -4.41
N GLU A 199 -4.95 -2.74 -3.22
CA GLU A 199 -3.65 -2.73 -2.55
C GLU A 199 -3.77 -3.30 -1.17
N TYR A 200 -2.77 -4.06 -0.75
CA TYR A 200 -2.78 -4.64 0.59
C TYR A 200 -1.36 -5.03 0.97
N SER A 201 -1.11 -5.15 2.28
CA SER A 201 0.23 -5.44 2.77
C SER A 201 0.55 -6.92 2.69
N PHE A 202 1.81 -7.21 2.37
CA PHE A 202 2.34 -8.55 2.46
C PHE A 202 3.57 -8.48 3.35
N TYR A 203 3.58 -9.25 4.43
CA TYR A 203 4.60 -9.08 5.45
C TYR A 203 5.83 -9.93 5.21
N SER A 204 5.66 -11.08 4.54
CA SER A 204 6.78 -11.94 4.18
C SER A 204 7.54 -12.44 5.40
N ASP A 205 8.76 -12.92 5.17
CA ASP A 205 9.59 -13.44 6.26
C ASP A 205 9.89 -12.39 7.32
N GLU A 206 10.09 -12.87 8.54
CA GLU A 206 10.51 -12.07 9.68
C GLU A 206 11.63 -11.06 9.35
N SER A 207 12.52 -11.45 8.44
CA SER A 207 13.68 -10.62 8.11
C SER A 207 13.32 -9.34 7.34
N LEU A 208 12.14 -9.30 6.74
CA LEU A 208 11.74 -8.13 5.95
C LEU A 208 11.35 -6.99 6.88
N GLN A 209 12.12 -5.91 6.82
CA GLN A 209 11.96 -4.79 7.74
C GLN A 209 10.70 -3.97 7.44
N TYR A 210 10.52 -3.62 6.18
CA TYR A 210 9.35 -2.87 5.74
C TYR A 210 8.42 -3.77 4.92
N PRO A 211 7.15 -3.84 5.31
CA PRO A 211 6.18 -4.67 4.57
C PRO A 211 6.06 -4.24 3.11
N LYS A 212 5.80 -5.19 2.22
CA LYS A 212 5.54 -4.89 0.82
C LYS A 212 4.07 -4.52 0.61
N THR A 213 3.82 -3.63 -0.34
CA THR A 213 2.45 -3.34 -0.75
C THR A 213 2.17 -4.01 -2.10
N VAL A 214 1.26 -4.98 -2.09
CA VAL A 214 0.89 -5.71 -3.29
C VAL A 214 -0.15 -4.91 -4.09
N ARG A 215 0.04 -4.79 -5.40
CA ARG A 215 -0.88 -4.03 -6.22
C ARG A 215 -1.36 -4.84 -7.43
N VAL A 216 -2.64 -5.19 -7.44
CA VAL A 216 -3.22 -5.99 -8.50
C VAL A 216 -4.35 -5.25 -9.19
N PRO A 217 -4.28 -5.14 -10.53
CA PRO A 217 -5.44 -4.59 -11.27
C PRO A 217 -6.65 -5.50 -11.08
N TYR A 218 -7.72 -4.92 -10.54
CA TYR A 218 -8.86 -5.67 -10.03
C TYR A 218 -10.10 -4.79 -10.12
N PRO A 219 -11.01 -5.12 -11.04
CA PRO A 219 -12.22 -4.31 -11.17
C PRO A 219 -13.28 -4.75 -10.18
N LYS A 220 -13.56 -3.90 -9.18
CA LYS A 220 -14.67 -4.16 -8.28
C LYS A 220 -15.96 -3.80 -9.00
N ALA A 221 -17.09 -4.21 -8.44
CA ALA A 221 -18.40 -4.06 -9.10
C ALA A 221 -18.64 -2.63 -9.60
N GLY A 222 -18.94 -2.51 -10.89
CA GLY A 222 -19.23 -1.21 -11.47
C GLY A 222 -18.02 -0.40 -11.89
N ALA A 223 -16.81 -0.84 -11.55
CA ALA A 223 -15.60 -0.10 -11.91
C ALA A 223 -15.19 -0.34 -13.37
N VAL A 224 -14.18 0.39 -13.82
CA VAL A 224 -13.66 0.21 -15.18
C VAL A 224 -13.09 -1.20 -15.39
N ASN A 225 -13.58 -1.89 -16.42
CA ASN A 225 -13.15 -3.25 -16.73
C ASN A 225 -11.96 -3.33 -17.70
N PRO A 226 -11.23 -4.46 -17.67
CA PRO A 226 -10.25 -4.70 -18.73
C PRO A 226 -10.92 -4.80 -20.10
N THR A 227 -10.16 -4.53 -21.16
CA THR A 227 -10.64 -4.75 -22.50
C THR A 227 -9.86 -5.88 -23.14
N VAL A 228 -10.37 -6.39 -24.25
CA VAL A 228 -9.79 -7.57 -24.87
C VAL A 228 -9.82 -7.45 -26.39
N LYS A 229 -8.72 -7.86 -27.02
CA LYS A 229 -8.66 -8.03 -28.45
C LYS A 229 -8.22 -9.46 -28.78
N PHE A 230 -8.66 -9.99 -29.91
CA PHE A 230 -8.35 -11.36 -30.27
C PHE A 230 -7.58 -11.46 -31.58
N PHE A 231 -6.55 -12.30 -31.61
CA PHE A 231 -5.69 -12.41 -32.78
C PHE A 231 -5.40 -13.86 -33.19
N VAL A 232 -5.00 -14.03 -34.45
CA VAL A 232 -4.54 -15.33 -34.94
C VAL A 232 -3.25 -15.13 -35.74
N VAL A 233 -2.24 -15.94 -35.43
CA VAL A 233 -0.97 -15.87 -36.13
C VAL A 233 -0.68 -17.20 -36.81
N ASN A 234 -0.15 -17.15 -38.02
CA ASN A 234 0.29 -18.34 -38.74
C ASN A 234 1.70 -18.72 -38.32
N THR A 235 1.84 -19.84 -37.61
CA THR A 235 3.14 -20.24 -37.09
C THR A 235 3.98 -20.97 -38.12
N ASP A 236 3.40 -21.26 -39.28
CA ASP A 236 4.13 -21.92 -40.35
C ASP A 236 4.84 -20.92 -41.27
N SER A 237 4.35 -19.69 -41.30
CA SER A 237 4.97 -18.65 -42.12
C SER A 237 5.70 -17.61 -41.29
N LEU A 238 6.29 -18.06 -40.17
CA LEU A 238 7.08 -17.17 -39.32
C LEU A 238 8.42 -16.88 -39.96
N SER A 239 8.90 -15.66 -39.79
CA SER A 239 10.17 -15.25 -40.38
C SER A 239 11.15 -14.80 -39.31
N SER A 240 12.38 -15.30 -39.40
CA SER A 240 13.43 -14.91 -38.47
C SER A 240 13.99 -13.54 -38.82
N VAL A 241 13.48 -12.95 -39.90
CA VAL A 241 13.99 -11.68 -40.40
C VAL A 241 12.96 -10.54 -40.26
N THR A 242 11.68 -10.85 -40.45
CA THR A 242 10.65 -9.83 -40.23
C THR A 242 9.67 -10.20 -39.12
N ASN A 243 9.12 -9.16 -38.48
CA ASN A 243 8.16 -9.31 -37.39
C ASN A 243 6.90 -10.05 -37.82
N ALA A 244 6.42 -10.95 -36.96
CA ALA A 244 5.26 -11.76 -37.29
C ALA A 244 4.02 -10.90 -37.50
N THR A 245 3.10 -11.37 -38.34
CA THR A 245 1.85 -10.66 -38.56
C THR A 245 0.69 -11.43 -37.95
N SER A 246 -0.01 -10.79 -37.01
CA SER A 246 -1.20 -11.37 -36.41
C SER A 246 -2.43 -10.75 -37.03
N ILE A 247 -3.39 -11.59 -37.42
CA ILE A 247 -4.66 -11.07 -37.93
C ILE A 247 -5.64 -10.90 -36.78
N GLN A 248 -6.25 -9.74 -36.68
CA GLN A 248 -7.22 -9.50 -35.63
C GLN A 248 -8.60 -9.99 -36.03
N ILE A 249 -9.23 -10.74 -35.13
CA ILE A 249 -10.64 -11.09 -35.26
C ILE A 249 -11.45 -10.20 -34.35
N THR A 250 -12.13 -9.20 -34.92
CA THR A 250 -12.88 -8.26 -34.10
C THR A 250 -14.11 -8.91 -33.51
N ALA A 251 -14.55 -8.38 -32.37
CA ALA A 251 -15.81 -8.81 -31.79
C ALA A 251 -16.93 -8.29 -32.69
N PRO A 252 -18.09 -8.97 -32.69
CA PRO A 252 -19.18 -8.46 -33.53
C PRO A 252 -19.60 -7.07 -33.08
N ALA A 253 -20.24 -6.33 -33.98
CA ALA A 253 -20.58 -4.94 -33.71
C ALA A 253 -21.58 -4.80 -32.56
N SER A 254 -22.33 -5.85 -32.28
CA SER A 254 -23.30 -5.81 -31.17
C SER A 254 -22.58 -5.74 -29.84
N MET A 255 -21.32 -6.18 -29.81
CA MET A 255 -20.50 -6.11 -28.62
C MET A 255 -19.68 -4.81 -28.52
N LEU A 256 -19.30 -4.26 -29.67
CA LEU A 256 -18.40 -3.12 -29.69
C LEU A 256 -19.08 -1.81 -29.28
N ILE A 257 -20.41 -1.82 -29.22
CA ILE A 257 -21.15 -0.62 -28.81
C ILE A 257 -20.96 -0.29 -27.33
N GLY A 258 -20.39 -1.22 -26.57
CA GLY A 258 -20.16 -0.99 -25.15
C GLY A 258 -19.23 -2.02 -24.52
N ASP A 259 -19.28 -2.13 -23.20
CA ASP A 259 -18.44 -3.05 -22.46
C ASP A 259 -18.80 -4.51 -22.79
N HIS A 260 -17.78 -5.35 -22.94
CA HIS A 260 -18.02 -6.73 -23.30
C HIS A 260 -16.87 -7.63 -22.85
N TYR A 261 -17.10 -8.94 -22.92
CA TYR A 261 -16.05 -9.91 -22.61
C TYR A 261 -15.89 -10.91 -23.75
N LEU A 262 -14.67 -11.44 -23.88
CA LEU A 262 -14.45 -12.67 -24.60
C LEU A 262 -14.59 -13.81 -23.60
N CYS A 263 -15.55 -14.71 -23.81
CA CYS A 263 -15.83 -15.73 -22.80
C CYS A 263 -15.68 -17.18 -23.28
N ASP A 264 -15.47 -17.39 -24.58
CA ASP A 264 -15.19 -18.74 -25.08
C ASP A 264 -14.41 -18.74 -26.39
N VAL A 265 -13.45 -19.65 -26.50
CA VAL A 265 -12.70 -19.86 -27.74
C VAL A 265 -12.67 -21.34 -28.09
N THR A 266 -13.22 -21.67 -29.25
CA THR A 266 -13.26 -23.07 -29.68
C THR A 266 -13.00 -23.21 -31.17
N TRP A 267 -11.89 -23.85 -31.52
CA TRP A 267 -11.59 -24.18 -32.90
C TRP A 267 -12.59 -25.21 -33.42
N ALA A 268 -13.10 -24.97 -34.63
CA ALA A 268 -14.06 -25.90 -35.25
C ALA A 268 -13.33 -26.84 -36.20
N THR A 269 -12.56 -26.26 -37.11
CA THR A 269 -11.70 -27.04 -38.02
C THR A 269 -10.31 -26.43 -38.09
N GLN A 270 -9.53 -26.87 -39.07
CA GLN A 270 -8.18 -26.37 -39.24
C GLN A 270 -8.18 -24.90 -39.67
N GLU A 271 -9.31 -24.44 -40.20
CA GLU A 271 -9.41 -23.08 -40.71
C GLU A 271 -10.70 -22.41 -40.27
N ARG A 272 -11.27 -22.90 -39.18
CA ARG A 272 -12.51 -22.33 -38.66
C ARG A 272 -12.45 -22.23 -37.14
N ILE A 273 -12.66 -21.03 -36.62
CA ILE A 273 -12.64 -20.83 -35.18
C ILE A 273 -13.97 -20.22 -34.69
N SER A 274 -14.44 -20.69 -33.54
CA SER A 274 -15.62 -20.09 -32.95
C SER A 274 -15.24 -19.26 -31.73
N LEU A 275 -15.87 -18.10 -31.61
CA LEU A 275 -15.64 -17.20 -30.49
C LEU A 275 -16.99 -16.88 -29.87
N GLN A 276 -17.07 -16.84 -28.55
CA GLN A 276 -18.29 -16.38 -27.90
C GLN A 276 -18.04 -15.10 -27.11
N TRP A 277 -18.84 -14.08 -27.41
CA TRP A 277 -18.72 -12.80 -26.73
C TRP A 277 -19.91 -12.56 -25.82
N LEU A 278 -19.72 -11.71 -24.82
CA LEU A 278 -20.70 -11.54 -23.77
C LEU A 278 -20.75 -10.07 -23.33
N ARG A 279 -21.92 -9.45 -23.43
CA ARG A 279 -22.07 -8.06 -23.00
C ARG A 279 -21.86 -7.96 -21.49
N ARG A 280 -21.45 -6.77 -21.03
CA ARG A 280 -21.15 -6.59 -19.61
C ARG A 280 -22.40 -6.82 -18.77
N ILE A 281 -23.57 -6.51 -19.33
CA ILE A 281 -24.83 -7.03 -18.81
C ILE A 281 -25.03 -8.44 -19.37
N GLN A 282 -24.74 -9.45 -18.55
CA GLN A 282 -24.48 -10.81 -19.04
C GLN A 282 -25.72 -11.68 -19.32
N ASN A 283 -26.81 -11.08 -19.77
CA ASN A 283 -27.92 -11.87 -20.26
C ASN A 283 -27.97 -11.87 -21.79
N TYR A 284 -26.87 -11.45 -22.41
CA TYR A 284 -26.80 -11.42 -23.85
C TYR A 284 -25.41 -11.85 -24.34
N SER A 285 -25.39 -12.87 -25.20
CA SER A 285 -24.13 -13.35 -25.75
C SER A 285 -24.29 -13.70 -27.23
N VAL A 286 -23.18 -13.66 -27.97
CA VAL A 286 -23.17 -14.09 -29.37
C VAL A 286 -22.00 -15.04 -29.63
N MET A 287 -22.24 -16.04 -30.46
CA MET A 287 -21.14 -16.81 -31.02
C MET A 287 -20.86 -16.33 -32.44
N ASP A 288 -19.58 -16.15 -32.75
CA ASP A 288 -19.18 -15.89 -34.13
C ASP A 288 -18.37 -17.04 -34.67
N ILE A 289 -18.59 -17.35 -35.94
CA ILE A 289 -17.88 -18.43 -36.61
C ILE A 289 -17.01 -17.84 -37.71
N CYS A 290 -15.70 -18.02 -37.58
CA CYS A 290 -14.77 -17.30 -38.44
C CYS A 290 -13.93 -18.26 -39.29
N ASP A 291 -13.94 -18.04 -40.60
CA ASP A 291 -13.19 -18.87 -41.53
C ASP A 291 -11.96 -18.13 -42.05
N TYR A 292 -10.85 -18.86 -42.20
CA TYR A 292 -9.64 -18.25 -42.76
C TYR A 292 -9.80 -18.07 -44.27
N ASP A 293 -9.29 -16.95 -44.76
CA ASP A 293 -9.38 -16.61 -46.18
C ASP A 293 -8.03 -16.13 -46.68
N GLU A 294 -7.24 -17.03 -47.26
CA GLU A 294 -5.89 -16.66 -47.69
C GLU A 294 -5.93 -15.62 -48.79
N SER A 295 -6.94 -15.72 -49.66
CA SER A 295 -7.08 -14.80 -50.79
C SER A 295 -7.16 -13.35 -50.34
N SER A 296 -7.99 -13.08 -49.34
CA SER A 296 -8.21 -11.71 -48.88
C SER A 296 -7.41 -11.40 -47.60
N GLY A 297 -6.64 -12.38 -47.12
CA GLY A 297 -5.80 -12.20 -45.95
C GLY A 297 -6.53 -11.71 -44.70
N ARG A 298 -7.55 -12.46 -44.29
CA ARG A 298 -8.33 -12.09 -43.11
C ARG A 298 -9.13 -13.29 -42.59
N TRP A 299 -9.62 -13.18 -41.36
CA TRP A 299 -10.53 -14.19 -40.82
C TRP A 299 -11.96 -13.69 -40.89
N ASN A 300 -12.68 -14.17 -41.89
CA ASN A 300 -14.03 -13.70 -42.14
C ASN A 300 -15.06 -14.31 -41.19
N CYS A 301 -15.74 -13.45 -40.45
CA CYS A 301 -16.78 -13.90 -39.54
C CYS A 301 -18.14 -13.52 -40.11
N LEU A 302 -18.72 -14.44 -40.88
CA LEU A 302 -20.01 -14.20 -41.55
C LEU A 302 -21.12 -13.85 -40.57
N VAL A 303 -21.81 -12.75 -40.85
CA VAL A 303 -22.94 -12.33 -40.04
C VAL A 303 -24.05 -13.39 -40.04
N ALA A 304 -24.21 -14.06 -41.17
CA ALA A 304 -25.24 -15.10 -41.30
C ALA A 304 -24.89 -16.35 -40.49
N ARG A 305 -23.66 -16.40 -39.97
CA ARG A 305 -23.23 -17.53 -39.15
C ARG A 305 -23.23 -17.19 -37.65
N GLN A 306 -23.83 -16.05 -37.30
CA GLN A 306 -23.91 -15.63 -35.92
C GLN A 306 -24.98 -16.40 -35.17
N HIS A 307 -24.69 -16.74 -33.91
CA HIS A 307 -25.69 -17.38 -33.07
C HIS A 307 -25.85 -16.63 -31.78
N ILE A 308 -27.04 -16.05 -31.60
CA ILE A 308 -27.32 -15.24 -30.44
C ILE A 308 -27.95 -16.08 -29.34
N GLU A 309 -27.34 -16.01 -28.16
CA GLU A 309 -27.85 -16.69 -26.98
C GLU A 309 -28.13 -15.67 -25.89
N MET A 310 -29.38 -15.52 -25.52
CA MET A 310 -29.72 -14.59 -24.45
C MET A 310 -30.68 -15.21 -23.43
N SER A 311 -30.80 -14.57 -22.28
CA SER A 311 -31.64 -15.08 -21.20
C SER A 311 -32.65 -14.03 -20.74
N THR A 312 -33.88 -14.48 -20.51
CA THR A 312 -34.96 -13.58 -20.14
C THR A 312 -35.23 -13.61 -18.63
N THR A 313 -34.71 -14.64 -17.97
CA THR A 313 -34.96 -14.81 -16.54
C THR A 313 -33.73 -14.54 -15.67
N GLY A 314 -32.55 -14.60 -16.27
CA GLY A 314 -31.32 -14.35 -15.55
C GLY A 314 -30.13 -14.10 -16.45
N TRP A 315 -29.06 -14.84 -16.25
CA TRP A 315 -27.82 -14.71 -17.02
C TRP A 315 -27.64 -15.87 -18.01
N VAL A 316 -26.62 -15.80 -18.84
CA VAL A 316 -26.39 -16.83 -19.86
C VAL A 316 -25.39 -17.88 -19.39
N GLY A 317 -25.80 -19.14 -19.46
CA GLY A 317 -24.98 -20.25 -19.00
C GLY A 317 -25.06 -20.45 -17.50
N ARG A 318 -24.34 -21.44 -16.98
CA ARG A 318 -24.31 -21.62 -15.54
C ARG A 318 -23.40 -20.55 -14.92
N PHE A 319 -22.21 -20.41 -15.48
CA PHE A 319 -21.31 -19.33 -15.09
C PHE A 319 -20.87 -18.55 -16.32
N ARG A 320 -21.02 -19.17 -17.48
CA ARG A 320 -20.72 -18.55 -18.77
C ARG A 320 -21.36 -19.38 -19.87
N PRO A 321 -21.57 -18.78 -21.06
CA PRO A 321 -22.10 -19.55 -22.18
C PRO A 321 -21.29 -20.81 -22.43
N SER A 322 -21.98 -21.93 -22.66
CA SER A 322 -21.32 -23.23 -22.80
C SER A 322 -20.53 -23.33 -24.09
N GLU A 323 -19.57 -24.23 -24.12
CA GLU A 323 -18.71 -24.37 -25.30
C GLU A 323 -19.35 -25.30 -26.33
N PRO A 324 -19.21 -24.95 -27.62
CA PRO A 324 -19.76 -25.81 -28.66
C PRO A 324 -18.88 -27.03 -28.91
N HIS A 325 -19.48 -28.12 -29.37
CA HIS A 325 -18.74 -29.28 -29.82
C HIS A 325 -19.05 -29.54 -31.29
N PHE A 326 -18.09 -29.22 -32.15
CA PHE A 326 -18.31 -29.26 -33.60
C PHE A 326 -18.19 -30.67 -34.15
N THR A 327 -19.05 -30.98 -35.12
CA THR A 327 -18.90 -32.21 -35.89
C THR A 327 -17.63 -32.07 -36.72
N LEU A 328 -17.08 -33.19 -37.17
CA LEU A 328 -15.75 -33.20 -37.81
C LEU A 328 -15.61 -32.21 -38.98
N ASP A 329 -16.63 -32.09 -39.81
CA ASP A 329 -16.56 -31.20 -40.97
C ASP A 329 -16.76 -29.74 -40.57
N GLY A 330 -17.16 -29.52 -39.31
CA GLY A 330 -17.30 -28.18 -38.78
C GLY A 330 -18.50 -27.40 -39.27
N ASN A 331 -19.47 -28.08 -39.87
CA ASN A 331 -20.64 -27.40 -40.41
C ASN A 331 -21.82 -27.39 -39.44
N SER A 332 -21.70 -28.18 -38.38
CA SER A 332 -22.72 -28.25 -37.35
C SER A 332 -22.07 -28.49 -35.99
N PHE A 333 -22.80 -28.20 -34.91
CA PHE A 333 -22.24 -28.38 -33.58
C PHE A 333 -23.30 -28.59 -32.52
N TYR A 334 -22.87 -29.20 -31.42
CA TYR A 334 -23.74 -29.48 -30.27
C TYR A 334 -23.37 -28.58 -29.10
N LYS A 335 -24.39 -28.03 -28.45
CA LYS A 335 -24.19 -27.02 -27.43
C LYS A 335 -25.26 -27.16 -26.34
N ILE A 336 -24.83 -27.13 -25.08
CA ILE A 336 -25.77 -27.15 -23.97
C ILE A 336 -26.40 -25.77 -23.78
N ILE A 337 -27.72 -25.68 -23.94
CA ILE A 337 -28.43 -24.43 -23.67
C ILE A 337 -29.73 -24.70 -22.92
N SER A 338 -30.29 -23.64 -22.35
CA SER A 338 -31.52 -23.72 -21.57
C SER A 338 -32.74 -23.80 -22.49
N ASN A 339 -33.66 -24.73 -22.24
CA ASN A 339 -34.84 -24.83 -23.09
C ASN A 339 -35.98 -23.95 -22.59
N GLU A 340 -37.15 -24.08 -23.21
CA GLU A 340 -38.30 -23.26 -22.83
C GLU A 340 -38.76 -23.55 -21.40
N GLU A 341 -38.48 -24.74 -20.90
CA GLU A 341 -38.87 -25.10 -19.55
C GLU A 341 -37.84 -24.63 -18.52
N GLY A 342 -36.71 -24.12 -19.00
CA GLY A 342 -35.65 -23.64 -18.12
C GLY A 342 -34.66 -24.72 -17.74
N TYR A 343 -34.76 -25.86 -18.41
CA TYR A 343 -33.82 -26.94 -18.18
C TYR A 343 -32.76 -26.98 -19.27
N ARG A 344 -31.53 -27.34 -18.89
CA ARG A 344 -30.42 -27.31 -19.82
C ARG A 344 -30.22 -28.64 -20.49
N HIS A 345 -30.27 -28.63 -21.82
CA HIS A 345 -30.16 -29.83 -22.62
C HIS A 345 -29.30 -29.60 -23.85
N ILE A 346 -28.94 -30.67 -24.53
CA ILE A 346 -28.10 -30.58 -25.72
C ILE A 346 -28.92 -30.10 -26.91
N CYS A 347 -28.42 -29.08 -27.59
CA CYS A 347 -29.09 -28.52 -28.76
C CYS A 347 -28.21 -28.70 -30.00
N TYR A 348 -28.83 -29.01 -31.14
CA TYR A 348 -28.10 -29.28 -32.38
C TYR A 348 -28.22 -28.13 -33.37
N PHE A 349 -27.07 -27.54 -33.73
CA PHE A 349 -27.01 -26.33 -34.55
C PHE A 349 -26.43 -26.58 -35.92
N GLN A 350 -26.96 -25.88 -36.93
CA GLN A 350 -26.28 -25.72 -38.21
C GLN A 350 -25.62 -24.35 -38.19
N ILE A 351 -24.38 -24.24 -38.67
CA ILE A 351 -23.61 -23.01 -38.44
C ILE A 351 -24.22 -21.79 -39.13
N ASP A 352 -25.04 -22.01 -40.14
CA ASP A 352 -25.65 -20.90 -40.87
C ASP A 352 -27.18 -20.84 -40.67
N LYS A 353 -27.69 -21.63 -39.72
CA LYS A 353 -29.11 -21.63 -39.42
C LYS A 353 -29.38 -21.11 -38.00
N LYS A 354 -30.35 -20.22 -37.88
CA LYS A 354 -30.68 -19.63 -36.59
C LYS A 354 -31.26 -20.65 -35.62
N ASP A 355 -32.30 -21.36 -36.04
CA ASP A 355 -32.98 -22.31 -35.14
C ASP A 355 -32.13 -23.54 -34.88
N CYS A 356 -32.30 -24.12 -33.70
CA CYS A 356 -31.58 -25.33 -33.34
C CYS A 356 -32.55 -26.42 -32.90
N THR A 357 -32.04 -27.62 -32.69
CA THR A 357 -32.89 -28.77 -32.38
C THR A 357 -32.42 -29.52 -31.15
N PHE A 358 -33.23 -29.49 -30.10
CA PHE A 358 -32.88 -30.20 -28.87
C PHE A 358 -32.90 -31.70 -29.09
N ILE A 359 -31.84 -32.37 -28.65
CA ILE A 359 -31.74 -33.81 -28.82
C ILE A 359 -31.95 -34.52 -27.49
N THR A 360 -32.07 -33.75 -26.41
CA THR A 360 -32.48 -34.30 -25.11
C THR A 360 -33.54 -33.38 -24.48
N LYS A 361 -34.37 -33.94 -23.61
CA LYS A 361 -35.35 -33.15 -22.88
C LYS A 361 -35.78 -33.84 -21.60
N GLY A 362 -36.46 -33.10 -20.73
CA GLY A 362 -36.88 -33.62 -19.43
C GLY A 362 -36.65 -32.65 -18.29
N THR A 363 -37.12 -33.02 -17.11
CA THR A 363 -36.91 -32.21 -15.92
C THR A 363 -35.64 -32.71 -15.21
N TRP A 364 -34.54 -32.64 -15.94
CA TRP A 364 -33.22 -32.91 -15.40
C TRP A 364 -32.25 -32.11 -16.28
N GLU A 365 -30.95 -32.24 -16.08
CA GLU A 365 -30.04 -31.44 -16.88
C GLU A 365 -28.82 -32.20 -17.36
N VAL A 366 -28.34 -31.80 -18.54
CA VAL A 366 -27.06 -32.27 -19.05
C VAL A 366 -25.96 -31.45 -18.38
N ILE A 367 -25.00 -32.14 -17.75
CA ILE A 367 -23.92 -31.44 -17.07
C ILE A 367 -22.86 -30.99 -18.07
N GLY A 368 -22.44 -31.90 -18.94
CA GLY A 368 -21.46 -31.60 -19.96
C GLY A 368 -21.41 -32.60 -21.09
N ILE A 369 -21.14 -32.10 -22.30
CA ILE A 369 -20.85 -32.95 -23.45
C ILE A 369 -19.42 -33.44 -23.37
N GLU A 370 -19.23 -34.76 -23.36
CA GLU A 370 -17.92 -35.33 -23.08
C GLU A 370 -17.16 -35.80 -24.32
N ALA A 371 -17.88 -36.25 -25.34
CA ALA A 371 -17.22 -36.74 -26.55
C ALA A 371 -18.16 -36.73 -27.74
N LEU A 372 -17.59 -36.59 -28.93
CA LEU A 372 -18.38 -36.61 -30.15
C LEU A 372 -17.75 -37.50 -31.22
N THR A 373 -18.48 -38.51 -31.65
CA THR A 373 -18.06 -39.32 -32.78
C THR A 373 -19.02 -39.12 -33.94
N SER A 374 -18.77 -39.80 -35.05
CA SER A 374 -19.65 -39.71 -36.21
C SER A 374 -20.99 -40.41 -35.92
N ASP A 375 -21.01 -41.24 -34.88
CA ASP A 375 -22.20 -42.01 -34.55
C ASP A 375 -22.83 -41.63 -33.20
N TYR A 376 -21.99 -41.33 -32.21
CA TYR A 376 -22.50 -41.07 -30.87
C TYR A 376 -22.05 -39.75 -30.23
N LEU A 377 -22.94 -39.16 -29.45
CA LEU A 377 -22.65 -38.02 -28.58
C LEU A 377 -22.66 -38.52 -27.13
N TYR A 378 -21.53 -38.36 -26.44
CA TYR A 378 -21.41 -38.78 -25.04
C TYR A 378 -21.56 -37.61 -24.08
N TYR A 379 -22.49 -37.73 -23.13
CA TYR A 379 -22.68 -36.65 -22.18
C TYR A 379 -22.86 -37.17 -20.76
N ILE A 380 -22.69 -36.26 -19.80
CA ILE A 380 -22.93 -36.53 -18.37
C ILE A 380 -24.21 -35.81 -17.96
N SER A 381 -25.07 -36.48 -17.21
CA SER A 381 -26.29 -35.83 -16.75
C SER A 381 -26.70 -36.33 -15.38
N ASN A 382 -27.73 -35.72 -14.81
CA ASN A 382 -28.26 -36.13 -13.52
C ASN A 382 -29.64 -36.78 -13.64
N GLU A 383 -29.89 -37.45 -14.76
CA GLU A 383 -31.22 -37.98 -15.04
C GLU A 383 -31.60 -39.16 -14.14
N TYR A 384 -30.62 -40.00 -13.81
CA TYR A 384 -30.87 -41.26 -13.13
C TYR A 384 -31.61 -41.10 -11.80
N LYS A 385 -32.73 -41.82 -11.67
CA LYS A 385 -33.59 -41.76 -10.48
C LYS A 385 -34.00 -40.35 -10.09
N GLY A 386 -33.85 -39.40 -11.01
CA GLY A 386 -34.25 -38.02 -10.76
C GLY A 386 -33.48 -37.37 -9.63
N MET A 387 -32.23 -37.80 -9.45
CA MET A 387 -31.35 -37.22 -8.42
C MET A 387 -30.43 -36.15 -9.00
N PRO A 388 -30.69 -34.87 -8.69
CA PRO A 388 -29.84 -33.78 -9.20
C PRO A 388 -28.40 -33.87 -8.71
N GLY A 389 -28.18 -34.54 -7.59
CA GLY A 389 -26.83 -34.73 -7.05
C GLY A 389 -26.15 -36.02 -7.52
N GLY A 390 -26.66 -36.59 -8.62
CA GLY A 390 -26.02 -37.75 -9.22
C GLY A 390 -25.44 -37.41 -10.58
N ARG A 391 -24.43 -38.16 -10.99
CA ARG A 391 -23.82 -37.99 -12.31
C ARG A 391 -23.65 -39.32 -13.03
N ASN A 392 -24.17 -39.44 -14.25
CA ASN A 392 -23.93 -40.65 -15.03
C ASN A 392 -23.54 -40.36 -16.47
N LEU A 393 -22.84 -41.31 -17.06
CA LEU A 393 -22.39 -41.24 -18.45
C LEU A 393 -23.45 -41.83 -19.39
N TYR A 394 -23.90 -41.01 -20.34
CA TYR A 394 -24.85 -41.46 -21.35
C TYR A 394 -24.27 -41.27 -22.75
N LYS A 395 -24.71 -42.12 -23.69
CA LYS A 395 -24.42 -41.86 -25.09
C LYS A 395 -25.73 -41.88 -25.87
N ILE A 396 -25.82 -40.99 -26.85
CA ILE A 396 -27.03 -40.89 -27.63
C ILE A 396 -26.67 -41.07 -29.11
N GLN A 397 -27.45 -41.90 -29.80
CA GLN A 397 -27.20 -42.20 -31.21
C GLN A 397 -27.66 -41.04 -32.08
N LEU A 398 -26.76 -40.52 -32.90
CA LEU A 398 -27.06 -39.33 -33.68
C LEU A 398 -28.06 -39.58 -34.81
N SER A 399 -28.09 -40.80 -35.34
CA SER A 399 -29.08 -41.14 -36.37
C SER A 399 -30.47 -41.31 -35.79
N ASP A 400 -30.56 -41.51 -34.47
CA ASP A 400 -31.84 -41.73 -33.82
C ASP A 400 -31.80 -41.27 -32.35
N TYR A 401 -32.34 -40.08 -32.09
CA TYR A 401 -32.21 -39.47 -30.77
C TYR A 401 -32.99 -40.20 -29.68
N THR A 402 -33.76 -41.21 -30.07
CA THR A 402 -34.54 -41.98 -29.10
C THR A 402 -33.71 -43.11 -28.49
N LYS A 403 -32.56 -43.39 -29.09
CA LYS A 403 -31.67 -44.44 -28.59
C LYS A 403 -30.60 -43.88 -27.64
N VAL A 404 -30.99 -43.72 -26.37
CA VAL A 404 -30.08 -43.24 -25.34
C VAL A 404 -29.68 -44.39 -24.43
N THR A 405 -28.38 -44.58 -24.24
CA THR A 405 -27.86 -45.66 -23.40
C THR A 405 -27.15 -45.13 -22.16
N CYS A 406 -27.54 -45.59 -20.98
CA CYS A 406 -26.78 -45.25 -19.79
C CYS A 406 -25.60 -46.21 -19.64
N LEU A 407 -24.40 -45.67 -19.65
CA LEU A 407 -23.19 -46.48 -19.63
C LEU A 407 -22.62 -46.71 -18.24
N SER A 408 -23.15 -46.02 -17.24
CA SER A 408 -22.56 -46.11 -15.90
C SER A 408 -23.57 -46.43 -14.80
N CYS A 409 -24.84 -46.17 -15.05
CA CYS A 409 -25.89 -46.34 -14.03
C CYS A 409 -25.89 -47.68 -13.32
N GLU A 410 -25.83 -48.77 -14.08
CA GLU A 410 -26.04 -50.09 -13.53
C GLU A 410 -24.75 -50.86 -13.27
N LEU A 411 -23.61 -50.22 -13.51
CA LEU A 411 -22.32 -50.85 -13.26
C LEU A 411 -22.21 -51.29 -11.81
N ASN A 412 -22.68 -50.44 -10.91
CA ASN A 412 -22.58 -50.69 -9.47
C ASN A 412 -23.44 -49.70 -8.71
N PRO A 413 -24.77 -49.83 -8.82
CA PRO A 413 -25.72 -48.81 -8.37
C PRO A 413 -25.63 -48.47 -6.88
N GLU A 414 -25.10 -49.37 -6.05
CA GLU A 414 -25.00 -49.13 -4.62
C GLU A 414 -23.84 -48.23 -4.27
N ARG A 415 -22.69 -48.55 -4.86
CA ARG A 415 -21.42 -47.91 -4.54
C ARG A 415 -21.19 -46.63 -5.35
N CYS A 416 -21.76 -46.59 -6.55
CA CYS A 416 -21.40 -45.57 -7.52
C CYS A 416 -22.59 -44.84 -8.14
N GLN A 417 -22.75 -43.57 -7.79
CA GLN A 417 -23.82 -42.76 -8.36
C GLN A 417 -23.30 -41.42 -8.88
N TYR A 418 -22.01 -41.18 -8.71
CA TYR A 418 -21.39 -39.92 -9.14
C TYR A 418 -20.19 -40.21 -10.05
N TYR A 419 -20.34 -39.92 -11.34
CA TYR A 419 -19.32 -40.29 -12.33
C TYR A 419 -18.75 -39.11 -13.09
N SER A 420 -17.47 -39.20 -13.42
CA SER A 420 -16.88 -38.37 -14.47
C SER A 420 -16.15 -39.32 -15.43
N VAL A 421 -15.71 -38.79 -16.57
CA VAL A 421 -15.17 -39.66 -17.62
C VAL A 421 -13.99 -39.02 -18.34
N SER A 422 -13.04 -39.84 -18.78
CA SER A 422 -11.93 -39.40 -19.59
C SER A 422 -11.77 -40.27 -20.84
N PHE A 423 -12.09 -39.71 -22.00
CA PHE A 423 -11.97 -40.43 -23.27
C PHE A 423 -10.55 -40.39 -23.84
N SER A 424 -10.18 -41.47 -24.53
CA SER A 424 -8.97 -41.46 -25.34
C SER A 424 -9.23 -40.65 -26.60
N LYS A 425 -8.21 -40.49 -27.43
CA LYS A 425 -8.39 -39.81 -28.71
C LYS A 425 -9.33 -40.64 -29.59
N GLU A 426 -10.21 -39.96 -30.32
CA GLU A 426 -11.24 -40.60 -31.15
C GLU A 426 -12.24 -41.42 -30.32
N ALA A 427 -12.14 -41.30 -29.00
CA ALA A 427 -13.06 -41.95 -28.06
C ALA A 427 -13.15 -43.46 -28.27
N LYS A 428 -12.00 -44.11 -28.44
CA LYS A 428 -11.99 -45.56 -28.60
C LYS A 428 -12.00 -46.25 -27.24
N TYR A 429 -11.48 -45.56 -26.23
CA TYR A 429 -11.51 -46.04 -24.86
C TYR A 429 -11.94 -44.91 -23.93
N TYR A 430 -12.52 -45.27 -22.78
CA TYR A 430 -12.80 -44.26 -21.77
C TYR A 430 -12.59 -44.80 -20.36
N GLN A 431 -12.00 -43.96 -19.52
CA GLN A 431 -11.87 -44.26 -18.09
C GLN A 431 -13.10 -43.73 -17.38
N LEU A 432 -13.67 -44.54 -16.50
CA LEU A 432 -14.75 -44.05 -15.66
C LEU A 432 -14.23 -43.80 -14.25
N ARG A 433 -14.70 -42.74 -13.64
CA ARG A 433 -14.27 -42.36 -12.32
C ARG A 433 -15.46 -42.09 -11.44
N CYS A 434 -15.67 -42.97 -10.50
CA CYS A 434 -16.79 -42.88 -9.56
C CYS A 434 -16.30 -42.25 -8.25
N SER A 435 -17.06 -41.28 -7.75
CA SER A 435 -16.62 -40.50 -6.58
C SER A 435 -17.45 -40.80 -5.33
N GLY A 436 -18.50 -41.59 -5.51
CA GLY A 436 -19.36 -41.94 -4.39
C GLY A 436 -20.67 -42.58 -4.83
N PRO A 437 -21.52 -42.96 -3.85
CA PRO A 437 -21.30 -42.69 -2.42
C PRO A 437 -20.32 -43.64 -1.73
N GLY A 438 -19.89 -44.70 -2.40
CA GLY A 438 -18.91 -45.61 -1.84
C GLY A 438 -17.51 -45.06 -2.03
N LEU A 439 -16.50 -45.85 -1.69
CA LEU A 439 -15.12 -45.44 -1.95
C LEU A 439 -14.96 -45.29 -3.46
N PRO A 440 -14.22 -44.26 -3.88
CA PRO A 440 -13.98 -44.02 -5.30
C PRO A 440 -13.50 -45.27 -6.05
N LEU A 441 -13.90 -45.39 -7.31
CA LEU A 441 -13.60 -46.57 -8.10
C LEU A 441 -13.25 -46.17 -9.52
N TYR A 442 -12.10 -46.61 -10.00
CA TYR A 442 -11.65 -46.26 -11.35
C TYR A 442 -11.59 -47.48 -12.27
N THR A 443 -12.34 -47.42 -13.36
CA THR A 443 -12.40 -48.52 -14.32
C THR A 443 -12.08 -48.05 -15.73
N LEU A 444 -11.67 -48.98 -16.60
CA LEU A 444 -11.42 -48.63 -17.99
C LEU A 444 -12.37 -49.42 -18.89
N HIS A 445 -12.87 -48.78 -19.92
CA HIS A 445 -13.84 -49.39 -20.82
C HIS A 445 -13.46 -49.20 -22.27
N SER A 446 -13.92 -50.10 -23.13
CA SER A 446 -13.72 -49.93 -24.57
C SER A 446 -15.04 -49.49 -25.20
N SER A 447 -14.98 -48.52 -26.10
CA SER A 447 -16.17 -47.86 -26.62
C SER A 447 -16.96 -48.68 -27.64
N VAL A 448 -16.28 -49.56 -28.36
CA VAL A 448 -16.88 -50.27 -29.49
C VAL A 448 -18.09 -51.10 -29.06
N ASN A 449 -18.05 -51.68 -27.87
CA ASN A 449 -19.21 -52.42 -27.35
C ASN A 449 -19.43 -52.20 -25.85
N ASP A 450 -18.89 -51.09 -25.35
CA ASP A 450 -19.05 -50.68 -23.94
C ASP A 450 -18.62 -51.77 -22.97
N LYS A 451 -17.61 -52.53 -23.35
CA LYS A 451 -17.11 -53.61 -22.50
C LYS A 451 -16.19 -53.07 -21.41
N GLY A 452 -16.41 -53.53 -20.18
CA GLY A 452 -15.52 -53.24 -19.09
C GLY A 452 -14.25 -54.07 -19.22
N LEU A 453 -13.12 -53.41 -19.41
CA LEU A 453 -11.84 -54.09 -19.56
C LEU A 453 -11.26 -54.50 -18.22
N ARG A 454 -11.12 -53.55 -17.29
CA ARG A 454 -10.51 -53.84 -16.00
C ARG A 454 -10.75 -52.76 -14.95
N VAL A 455 -10.49 -53.12 -13.70
CA VAL A 455 -10.48 -52.17 -12.60
C VAL A 455 -9.08 -51.60 -12.44
N LEU A 456 -8.98 -50.27 -12.48
CA LEU A 456 -7.70 -49.58 -12.34
C LEU A 456 -7.37 -49.33 -10.88
N GLU A 457 -8.38 -48.97 -10.11
CA GLU A 457 -8.20 -48.66 -8.69
C GLU A 457 -9.52 -48.79 -7.95
N ASP A 458 -9.53 -49.60 -6.90
CA ASP A 458 -10.76 -49.87 -6.17
C ASP A 458 -10.70 -49.40 -4.72
N ASN A 459 -9.59 -48.77 -4.35
CA ASN A 459 -9.40 -48.25 -3.00
C ASN A 459 -9.63 -49.30 -1.93
N SER A 460 -9.19 -50.53 -2.22
CA SER A 460 -9.34 -51.64 -1.29
C SER A 460 -8.44 -51.48 -0.06
N ALA A 461 -7.27 -50.88 -0.27
CA ALA A 461 -6.37 -50.54 0.83
C ALA A 461 -7.09 -49.70 1.88
N LEU A 462 -7.67 -48.59 1.44
CA LEU A 462 -8.41 -47.70 2.30
C LEU A 462 -9.59 -48.42 2.96
N ASP A 463 -10.26 -49.27 2.20
CA ASP A 463 -11.40 -50.03 2.72
C ASP A 463 -11.02 -50.88 3.92
N LYS A 464 -9.86 -51.51 3.85
CA LYS A 464 -9.38 -52.34 4.94
C LYS A 464 -9.06 -51.50 6.17
N MET A 465 -8.44 -50.34 5.95
CA MET A 465 -8.11 -49.43 7.04
C MET A 465 -9.34 -48.90 7.76
N LEU A 466 -10.39 -48.57 7.00
CA LEU A 466 -11.58 -47.91 7.53
C LEU A 466 -12.52 -48.82 8.30
N GLN A 467 -12.34 -50.13 8.21
CA GLN A 467 -13.25 -51.04 8.92
C GLN A 467 -12.92 -51.14 10.40
N ASN A 468 -11.74 -50.64 10.77
CA ASN A 468 -11.36 -50.59 12.17
C ASN A 468 -11.75 -49.24 12.77
N VAL A 469 -12.49 -48.45 12.00
CA VAL A 469 -12.81 -47.08 12.37
C VAL A 469 -14.32 -46.84 12.35
N GLN A 470 -14.85 -46.22 13.39
CA GLN A 470 -16.27 -45.87 13.42
C GLN A 470 -16.54 -44.68 12.52
N MET A 471 -16.84 -44.95 11.26
CA MET A 471 -17.04 -43.92 10.26
C MET A 471 -18.48 -43.47 10.20
N PRO A 472 -18.71 -42.18 9.90
CA PRO A 472 -20.06 -41.63 9.79
C PRO A 472 -20.78 -42.12 8.55
N SER A 473 -22.09 -42.00 8.54
CA SER A 473 -22.88 -42.32 7.36
C SER A 473 -23.48 -41.04 6.79
N LYS A 474 -23.96 -41.13 5.55
CA LYS A 474 -24.49 -39.97 4.86
C LYS A 474 -25.90 -40.21 4.33
N LYS A 475 -26.80 -39.29 4.65
CA LYS A 475 -28.19 -39.35 4.21
C LYS A 475 -28.45 -38.27 3.17
N LEU A 476 -28.82 -38.68 1.96
CA LEU A 476 -29.21 -37.75 0.93
C LEU A 476 -30.72 -37.87 0.68
N ASP A 477 -31.44 -36.79 0.92
CA ASP A 477 -32.89 -36.80 0.76
C ASP A 477 -33.36 -35.42 0.33
N PHE A 478 -34.66 -35.16 0.42
CA PHE A 478 -35.19 -33.84 0.10
C PHE A 478 -36.34 -33.48 1.02
N ILE A 479 -36.53 -32.18 1.24
CA ILE A 479 -37.73 -31.67 1.87
C ILE A 479 -38.54 -30.96 0.80
N ILE A 480 -39.70 -30.44 1.17
CA ILE A 480 -40.56 -29.78 0.20
C ILE A 480 -40.95 -28.38 0.65
N LEU A 481 -40.74 -27.42 -0.24
CA LEU A 481 -41.15 -26.04 0.01
C LEU A 481 -41.97 -25.56 -1.18
N ASN A 482 -43.24 -25.23 -0.92
CA ASN A 482 -44.16 -24.78 -1.95
C ASN A 482 -44.18 -25.72 -3.16
N GLU A 483 -44.50 -26.98 -2.91
CA GLU A 483 -44.53 -28.02 -3.95
C GLU A 483 -43.29 -28.04 -4.84
N THR A 484 -42.13 -27.85 -4.22
CA THR A 484 -40.86 -27.97 -4.93
C THR A 484 -39.90 -28.80 -4.09
N LYS A 485 -39.31 -29.82 -4.69
CA LYS A 485 -38.28 -30.60 -4.02
C LYS A 485 -37.02 -29.77 -3.82
N PHE A 486 -36.49 -29.79 -2.61
CA PHE A 486 -35.19 -29.21 -2.32
C PHE A 486 -34.34 -30.22 -1.56
N TRP A 487 -33.15 -30.50 -2.10
CA TRP A 487 -32.33 -31.58 -1.58
C TRP A 487 -31.42 -31.14 -0.45
N TYR A 488 -31.17 -32.05 0.47
CA TYR A 488 -30.20 -31.83 1.54
C TYR A 488 -29.37 -33.08 1.75
N GLN A 489 -28.28 -32.95 2.50
CA GLN A 489 -27.54 -34.11 2.94
C GLN A 489 -27.14 -33.91 4.40
N MET A 490 -26.99 -35.01 5.12
CA MET A 490 -26.56 -34.97 6.51
C MET A 490 -25.44 -35.98 6.73
N ILE A 491 -24.34 -35.52 7.27
CA ILE A 491 -23.29 -36.42 7.73
C ILE A 491 -23.66 -36.87 9.14
N LEU A 492 -24.09 -38.12 9.27
CA LEU A 492 -24.61 -38.62 10.54
C LEU A 492 -23.53 -39.36 11.32
N PRO A 493 -23.48 -39.13 12.64
CA PRO A 493 -22.53 -39.84 13.50
C PRO A 493 -22.73 -41.35 13.44
N PRO A 494 -21.65 -42.12 13.66
CA PRO A 494 -21.75 -43.59 13.69
C PRO A 494 -22.74 -44.06 14.74
N HIS A 495 -23.38 -45.20 14.49
CA HIS A 495 -24.36 -45.79 15.41
C HIS A 495 -25.49 -44.81 15.70
N PHE A 496 -25.88 -44.07 14.68
CA PHE A 496 -26.87 -43.00 14.81
C PHE A 496 -28.19 -43.48 15.43
N ASP A 497 -28.53 -42.87 16.57
CA ASP A 497 -29.73 -43.20 17.31
C ASP A 497 -30.73 -42.06 17.23
N LYS A 498 -31.76 -42.19 16.40
CA LYS A 498 -32.67 -41.08 16.16
C LYS A 498 -33.60 -40.80 17.35
N SER A 499 -33.34 -41.47 18.47
CA SER A 499 -34.06 -41.18 19.70
C SER A 499 -33.22 -40.27 20.60
N LYS A 500 -31.98 -40.04 20.18
CA LYS A 500 -31.13 -39.08 20.86
C LYS A 500 -31.27 -37.70 20.22
N LYS A 501 -30.86 -36.68 20.96
CA LYS A 501 -30.79 -35.34 20.41
C LYS A 501 -29.34 -34.98 20.07
N TYR A 502 -29.10 -34.65 18.80
CA TYR A 502 -27.75 -34.28 18.35
C TYR A 502 -27.61 -32.79 18.04
N PRO A 503 -26.45 -32.20 18.33
CA PRO A 503 -26.21 -30.84 17.85
C PRO A 503 -26.03 -30.86 16.34
N LEU A 504 -26.36 -29.77 15.66
CA LEU A 504 -26.26 -29.73 14.21
C LEU A 504 -25.45 -28.54 13.72
N LEU A 505 -24.54 -28.80 12.80
CA LEU A 505 -23.78 -27.75 12.13
C LEU A 505 -24.22 -27.63 10.68
N LEU A 506 -24.76 -26.49 10.32
CA LEU A 506 -25.16 -26.25 8.94
C LEU A 506 -23.95 -25.80 8.11
N ASP A 507 -23.54 -26.66 7.18
CA ASP A 507 -22.43 -26.39 6.25
C ASP A 507 -23.00 -25.73 5.01
N VAL A 508 -22.69 -24.46 4.81
CA VAL A 508 -23.32 -23.71 3.74
C VAL A 508 -22.31 -23.15 2.73
N TYR A 509 -22.71 -23.14 1.46
CA TYR A 509 -22.06 -22.34 0.44
C TYR A 509 -23.10 -21.45 -0.23
N ALA A 510 -23.95 -22.05 -1.04
CA ALA A 510 -25.22 -21.46 -1.48
C ALA A 510 -25.08 -20.32 -2.48
N GLY A 511 -23.93 -20.24 -3.14
CA GLY A 511 -23.79 -19.33 -4.26
C GLY A 511 -24.63 -19.78 -5.44
N PRO A 512 -24.77 -18.93 -6.47
CA PRO A 512 -25.58 -19.28 -7.63
C PRO A 512 -25.04 -20.52 -8.33
N CYS A 513 -25.93 -21.46 -8.62
CA CYS A 513 -25.59 -22.72 -9.30
C CYS A 513 -24.67 -23.61 -8.47
N SER A 514 -24.72 -23.44 -7.16
CA SER A 514 -23.95 -24.33 -6.30
C SER A 514 -24.71 -25.65 -6.07
N GLN A 515 -24.00 -26.64 -5.55
CA GLN A 515 -24.62 -27.88 -5.13
C GLN A 515 -23.83 -28.47 -3.96
N LYS A 516 -24.41 -28.38 -2.76
CA LYS A 516 -23.79 -28.90 -1.57
C LYS A 516 -24.43 -30.23 -1.14
N ALA A 517 -25.49 -30.63 -1.83
CA ALA A 517 -26.12 -31.93 -1.59
C ALA A 517 -25.90 -32.87 -2.78
N ASP A 518 -24.94 -33.79 -2.65
CA ASP A 518 -24.64 -34.74 -3.71
C ASP A 518 -24.31 -36.13 -3.16
N THR A 519 -23.91 -37.03 -4.05
CA THR A 519 -23.59 -38.40 -3.66
C THR A 519 -22.09 -38.62 -3.53
N VAL A 520 -21.31 -37.55 -3.46
CA VAL A 520 -19.86 -37.68 -3.42
C VAL A 520 -19.32 -38.12 -2.06
N PHE A 521 -18.40 -39.08 -2.07
CA PHE A 521 -17.73 -39.53 -0.86
C PHE A 521 -16.56 -38.61 -0.51
N ARG A 522 -16.57 -38.07 0.72
CA ARG A 522 -15.51 -37.17 1.18
C ARG A 522 -14.93 -37.58 2.52
N LEU A 523 -13.64 -37.31 2.70
CA LEU A 523 -12.98 -37.46 3.99
C LEU A 523 -12.46 -36.09 4.42
N ASN A 524 -13.27 -35.36 5.18
CA ASN A 524 -12.95 -33.98 5.50
C ASN A 524 -13.25 -33.62 6.95
N TRP A 525 -13.30 -32.32 7.23
CA TRP A 525 -13.57 -31.82 8.58
C TRP A 525 -14.91 -32.32 9.12
N ALA A 526 -15.96 -32.26 8.30
CA ALA A 526 -17.28 -32.75 8.68
C ALA A 526 -17.24 -34.21 9.12
N THR A 527 -16.35 -34.99 8.50
CA THR A 527 -16.19 -36.38 8.88
C THR A 527 -15.72 -36.51 10.31
N TYR A 528 -14.76 -35.68 10.71
CA TYR A 528 -14.27 -35.66 12.09
C TYR A 528 -15.37 -35.20 13.04
N LEU A 529 -16.13 -34.20 12.63
CA LEU A 529 -17.16 -33.64 13.49
C LEU A 529 -18.25 -34.67 13.79
N ALA A 530 -18.61 -35.45 12.78
CA ALA A 530 -19.65 -36.46 12.96
C ALA A 530 -19.10 -37.68 13.68
N SER A 531 -17.91 -38.12 13.29
CA SER A 531 -17.34 -39.36 13.80
C SER A 531 -16.86 -39.29 15.24
N THR A 532 -16.25 -38.17 15.60
CA THR A 532 -15.61 -38.03 16.91
C THR A 532 -16.46 -37.21 17.89
N GLU A 533 -17.07 -36.12 17.40
CA GLU A 533 -17.81 -35.23 18.28
C GLU A 533 -19.34 -35.42 18.22
N ASN A 534 -19.78 -36.43 17.49
CA ASN A 534 -21.21 -36.71 17.32
C ASN A 534 -22.03 -35.48 16.97
N ILE A 535 -21.55 -34.73 15.99
CA ILE A 535 -22.26 -33.58 15.44
C ILE A 535 -22.88 -33.95 14.09
N ILE A 536 -24.14 -33.62 13.90
CA ILE A 536 -24.74 -33.78 12.59
C ILE A 536 -24.31 -32.59 11.73
N VAL A 537 -23.80 -32.86 10.54
CA VAL A 537 -23.39 -31.79 9.66
C VAL A 537 -24.26 -31.79 8.41
N ALA A 538 -25.11 -30.79 8.31
CA ALA A 538 -26.07 -30.74 7.21
C ALA A 538 -25.72 -29.68 6.17
N SER A 539 -26.09 -29.96 4.93
CA SER A 539 -26.03 -28.96 3.86
C SER A 539 -27.34 -28.99 3.11
N PHE A 540 -27.68 -27.89 2.44
CA PHE A 540 -28.99 -27.74 1.84
C PHE A 540 -28.91 -26.89 0.57
N ASP A 541 -29.44 -27.41 -0.53
CA ASP A 541 -29.49 -26.66 -1.78
C ASP A 541 -30.86 -26.02 -1.97
N GLY A 542 -30.96 -24.76 -1.58
CA GLY A 542 -32.20 -24.04 -1.73
C GLY A 542 -32.23 -23.28 -3.04
N ARG A 543 -32.98 -22.18 -3.06
CA ARG A 543 -33.13 -21.40 -4.27
C ARG A 543 -31.81 -20.74 -4.67
N GLY A 544 -31.53 -20.73 -5.96
CA GLY A 544 -30.28 -20.22 -6.49
C GLY A 544 -29.31 -21.35 -6.81
N SER A 545 -29.56 -22.52 -6.23
CA SER A 545 -28.72 -23.69 -6.47
C SER A 545 -28.88 -24.15 -7.92
N GLY A 546 -27.99 -25.04 -8.37
CA GLY A 546 -27.95 -25.40 -9.78
C GLY A 546 -28.44 -26.79 -10.14
N TYR A 547 -28.33 -27.10 -11.44
CA TYR A 547 -28.60 -28.43 -11.97
C TYR A 547 -30.03 -28.92 -11.75
N GLN A 548 -30.94 -27.98 -11.51
CA GLN A 548 -32.36 -28.29 -11.27
C GLN A 548 -33.28 -27.38 -12.08
N GLY A 549 -32.72 -26.69 -13.07
CA GLY A 549 -33.53 -25.83 -13.91
C GLY A 549 -33.44 -24.37 -13.52
N ASP A 550 -33.74 -23.49 -14.47
CA ASP A 550 -33.60 -22.06 -14.24
C ASP A 550 -34.55 -21.48 -13.21
N LYS A 551 -35.71 -22.11 -13.02
CA LYS A 551 -36.69 -21.52 -12.11
C LYS A 551 -36.14 -21.50 -10.69
N ILE A 552 -35.40 -22.54 -10.33
CA ILE A 552 -34.68 -22.56 -9.06
C ILE A 552 -33.44 -21.66 -9.13
N MET A 553 -32.58 -21.86 -10.13
CA MET A 553 -31.30 -21.15 -10.19
C MET A 553 -31.46 -19.64 -10.34
N HIS A 554 -32.34 -19.19 -11.22
CA HIS A 554 -32.49 -17.75 -11.47
C HIS A 554 -33.39 -17.07 -10.43
N ALA A 555 -33.81 -17.81 -9.41
CA ALA A 555 -34.66 -17.25 -8.37
C ALA A 555 -33.98 -16.07 -7.64
N ILE A 556 -32.66 -16.14 -7.48
CA ILE A 556 -31.94 -15.08 -6.75
C ILE A 556 -31.38 -14.04 -7.70
N ASN A 557 -31.86 -14.02 -8.94
CA ASN A 557 -31.41 -13.06 -9.92
C ASN A 557 -31.65 -11.63 -9.45
N ARG A 558 -30.59 -10.81 -9.54
CA ARG A 558 -30.60 -9.40 -9.13
C ARG A 558 -30.92 -9.18 -7.65
N ARG A 559 -30.87 -10.24 -6.86
CA ARG A 559 -31.18 -10.11 -5.45
C ARG A 559 -30.43 -11.11 -4.57
N LEU A 560 -29.10 -11.10 -4.69
CA LEU A 560 -28.26 -11.90 -3.81
C LEU A 560 -28.48 -11.49 -2.36
N GLY A 561 -28.30 -12.46 -1.45
CA GLY A 561 -28.45 -12.21 -0.03
C GLY A 561 -29.90 -12.23 0.44
N THR A 562 -30.78 -12.88 -0.32
CA THR A 562 -32.18 -12.94 0.05
C THR A 562 -32.69 -14.39 0.15
N PHE A 563 -33.25 -14.89 -0.94
CA PHE A 563 -33.87 -16.21 -0.94
C PHE A 563 -32.91 -17.34 -0.55
N GLU A 564 -31.66 -17.27 -1.01
CA GLU A 564 -30.71 -18.32 -0.69
C GLU A 564 -30.39 -18.28 0.80
N VAL A 565 -30.49 -17.10 1.41
CA VAL A 565 -30.28 -16.95 2.84
C VAL A 565 -31.50 -17.45 3.62
N GLU A 566 -32.67 -16.98 3.22
CA GLU A 566 -33.91 -17.43 3.85
C GLU A 566 -34.06 -18.94 3.80
N ASP A 567 -33.70 -19.54 2.66
CA ASP A 567 -33.87 -20.98 2.51
C ASP A 567 -32.91 -21.79 3.39
N GLN A 568 -31.77 -21.22 3.78
CA GLN A 568 -30.90 -21.89 4.72
C GLN A 568 -31.51 -21.84 6.12
N ILE A 569 -32.17 -20.73 6.46
CA ILE A 569 -32.82 -20.60 7.77
C ILE A 569 -34.02 -21.54 7.88
N GLU A 570 -34.82 -21.59 6.81
CA GLU A 570 -35.98 -22.47 6.76
C GLU A 570 -35.58 -23.94 6.82
N ALA A 571 -34.53 -24.31 6.11
CA ALA A 571 -34.05 -25.68 6.15
C ALA A 571 -33.64 -26.07 7.56
N ALA A 572 -32.98 -25.14 8.26
CA ALA A 572 -32.58 -25.40 9.64
C ALA A 572 -33.81 -25.59 10.54
N ARG A 573 -34.84 -24.79 10.32
CA ARG A 573 -36.08 -24.95 11.07
C ARG A 573 -36.68 -26.35 10.92
N GLN A 574 -36.69 -26.86 9.69
CA GLN A 574 -37.24 -28.18 9.43
C GLN A 574 -36.34 -29.27 9.99
N PHE A 575 -35.04 -29.04 10.00
CA PHE A 575 -34.10 -29.96 10.63
C PHE A 575 -34.37 -30.06 12.13
N SER A 576 -34.62 -28.91 12.76
CA SER A 576 -34.85 -28.87 14.20
C SER A 576 -36.21 -29.48 14.58
N LYS A 577 -37.10 -29.61 13.59
CA LYS A 577 -38.40 -30.20 13.83
C LYS A 577 -38.39 -31.72 13.67
N MET A 578 -37.23 -32.26 13.30
CA MET A 578 -37.17 -33.67 12.90
C MET A 578 -37.10 -34.65 14.08
N GLY A 579 -36.64 -34.18 15.23
CA GLY A 579 -36.72 -35.00 16.42
C GLY A 579 -35.39 -35.49 16.96
N PHE A 580 -34.38 -35.60 16.09
CA PHE A 580 -33.07 -36.03 16.54
C PHE A 580 -32.07 -34.86 16.55
N VAL A 581 -32.61 -33.65 16.43
CA VAL A 581 -31.80 -32.44 16.46
C VAL A 581 -32.03 -31.64 17.73
N ASP A 582 -30.96 -31.38 18.46
CA ASP A 582 -31.02 -30.48 19.61
C ASP A 582 -31.13 -29.05 19.11
N ASN A 583 -32.29 -28.45 19.25
CA ASN A 583 -32.51 -27.12 18.69
C ASN A 583 -31.84 -26.01 19.50
N LYS A 584 -31.30 -26.34 20.66
CA LYS A 584 -30.55 -25.37 21.46
C LYS A 584 -29.09 -25.35 21.03
N ARG A 585 -28.74 -26.22 20.08
CA ARG A 585 -27.37 -26.32 19.61
C ARG A 585 -27.31 -26.48 18.09
N ILE A 586 -27.74 -25.44 17.37
CA ILE A 586 -27.61 -25.40 15.93
C ILE A 586 -26.65 -24.29 15.51
N ALA A 587 -25.60 -24.65 14.78
CA ALA A 587 -24.61 -23.70 14.33
C ALA A 587 -24.60 -23.65 12.82
N ILE A 588 -23.83 -22.72 12.26
CA ILE A 588 -23.72 -22.61 10.81
C ILE A 588 -22.35 -22.07 10.43
N TRP A 589 -21.75 -22.62 9.37
CA TRP A 589 -20.45 -22.12 8.94
C TRP A 589 -20.28 -22.21 7.42
N GLY A 590 -19.43 -21.33 6.88
CA GLY A 590 -19.23 -21.26 5.45
C GLY A 590 -17.99 -20.46 5.05
N TRP A 591 -17.55 -20.68 3.82
CA TRP A 591 -16.34 -20.10 3.28
C TRP A 591 -16.71 -19.28 2.04
N SER A 592 -16.11 -18.09 1.90
CA SER A 592 -16.31 -17.25 0.71
C SER A 592 -17.83 -16.98 0.66
N TYR A 593 -18.51 -17.38 -0.42
CA TYR A 593 -19.94 -17.07 -0.53
C TYR A 593 -20.66 -17.68 0.67
N GLY A 594 -20.16 -18.82 1.12
CA GLY A 594 -20.68 -19.45 2.32
C GLY A 594 -20.48 -18.59 3.55
N GLY A 595 -19.38 -17.83 3.56
CA GLY A 595 -19.11 -16.92 4.66
C GLY A 595 -20.11 -15.78 4.68
N TYR A 596 -20.46 -15.32 3.49
CA TYR A 596 -21.43 -14.25 3.33
C TYR A 596 -22.80 -14.70 3.82
N VAL A 597 -23.24 -15.86 3.35
CA VAL A 597 -24.53 -16.42 3.74
C VAL A 597 -24.58 -16.70 5.24
N THR A 598 -23.52 -17.31 5.78
CA THR A 598 -23.41 -17.55 7.21
C THR A 598 -23.65 -16.26 8.00
N SER A 599 -22.91 -15.22 7.61
CA SER A 599 -23.01 -13.93 8.27
C SER A 599 -24.40 -13.33 8.13
N MET A 600 -24.93 -13.33 6.91
CA MET A 600 -26.27 -12.81 6.64
C MET A 600 -27.33 -13.57 7.45
N VAL A 601 -27.16 -14.88 7.56
CA VAL A 601 -28.05 -15.70 8.38
C VAL A 601 -27.96 -15.32 9.85
N LEU A 602 -26.73 -15.24 10.36
CA LEU A 602 -26.51 -14.89 11.76
C LEU A 602 -27.03 -13.50 12.12
N GLY A 603 -27.09 -12.60 11.14
CA GLY A 603 -27.53 -11.25 11.41
C GLY A 603 -29.00 -11.02 11.10
N SER A 604 -29.75 -12.11 10.93
CA SER A 604 -31.16 -12.01 10.55
C SER A 604 -32.11 -12.01 11.75
N GLY A 605 -31.59 -12.33 12.92
CA GLY A 605 -32.39 -12.33 14.14
C GLY A 605 -33.47 -13.39 14.15
N SER A 606 -33.20 -14.52 13.50
CA SER A 606 -34.17 -15.59 13.37
C SER A 606 -34.24 -16.47 14.63
N GLY A 607 -33.22 -16.38 15.47
CA GLY A 607 -33.17 -17.12 16.72
C GLY A 607 -32.81 -18.59 16.57
N VAL A 608 -32.75 -19.06 15.32
CA VAL A 608 -32.56 -20.49 15.04
C VAL A 608 -31.12 -20.94 15.35
N PHE A 609 -30.16 -20.03 15.18
CA PHE A 609 -28.75 -20.39 15.30
C PHE A 609 -28.09 -19.80 16.52
N LYS A 610 -27.39 -20.66 17.26
CA LYS A 610 -26.65 -20.25 18.45
C LYS A 610 -25.35 -19.52 18.10
N CYS A 611 -24.54 -20.14 17.25
CA CYS A 611 -23.25 -19.61 16.87
C CYS A 611 -22.94 -19.88 15.42
N GLY A 612 -21.91 -19.22 14.89
CA GLY A 612 -21.53 -19.44 13.52
C GLY A 612 -20.12 -19.00 13.20
N ILE A 613 -19.58 -19.56 12.11
CA ILE A 613 -18.23 -19.26 11.65
C ILE A 613 -18.20 -18.80 10.18
N ALA A 614 -17.66 -17.61 9.94
CA ALA A 614 -17.51 -17.12 8.58
C ALA A 614 -16.04 -17.00 8.22
N VAL A 615 -15.61 -17.74 7.19
CA VAL A 615 -14.24 -17.65 6.72
C VAL A 615 -14.18 -16.91 5.39
N ALA A 616 -13.33 -15.89 5.33
CA ALA A 616 -13.17 -15.06 4.13
C ALA A 616 -14.49 -14.70 3.44
N PRO A 617 -15.43 -14.07 4.17
CA PRO A 617 -16.75 -13.78 3.61
C PRO A 617 -16.80 -12.54 2.72
N VAL A 618 -17.66 -12.56 1.72
CA VAL A 618 -18.07 -11.32 1.06
C VAL A 618 -18.96 -10.62 2.07
N SER A 619 -18.87 -9.29 2.16
CA SER A 619 -19.68 -8.56 3.12
C SER A 619 -20.54 -7.52 2.44
N ARG A 620 -20.05 -7.05 1.29
CA ARG A 620 -20.72 -5.99 0.53
C ARG A 620 -20.34 -6.18 -0.93
N TRP A 621 -21.35 -6.35 -1.79
CA TRP A 621 -21.08 -6.81 -3.15
C TRP A 621 -20.31 -5.80 -3.98
N GLU A 622 -20.35 -4.53 -3.58
CA GLU A 622 -19.55 -3.52 -4.24
C GLU A 622 -18.05 -3.76 -4.04
N TYR A 623 -17.70 -4.60 -3.07
CA TYR A 623 -16.30 -4.94 -2.80
C TYR A 623 -15.77 -6.07 -3.69
N TYR A 624 -16.66 -6.83 -4.32
CA TYR A 624 -16.23 -8.02 -5.06
C TYR A 624 -16.06 -7.71 -6.54
N ASP A 625 -15.39 -8.60 -7.29
CA ASP A 625 -15.01 -8.28 -8.67
C ASP A 625 -16.24 -8.14 -9.56
N SER A 626 -16.07 -7.46 -10.69
CA SER A 626 -17.20 -7.09 -11.53
C SER A 626 -17.83 -8.28 -12.29
N VAL A 627 -17.01 -9.15 -12.86
CA VAL A 627 -17.52 -10.23 -13.69
C VAL A 627 -18.45 -11.17 -12.92
N TYR A 628 -18.02 -11.62 -11.75
CA TYR A 628 -18.87 -12.47 -10.92
C TYR A 628 -20.07 -11.71 -10.40
N THR A 629 -19.81 -10.58 -9.74
CA THR A 629 -20.86 -9.83 -9.09
C THR A 629 -21.94 -9.33 -10.05
N GLU A 630 -21.52 -8.68 -11.14
CA GLU A 630 -22.46 -8.06 -12.05
C GLU A 630 -23.25 -9.10 -12.83
N ARG A 631 -22.73 -10.32 -12.90
CA ARG A 631 -23.43 -11.42 -13.55
C ARG A 631 -24.79 -11.65 -12.88
N TYR A 632 -24.81 -11.53 -11.56
CA TYR A 632 -26.01 -11.80 -10.77
C TYR A 632 -26.72 -10.53 -10.31
N MET A 633 -25.99 -9.43 -10.21
CA MET A 633 -26.52 -8.22 -9.60
C MET A 633 -26.70 -7.06 -10.58
N GLY A 634 -26.14 -7.16 -11.77
CA GLY A 634 -26.07 -6.03 -12.67
C GLY A 634 -25.19 -4.92 -12.10
N LEU A 635 -25.34 -3.71 -12.61
CA LEU A 635 -24.48 -2.61 -12.19
C LEU A 635 -25.03 -1.92 -10.94
N PRO A 636 -24.13 -1.50 -10.04
CA PRO A 636 -24.53 -0.76 -8.83
C PRO A 636 -24.78 0.73 -9.10
N THR A 637 -25.75 1.03 -9.95
CA THR A 637 -26.14 2.41 -10.21
C THR A 637 -27.61 2.61 -9.88
N PRO A 638 -28.02 3.86 -9.62
CA PRO A 638 -29.44 4.13 -9.36
C PRO A 638 -30.37 3.69 -10.49
N GLU A 639 -29.86 3.74 -11.73
CA GLU A 639 -30.65 3.32 -12.88
C GLU A 639 -30.79 1.81 -12.96
N ASP A 640 -29.86 1.10 -12.33
CA ASP A 640 -29.88 -0.35 -12.41
C ASP A 640 -30.29 -0.97 -11.07
N ASN A 641 -29.32 -1.37 -10.25
CA ASN A 641 -29.64 -2.19 -9.09
C ASN A 641 -28.98 -1.77 -7.78
N LEU A 642 -28.70 -0.47 -7.63
CA LEU A 642 -27.98 0.02 -6.46
C LEU A 642 -28.74 -0.29 -5.17
N ASP A 643 -30.06 -0.20 -5.21
CA ASP A 643 -30.89 -0.50 -4.05
C ASP A 643 -30.61 -1.87 -3.46
N HIS A 644 -30.64 -2.91 -4.29
CA HIS A 644 -30.35 -4.25 -3.79
C HIS A 644 -28.88 -4.41 -3.39
N TYR A 645 -27.99 -3.64 -4.03
CA TYR A 645 -26.58 -3.62 -3.62
C TYR A 645 -26.45 -3.14 -2.18
N ARG A 646 -27.17 -2.07 -1.83
CA ARG A 646 -27.08 -1.49 -0.50
C ARG A 646 -27.83 -2.29 0.56
N ASN A 647 -28.91 -2.93 0.17
CA ASN A 647 -29.75 -3.65 1.12
C ASN A 647 -29.22 -5.04 1.49
N SER A 648 -28.16 -5.48 0.82
CA SER A 648 -27.71 -6.87 1.01
C SER A 648 -26.30 -6.98 1.58
N THR A 649 -25.90 -6.00 2.39
CA THR A 649 -24.59 -6.04 3.03
C THR A 649 -24.65 -6.79 4.35
N VAL A 650 -23.50 -7.19 4.87
CA VAL A 650 -23.46 -7.83 6.18
C VAL A 650 -23.47 -6.74 7.26
N MET A 651 -22.77 -5.63 7.00
CA MET A 651 -22.68 -4.53 7.97
C MET A 651 -24.04 -3.99 8.39
N SER A 652 -25.01 -4.09 7.49
CA SER A 652 -26.38 -3.63 7.72
C SER A 652 -27.04 -4.34 8.92
N ARG A 653 -26.60 -5.55 9.22
CA ARG A 653 -27.27 -6.38 10.19
C ARG A 653 -26.50 -6.53 11.50
N ALA A 654 -25.56 -5.61 11.73
CA ALA A 654 -24.64 -5.70 12.85
C ALA A 654 -25.33 -5.82 14.22
N GLU A 655 -26.46 -5.12 14.39
CA GLU A 655 -27.18 -5.11 15.65
C GLU A 655 -27.61 -6.52 16.07
N ASN A 656 -28.10 -7.28 15.11
CA ASN A 656 -28.65 -8.60 15.38
C ASN A 656 -27.62 -9.63 15.84
N PHE A 657 -26.33 -9.30 15.75
CA PHE A 657 -25.29 -10.24 16.15
C PHE A 657 -25.15 -10.35 17.67
N LYS A 658 -25.87 -9.50 18.40
CA LYS A 658 -25.90 -9.59 19.86
C LYS A 658 -26.52 -10.91 20.32
N GLN A 659 -27.27 -11.56 19.44
CA GLN A 659 -27.98 -12.79 19.80
C GLN A 659 -27.17 -14.06 19.53
N VAL A 660 -25.94 -13.92 19.04
CA VAL A 660 -25.17 -15.08 18.61
C VAL A 660 -23.68 -15.00 18.96
N GLU A 661 -23.01 -16.15 18.96
CA GLU A 661 -21.55 -16.17 19.05
C GLU A 661 -20.96 -16.31 17.65
N TYR A 662 -20.03 -15.45 17.32
CA TYR A 662 -19.57 -15.30 15.94
C TYR A 662 -18.06 -15.42 15.90
N LEU A 663 -17.56 -16.15 14.90
CA LEU A 663 -16.12 -16.25 14.67
C LEU A 663 -15.83 -15.84 13.24
N LEU A 664 -15.03 -14.79 13.09
CA LEU A 664 -14.73 -14.19 11.79
C LEU A 664 -13.27 -14.41 11.47
N ILE A 665 -12.99 -15.07 10.34
CA ILE A 665 -11.63 -15.46 9.96
C ILE A 665 -11.31 -15.01 8.53
N HIS A 666 -10.12 -14.46 8.33
CA HIS A 666 -9.72 -13.96 7.02
C HIS A 666 -8.21 -13.93 6.86
N GLY A 667 -7.73 -14.31 5.67
CA GLY A 667 -6.32 -14.18 5.34
C GLY A 667 -6.02 -12.74 4.90
N THR A 668 -4.91 -12.20 5.36
CA THR A 668 -4.59 -10.80 5.08
C THR A 668 -4.14 -10.60 3.63
N ALA A 669 -3.69 -11.68 2.99
CA ALA A 669 -3.21 -11.58 1.62
C ALA A 669 -4.21 -12.18 0.63
N ASP A 670 -5.50 -12.05 0.96
CA ASP A 670 -6.57 -12.51 0.07
C ASP A 670 -6.73 -11.54 -1.12
N ASP A 671 -6.33 -12.01 -2.29
CA ASP A 671 -6.44 -11.25 -3.54
C ASP A 671 -7.83 -11.41 -4.15
N ASN A 672 -8.56 -12.40 -3.66
CA ASN A 672 -9.87 -12.74 -4.20
C ASN A 672 -10.98 -12.02 -3.46
N VAL A 673 -11.26 -12.45 -2.23
CA VAL A 673 -12.16 -11.71 -1.35
C VAL A 673 -11.29 -10.92 -0.38
N HIS A 674 -11.11 -9.62 -0.65
CA HIS A 674 -10.09 -8.85 0.05
C HIS A 674 -10.37 -8.72 1.55
N PHE A 675 -9.30 -8.66 2.35
CA PHE A 675 -9.41 -8.52 3.79
C PHE A 675 -10.31 -7.35 4.20
N GLN A 676 -10.32 -6.33 3.36
CA GLN A 676 -11.27 -5.21 3.47
C GLN A 676 -12.67 -5.67 3.86
N GLN A 677 -13.13 -6.76 3.25
CA GLN A 677 -14.51 -7.20 3.43
C GLN A 677 -14.80 -7.61 4.87
N SER A 678 -13.90 -8.38 5.48
CA SER A 678 -14.04 -8.71 6.89
C SER A 678 -13.66 -7.54 7.80
N ALA A 679 -12.73 -6.70 7.33
CA ALA A 679 -12.34 -5.50 8.08
C ALA A 679 -13.55 -4.61 8.31
N GLN A 680 -14.41 -4.50 7.30
CA GLN A 680 -15.63 -3.71 7.42
C GLN A 680 -16.67 -4.36 8.31
N ILE A 681 -16.74 -5.70 8.30
CA ILE A 681 -17.68 -6.40 9.17
C ILE A 681 -17.38 -6.14 10.65
N SER A 682 -16.11 -6.32 11.02
CA SER A 682 -15.68 -6.12 12.40
C SER A 682 -15.95 -4.69 12.85
N LYS A 683 -15.64 -3.73 11.97
CA LYS A 683 -15.82 -2.32 12.31
C LYS A 683 -17.29 -2.01 12.59
N ALA A 684 -18.19 -2.64 11.83
CA ALA A 684 -19.62 -2.42 12.03
C ALA A 684 -20.09 -3.05 13.33
N LEU A 685 -19.50 -4.18 13.72
CA LEU A 685 -19.85 -4.85 14.96
C LEU A 685 -19.31 -4.10 16.16
N VAL A 686 -18.08 -3.60 16.02
CA VAL A 686 -17.48 -2.76 17.05
C VAL A 686 -18.33 -1.52 17.28
N ASP A 687 -18.76 -0.90 16.17
CA ASP A 687 -19.47 0.38 16.25
C ASP A 687 -20.85 0.27 16.90
N VAL A 688 -21.30 -0.97 17.12
CA VAL A 688 -22.65 -1.20 17.56
C VAL A 688 -22.62 -1.99 18.89
N GLY A 689 -21.42 -2.25 19.38
CA GLY A 689 -21.21 -2.87 20.67
C GLY A 689 -21.31 -4.39 20.76
N VAL A 690 -21.17 -5.09 19.63
CA VAL A 690 -21.24 -6.55 19.63
C VAL A 690 -19.88 -7.21 19.88
N ASP A 691 -19.82 -8.11 20.85
CA ASP A 691 -18.60 -8.89 21.04
C ASP A 691 -18.58 -10.08 20.10
N PHE A 692 -17.39 -10.42 19.60
CA PHE A 692 -17.24 -11.53 18.68
C PHE A 692 -15.81 -12.03 18.71
N GLN A 693 -15.59 -13.22 18.16
CA GLN A 693 -14.25 -13.77 18.06
C GLN A 693 -13.70 -13.48 16.66
N ALA A 694 -12.40 -13.25 16.56
CA ALA A 694 -11.81 -13.00 15.27
C ALA A 694 -10.46 -13.68 15.15
N MET A 695 -10.00 -13.81 13.91
CA MET A 695 -8.71 -14.41 13.62
C MET A 695 -8.25 -14.00 12.23
N TRP A 696 -7.09 -13.32 12.16
CA TRP A 696 -6.49 -13.05 10.86
C TRP A 696 -5.37 -14.05 10.62
N TYR A 697 -5.09 -14.34 9.35
CA TYR A 697 -3.95 -15.19 9.00
C TYR A 697 -2.98 -14.47 8.08
N THR A 698 -1.82 -14.15 8.65
CA THR A 698 -0.78 -13.35 7.99
C THR A 698 -0.33 -13.96 6.68
N ASP A 699 -0.43 -13.18 5.60
CA ASP A 699 0.07 -13.59 4.28
C ASP A 699 -0.60 -14.85 3.72
N GLU A 700 -1.77 -15.20 4.24
CA GLU A 700 -2.55 -16.30 3.67
C GLU A 700 -3.55 -15.73 2.66
N ASP A 701 -3.82 -16.48 1.60
CA ASP A 701 -4.79 -15.99 0.63
C ASP A 701 -6.16 -16.65 0.87
N HIS A 702 -6.99 -16.65 -0.18
CA HIS A 702 -8.37 -17.08 -0.04
C HIS A 702 -8.50 -18.53 0.39
N GLY A 703 -7.54 -19.36 -0.03
CA GLY A 703 -7.54 -20.75 0.31
C GLY A 703 -7.13 -21.05 1.74
N ILE A 704 -6.27 -20.20 2.31
CA ILE A 704 -5.65 -20.46 3.62
C ILE A 704 -5.19 -21.90 3.67
N ALA A 705 -4.39 -22.28 2.69
CA ALA A 705 -4.15 -23.69 2.40
C ALA A 705 -2.72 -24.13 2.66
N SER A 706 -1.87 -23.23 3.12
CA SER A 706 -0.51 -23.62 3.46
C SER A 706 -0.63 -24.63 4.60
N SER A 707 0.32 -25.56 4.66
CA SER A 707 0.24 -26.68 5.59
C SER A 707 -0.04 -26.24 7.03
N THR A 708 0.78 -25.32 7.54
CA THR A 708 0.61 -24.84 8.91
C THR A 708 -0.72 -24.09 9.12
N ALA A 709 -1.09 -23.23 8.18
CA ALA A 709 -2.30 -22.43 8.35
C ALA A 709 -3.55 -23.30 8.30
N HIS A 710 -3.57 -24.25 7.36
CA HIS A 710 -4.69 -25.17 7.23
C HIS A 710 -4.96 -25.91 8.54
N GLN A 711 -3.90 -26.44 9.15
CA GLN A 711 -4.04 -27.14 10.41
C GLN A 711 -4.49 -26.20 11.52
N HIS A 712 -3.98 -24.97 11.48
CA HIS A 712 -4.27 -24.02 12.53
C HIS A 712 -5.75 -23.57 12.54
N ILE A 713 -6.30 -23.29 11.36
CA ILE A 713 -7.66 -22.78 11.31
C ILE A 713 -8.67 -23.86 11.70
N TYR A 714 -8.44 -25.09 11.26
CA TYR A 714 -9.41 -26.14 11.56
C TYR A 714 -9.30 -26.54 13.02
N THR A 715 -8.11 -26.46 13.56
CA THR A 715 -7.92 -26.68 14.99
C THR A 715 -8.67 -25.59 15.75
N HIS A 716 -8.53 -24.35 15.30
CA HIS A 716 -9.16 -23.20 15.94
C HIS A 716 -10.68 -23.26 15.85
N MET A 717 -11.19 -23.56 14.65
CA MET A 717 -12.63 -23.69 14.46
C MET A 717 -13.21 -24.85 15.27
N SER A 718 -12.45 -25.95 15.40
CA SER A 718 -12.91 -27.10 16.18
C SER A 718 -13.10 -26.74 17.65
N HIS A 719 -12.16 -25.97 18.20
CA HIS A 719 -12.29 -25.48 19.57
C HIS A 719 -13.54 -24.63 19.70
N PHE A 720 -13.77 -23.78 18.71
CA PHE A 720 -14.91 -22.88 18.73
C PHE A 720 -16.24 -23.64 18.75
N ILE A 721 -16.38 -24.61 17.84
CA ILE A 721 -17.57 -25.45 17.77
C ILE A 721 -17.80 -26.25 19.05
N LYS A 722 -16.74 -26.93 19.52
CA LYS A 722 -16.84 -27.76 20.70
C LYS A 722 -17.26 -26.94 21.91
N GLN A 723 -16.70 -25.75 22.04
CA GLN A 723 -17.03 -24.86 23.13
C GLN A 723 -18.48 -24.38 23.01
N CYS A 724 -18.88 -24.01 21.81
CA CYS A 724 -20.23 -23.55 21.55
C CYS A 724 -21.27 -24.65 21.81
N PHE A 725 -20.89 -25.90 21.58
CA PHE A 725 -21.82 -27.01 21.75
C PHE A 725 -21.68 -27.68 23.12
N SER A 726 -20.92 -27.05 24.02
CA SER A 726 -20.68 -27.57 25.36
C SER A 726 -20.11 -28.98 25.33
N LEU A 727 -19.23 -29.25 24.38
CA LEU A 727 -18.54 -30.53 24.33
C LEU A 727 -17.19 -30.41 25.01
N PRO A 728 -16.82 -31.40 25.83
CA PRO A 728 -15.61 -31.29 26.66
C PRO A 728 -14.35 -31.79 25.96
N THR B 15 1.96 23.76 -70.69
CA THR B 15 2.59 23.85 -69.39
C THR B 15 2.75 22.48 -68.74
N GLU B 16 3.72 22.35 -67.84
CA GLU B 16 4.10 21.04 -67.28
C GLU B 16 3.13 20.53 -66.22
N CYS B 17 2.98 19.22 -66.15
CA CYS B 17 2.15 18.57 -65.13
C CYS B 17 2.83 18.61 -63.77
N ASP B 18 2.06 18.99 -62.76
CA ASP B 18 2.63 19.15 -61.43
C ASP B 18 2.29 17.98 -60.51
N PHE B 19 3.17 16.99 -60.50
CA PHE B 19 3.05 15.85 -59.59
C PHE B 19 3.67 16.20 -58.23
N SER B 20 3.73 17.48 -57.92
CA SER B 20 4.28 17.93 -56.64
C SER B 20 3.43 17.50 -55.44
N PRO B 21 2.11 17.81 -55.43
CA PRO B 21 1.34 17.59 -54.20
C PRO B 21 1.35 16.15 -53.69
N MET B 22 1.69 15.20 -54.56
CA MET B 22 1.67 13.80 -54.16
C MET B 22 2.99 13.37 -53.53
N LEU B 23 3.86 14.34 -53.26
CA LEU B 23 5.12 14.06 -52.58
C LEU B 23 5.44 15.11 -51.52
N THR B 24 4.63 16.16 -51.45
CA THR B 24 4.74 17.15 -50.38
C THR B 24 3.77 16.82 -49.26
N GLY B 25 4.10 17.26 -48.04
CA GLY B 25 3.25 17.01 -46.89
C GLY B 25 3.33 15.57 -46.41
N VAL B 26 2.26 15.13 -45.76
CA VAL B 26 2.18 13.76 -45.26
C VAL B 26 1.31 12.88 -46.16
N ALA B 27 1.86 11.74 -46.57
CA ALA B 27 1.13 10.80 -47.41
C ALA B 27 -0.17 10.37 -46.75
N PRO B 28 -1.29 10.51 -47.47
CA PRO B 28 -2.60 10.12 -46.94
C PRO B 28 -2.74 8.61 -46.81
N GLN B 29 -3.57 8.17 -45.90
CA GLN B 29 -3.83 6.74 -45.73
C GLN B 29 -4.69 6.23 -46.89
N VAL B 30 -4.70 4.91 -47.06
CA VAL B 30 -5.38 4.27 -48.18
C VAL B 30 -6.86 4.67 -48.27
N TYR B 31 -7.56 4.69 -47.13
CA TYR B 31 -8.99 5.00 -47.10
C TYR B 31 -9.26 6.50 -47.22
N ASN B 32 -8.21 7.30 -47.14
CA ASN B 32 -8.33 8.75 -47.29
C ASN B 32 -7.50 9.23 -48.48
N PHE B 33 -7.57 8.49 -49.59
CA PHE B 33 -6.73 8.76 -50.76
C PHE B 33 -6.95 10.15 -51.35
N LYS B 34 -5.87 10.73 -51.85
CA LYS B 34 -5.97 12.01 -52.53
C LYS B 34 -5.88 11.82 -54.04
N ARG B 35 -6.56 12.70 -54.78
CA ARG B 35 -6.67 12.57 -56.22
C ARG B 35 -6.20 13.83 -56.96
N LEU B 36 -5.28 13.65 -57.90
CA LEU B 36 -4.86 14.71 -58.80
C LEU B 36 -5.48 14.49 -60.18
N VAL B 37 -6.16 15.49 -60.71
CA VAL B 37 -6.75 15.38 -62.04
C VAL B 37 -6.13 16.37 -63.01
N PHE B 38 -5.40 15.87 -64.01
CA PHE B 38 -4.71 16.75 -64.96
C PHE B 38 -5.44 16.90 -66.29
N SER B 39 -5.51 18.14 -66.75
CA SER B 39 -6.07 18.45 -68.06
C SER B 39 -5.28 19.61 -68.65
N ASN B 40 -5.11 19.60 -69.97
CA ASN B 40 -4.25 20.54 -70.68
C ASN B 40 -2.91 20.73 -70.00
N CYS B 41 -2.07 19.71 -70.07
CA CYS B 41 -0.89 19.65 -69.23
C CYS B 41 0.06 18.62 -69.80
N ASN B 42 1.35 18.94 -69.87
CA ASN B 42 2.32 17.99 -70.37
C ASN B 42 3.13 17.36 -69.25
N TYR B 43 3.30 16.05 -69.31
CA TYR B 43 3.86 15.30 -68.20
C TYR B 43 5.15 14.56 -68.54
N ASN B 44 6.03 14.42 -67.55
CA ASN B 44 7.14 13.49 -67.63
C ASN B 44 6.91 12.40 -66.61
N LEU B 45 6.53 11.21 -67.08
CA LEU B 45 6.24 10.10 -66.18
C LEU B 45 7.52 9.45 -65.71
N THR B 46 8.48 9.33 -66.63
CA THR B 46 9.80 8.78 -66.33
C THR B 46 10.44 9.52 -65.17
N LYS B 47 10.29 10.84 -65.18
CA LYS B 47 10.80 11.70 -64.14
C LYS B 47 10.16 11.38 -62.79
N LEU B 48 8.83 11.36 -62.77
CA LEU B 48 8.07 11.03 -61.56
C LEU B 48 8.43 9.65 -61.02
N LEU B 49 8.54 8.67 -61.91
CA LEU B 49 8.83 7.29 -61.52
C LEU B 49 10.26 7.12 -61.02
N SER B 50 11.13 8.08 -61.33
CA SER B 50 12.55 7.99 -60.96
C SER B 50 12.75 8.22 -59.47
N LEU B 51 11.77 8.85 -58.83
CA LEU B 51 11.83 9.14 -57.40
C LEU B 51 11.44 7.92 -56.56
N PHE B 52 11.05 6.84 -57.23
CA PHE B 52 10.55 5.66 -56.54
C PHE B 52 11.31 4.39 -56.90
N ALA B 53 11.29 3.42 -55.99
CA ALA B 53 11.75 2.08 -56.30
C ALA B 53 10.53 1.20 -56.54
N VAL B 54 10.20 0.99 -57.81
CA VAL B 54 8.96 0.31 -58.17
C VAL B 54 9.02 -1.21 -57.99
N ASP B 55 8.04 -1.76 -57.30
CA ASP B 55 7.97 -3.19 -57.06
C ASP B 55 6.93 -3.84 -57.97
N GLU B 56 5.78 -3.18 -58.13
CA GLU B 56 4.75 -3.70 -59.03
C GLU B 56 4.26 -2.61 -59.97
N PHE B 57 4.00 -2.99 -61.22
CA PHE B 57 3.47 -2.07 -62.22
C PHE B 57 2.43 -2.79 -63.05
N SER B 58 1.27 -3.07 -62.45
CA SER B 58 0.22 -3.80 -63.15
C SER B 58 -0.74 -2.85 -63.84
N CYS B 59 -0.84 -2.98 -65.16
CA CYS B 59 -1.70 -2.13 -65.95
C CYS B 59 -2.89 -2.90 -66.50
N ASN B 60 -3.92 -2.17 -66.92
CA ASN B 60 -5.12 -2.78 -67.44
C ASN B 60 -5.79 -1.90 -68.49
N GLY B 61 -5.77 -2.37 -69.73
CA GLY B 61 -6.33 -1.62 -70.84
C GLY B 61 -5.28 -0.74 -71.49
N ILE B 62 -4.05 -0.85 -71.01
CA ILE B 62 -2.94 -0.05 -71.51
C ILE B 62 -1.63 -0.68 -71.03
N SER B 63 -0.55 -0.47 -71.77
CA SER B 63 0.74 -1.06 -71.41
C SER B 63 1.59 -0.06 -70.64
N PRO B 64 2.52 -0.55 -69.81
CA PRO B 64 3.41 0.34 -69.05
C PRO B 64 4.34 1.19 -69.93
N ASP B 65 4.37 0.91 -71.23
CA ASP B 65 5.14 1.73 -72.16
C ASP B 65 4.27 2.85 -72.72
N SER B 66 3.07 2.50 -73.14
CA SER B 66 2.15 3.46 -73.74
C SER B 66 1.70 4.52 -72.74
N ILE B 67 1.65 4.15 -71.47
CA ILE B 67 1.18 5.06 -70.42
C ILE B 67 2.06 6.29 -70.30
N ALA B 68 3.33 6.15 -70.71
CA ALA B 68 4.29 7.24 -70.59
C ALA B 68 4.44 8.01 -71.90
N ARG B 69 3.62 7.68 -72.89
CA ARG B 69 3.79 8.25 -74.21
C ARG B 69 2.47 8.67 -74.86
N GLY B 70 1.36 8.36 -74.21
CA GLY B 70 0.07 8.62 -74.80
C GLY B 70 -0.44 10.04 -74.63
N CYS B 71 -1.36 10.43 -75.51
CA CYS B 71 -2.13 11.65 -75.34
C CYS B 71 -3.51 11.37 -74.78
N TYR B 72 -3.82 12.13 -73.73
CA TYR B 72 -5.05 11.93 -72.99
C TYR B 72 -5.87 13.21 -72.90
N SER B 73 -7.17 13.07 -72.63
CA SER B 73 -8.02 14.21 -72.32
C SER B 73 -7.96 14.52 -70.83
N THR B 74 -7.87 13.46 -70.02
CA THR B 74 -7.69 13.63 -68.58
C THR B 74 -6.68 12.61 -68.07
N LEU B 75 -5.83 13.05 -67.15
CA LEU B 75 -4.89 12.15 -66.47
C LEU B 75 -5.11 12.22 -64.97
N THR B 76 -5.73 11.18 -64.42
CA THR B 76 -6.08 11.13 -63.01
C THR B 76 -5.11 10.26 -62.21
N VAL B 77 -4.65 10.77 -61.07
CA VAL B 77 -3.82 9.99 -60.17
C VAL B 77 -4.39 9.97 -58.75
N ASP B 78 -4.77 8.78 -58.28
CA ASP B 78 -5.08 8.57 -56.86
C ASP B 78 -3.81 8.07 -56.17
N TYR B 79 -3.48 8.66 -55.02
CA TYR B 79 -2.25 8.25 -54.35
C TYR B 79 -2.41 8.17 -52.83
N PHE B 80 -1.65 7.28 -52.21
CA PHE B 80 -1.73 7.05 -50.78
C PHE B 80 -0.56 6.24 -50.27
N ALA B 81 -0.28 6.34 -48.98
CA ALA B 81 0.67 5.45 -48.33
C ALA B 81 0.08 4.04 -48.33
N TYR B 82 0.95 3.03 -48.43
CA TYR B 82 0.49 1.65 -48.50
C TYR B 82 1.67 0.70 -48.44
N PRO B 83 1.67 -0.23 -47.47
CA PRO B 83 2.79 -1.17 -47.36
C PRO B 83 2.76 -2.26 -48.42
N LEU B 84 3.93 -2.65 -48.89
CA LEU B 84 4.05 -3.63 -49.98
C LEU B 84 3.72 -5.03 -49.48
N SER B 85 3.71 -5.21 -48.16
CA SER B 85 3.34 -6.49 -47.57
C SER B 85 1.88 -6.81 -47.90
N MET B 86 1.11 -5.77 -48.21
CA MET B 86 -0.30 -5.92 -48.53
C MET B 86 -0.57 -5.75 -50.03
N LYS B 87 0.47 -5.96 -50.83
CA LYS B 87 0.39 -5.86 -52.28
C LYS B 87 -0.77 -6.65 -52.87
N SER B 88 -0.92 -7.89 -52.42
CA SER B 88 -1.86 -8.82 -53.03
C SER B 88 -3.31 -8.52 -52.68
N TYR B 89 -3.53 -7.67 -51.69
CA TYR B 89 -4.86 -7.46 -51.15
C TYR B 89 -5.59 -6.29 -51.81
N ILE B 90 -4.91 -5.64 -52.75
CA ILE B 90 -5.48 -4.51 -53.47
C ILE B 90 -5.62 -4.87 -54.95
N ARG B 91 -5.38 -6.14 -55.26
CA ARG B 91 -5.51 -6.66 -56.62
C ARG B 91 -6.98 -6.98 -56.94
N PRO B 92 -7.35 -6.96 -58.22
CA PRO B 92 -8.73 -7.16 -58.67
C PRO B 92 -9.38 -8.45 -58.17
N GLY B 93 -10.65 -8.38 -57.80
CA GLY B 93 -11.45 -9.56 -57.51
C GLY B 93 -11.13 -10.26 -56.19
N SER B 94 -9.93 -10.02 -55.67
CA SER B 94 -9.49 -10.65 -54.43
C SER B 94 -9.74 -9.72 -53.24
N ALA B 95 -10.93 -9.83 -52.65
CA ALA B 95 -11.42 -8.86 -51.68
C ALA B 95 -11.91 -9.50 -50.38
N GLY B 96 -11.51 -8.96 -49.23
CA GLY B 96 -10.53 -7.90 -49.12
C GLY B 96 -10.98 -6.73 -48.25
N ASN B 97 -10.36 -6.56 -47.08
CA ASN B 97 -10.65 -5.38 -46.25
C ASN B 97 -10.39 -4.07 -46.99
N ILE B 98 -9.37 -4.08 -47.84
CA ILE B 98 -8.99 -2.87 -48.58
C ILE B 98 -10.04 -2.45 -49.61
N PRO B 99 -10.46 -3.36 -50.52
CA PRO B 99 -11.47 -2.84 -51.47
C PRO B 99 -12.88 -2.74 -50.87
N LEU B 100 -13.12 -3.39 -49.74
CA LEU B 100 -14.43 -3.30 -49.10
C LEU B 100 -14.60 -1.98 -48.36
N TYR B 101 -13.57 -1.58 -47.61
CA TYR B 101 -13.70 -0.44 -46.70
C TYR B 101 -12.76 0.73 -46.99
N ASN B 102 -11.74 0.53 -47.82
CA ASN B 102 -10.69 1.53 -47.96
C ASN B 102 -10.55 2.15 -49.35
N TYR B 103 -10.13 1.34 -50.33
CA TYR B 103 -9.97 1.82 -51.69
C TYR B 103 -10.21 0.70 -52.70
N LYS B 104 -11.13 0.94 -53.62
CA LYS B 104 -11.41 -0.04 -54.66
C LYS B 104 -11.07 0.54 -56.03
N GLN B 105 -10.15 -0.11 -56.73
CA GLN B 105 -9.71 0.36 -58.04
C GLN B 105 -10.86 0.31 -59.05
N SER B 106 -10.97 1.37 -59.86
CA SER B 106 -11.94 1.39 -60.95
C SER B 106 -11.29 0.86 -62.22
N PHE B 107 -12.04 0.11 -63.01
CA PHE B 107 -11.53 -0.40 -64.28
C PHE B 107 -12.40 0.07 -65.44
N ALA B 108 -13.12 1.15 -65.22
CA ALA B 108 -13.95 1.76 -66.26
C ALA B 108 -13.08 2.39 -67.34
N ASN B 109 -11.88 2.79 -66.95
CA ASN B 109 -10.92 3.40 -67.87
C ASN B 109 -9.59 2.66 -67.76
N PRO B 110 -8.73 2.80 -68.78
CA PRO B 110 -7.38 2.20 -68.73
C PRO B 110 -6.63 2.64 -67.49
N THR B 111 -6.11 1.68 -66.74
CA THR B 111 -5.49 1.97 -65.45
C THR B 111 -4.11 1.39 -65.30
N CYS B 112 -3.38 1.96 -64.36
CA CYS B 112 -2.08 1.43 -63.96
C CYS B 112 -1.95 1.56 -62.46
N ARG B 113 -1.61 0.45 -61.81
CA ARG B 113 -1.39 0.46 -60.38
C ARG B 113 0.11 0.34 -60.14
N VAL B 114 0.69 1.33 -59.46
CA VAL B 114 2.11 1.30 -59.16
C VAL B 114 2.37 1.12 -57.67
N MET B 115 3.07 0.02 -57.33
CA MET B 115 3.48 -0.26 -55.96
C MET B 115 4.97 0.04 -55.81
N ALA B 116 5.29 1.02 -54.99
CA ALA B 116 6.66 1.52 -54.93
C ALA B 116 7.07 2.01 -53.55
N SER B 117 8.38 2.05 -53.34
CA SER B 117 8.96 2.68 -52.15
C SER B 117 9.63 3.97 -52.57
N VAL B 118 9.47 5.00 -51.76
CA VAL B 118 10.08 6.27 -52.07
C VAL B 118 11.58 6.16 -51.74
N LEU B 119 12.43 6.75 -52.56
CA LEU B 119 13.88 6.57 -52.41
C LEU B 119 14.46 7.33 -51.21
N ALA B 120 15.64 6.90 -50.77
CA ALA B 120 16.22 7.27 -49.47
C ALA B 120 16.45 8.76 -49.22
N ASN B 121 16.96 9.51 -50.21
CA ASN B 121 17.16 10.96 -50.03
C ASN B 121 16.18 11.74 -50.90
N VAL B 122 15.00 11.19 -51.11
CA VAL B 122 13.83 12.01 -51.28
C VAL B 122 13.57 12.41 -49.85
N THR B 123 12.86 13.50 -49.67
CA THR B 123 12.61 13.91 -48.31
C THR B 123 11.13 13.98 -48.00
N ILE B 124 10.55 12.82 -47.68
CA ILE B 124 9.14 12.74 -47.32
C ILE B 124 8.98 12.73 -45.80
N THR B 125 7.92 13.36 -45.32
CA THR B 125 7.55 13.25 -43.92
C THR B 125 6.40 12.25 -43.80
N LYS B 126 6.76 11.00 -43.52
CA LYS B 126 5.80 9.91 -43.49
C LYS B 126 4.90 9.94 -42.25
N PRO B 127 3.73 9.28 -42.32
CA PRO B 127 2.88 9.17 -41.14
C PRO B 127 3.47 8.27 -40.05
N HIS B 128 2.91 8.33 -38.84
CA HIS B 128 3.39 7.54 -37.72
C HIS B 128 3.31 6.05 -38.02
N ALA B 129 2.29 5.67 -38.78
CA ALA B 129 2.07 4.29 -39.19
C ALA B 129 1.09 4.22 -40.35
N TYR B 130 1.05 3.06 -41.01
CA TYR B 130 0.02 2.79 -42.00
C TYR B 130 -1.26 2.44 -41.27
N GLY B 131 -2.39 2.65 -41.93
CA GLY B 131 -3.67 2.32 -41.31
C GLY B 131 -4.77 2.06 -42.31
N TYR B 132 -5.56 1.02 -42.08
CA TYR B 132 -6.74 0.77 -42.89
C TYR B 132 -7.94 0.38 -42.03
N ILE B 133 -9.12 0.64 -42.55
CA ILE B 133 -10.38 0.26 -41.92
C ILE B 133 -10.61 -1.24 -42.10
N SER B 134 -10.85 -1.96 -40.99
CA SER B 134 -11.09 -3.40 -41.07
C SER B 134 -12.49 -3.77 -40.57
N LYS B 135 -13.31 -2.77 -40.30
CA LYS B 135 -14.71 -3.00 -39.97
C LYS B 135 -15.52 -1.72 -40.16
N CYS B 136 -16.71 -1.87 -40.73
CA CYS B 136 -17.61 -0.75 -40.97
C CYS B 136 -19.04 -1.25 -41.14
N SER B 137 -19.84 -1.10 -40.09
CA SER B 137 -21.18 -1.68 -40.09
C SER B 137 -22.24 -0.74 -39.52
N ARG B 138 -23.47 -0.91 -39.99
CA ARG B 138 -24.61 -0.21 -39.43
C ARG B 138 -25.29 -1.14 -38.43
N LEU B 139 -25.76 -0.57 -37.31
CA LEU B 139 -26.47 -1.35 -36.30
C LEU B 139 -27.86 -0.84 -36.02
N THR B 140 -28.84 -1.72 -36.14
CA THR B 140 -30.22 -1.39 -35.81
C THR B 140 -30.81 -2.49 -34.94
N GLY B 141 -32.05 -2.30 -34.51
CA GLY B 141 -32.74 -3.29 -33.72
C GLY B 141 -32.92 -2.90 -32.27
N ALA B 142 -33.84 -3.58 -31.60
CA ALA B 142 -34.14 -3.31 -30.21
C ALA B 142 -32.97 -3.74 -29.31
N ASN B 143 -32.40 -4.89 -29.64
CA ASN B 143 -31.23 -5.37 -28.92
C ASN B 143 -29.93 -4.93 -29.61
N GLN B 144 -30.04 -3.93 -30.47
CA GLN B 144 -28.92 -3.37 -31.24
C GLN B 144 -28.05 -4.48 -31.82
N ASP B 145 -28.58 -5.22 -32.77
CA ASP B 145 -27.85 -6.36 -33.27
C ASP B 145 -28.16 -6.83 -34.66
N VAL B 146 -28.94 -6.08 -35.43
CA VAL B 146 -28.94 -6.26 -36.87
C VAL B 146 -27.75 -5.52 -37.47
N GLU B 147 -26.74 -6.29 -37.89
CA GLU B 147 -25.52 -5.71 -38.41
C GLU B 147 -25.47 -5.77 -39.93
N THR B 148 -25.29 -4.62 -40.55
CA THR B 148 -25.15 -4.56 -42.00
C THR B 148 -23.81 -3.92 -42.38
N PRO B 149 -22.86 -4.76 -42.82
CA PRO B 149 -21.57 -4.24 -43.30
C PRO B 149 -21.76 -3.24 -44.43
N LEU B 150 -21.06 -2.11 -44.35
CA LEU B 150 -21.18 -1.06 -45.37
C LEU B 150 -19.92 -1.00 -46.25
N TYR B 151 -20.11 -1.26 -47.54
CA TYR B 151 -19.00 -1.33 -48.49
C TYR B 151 -18.97 -0.12 -49.41
N ILE B 152 -17.78 0.20 -49.93
CA ILE B 152 -17.62 1.35 -50.81
C ILE B 152 -17.79 1.00 -52.29
N ASN B 153 -18.19 1.99 -53.07
CA ASN B 153 -18.08 1.90 -54.52
C ASN B 153 -16.72 2.45 -54.94
N PRO B 154 -16.14 1.92 -56.03
CA PRO B 154 -14.79 2.31 -56.45
C PRO B 154 -14.62 3.81 -56.61
N GLY B 155 -13.60 4.37 -55.98
CA GLY B 155 -13.33 5.79 -56.08
C GLY B 155 -14.03 6.61 -55.02
N GLU B 156 -14.85 5.96 -54.21
CA GLU B 156 -15.56 6.65 -53.13
C GLU B 156 -14.93 6.37 -51.78
N TYR B 157 -15.15 7.30 -50.84
CA TYR B 157 -14.60 7.19 -49.49
C TYR B 157 -15.55 6.46 -48.57
N SER B 158 -14.99 5.68 -47.65
CA SER B 158 -15.80 4.99 -46.66
C SER B 158 -16.51 5.98 -45.75
N ILE B 159 -17.70 5.59 -45.28
CA ILE B 159 -18.42 6.40 -44.31
C ILE B 159 -17.65 6.41 -42.99
N CYS B 160 -16.78 5.40 -42.81
CA CYS B 160 -15.98 5.29 -41.60
C CYS B 160 -14.68 6.08 -41.69
N ARG B 161 -14.47 6.76 -42.80
CA ARG B 161 -13.24 7.52 -42.99
C ARG B 161 -13.18 8.74 -42.06
N ASP B 162 -14.33 9.38 -41.84
CA ASP B 162 -14.39 10.59 -41.02
C ASP B 162 -13.98 10.36 -39.57
N PHE B 163 -14.00 9.10 -39.15
CA PHE B 163 -13.68 8.74 -37.77
C PHE B 163 -12.26 9.15 -37.39
N SER B 164 -11.33 8.94 -38.29
CA SER B 164 -9.93 9.27 -38.03
C SER B 164 -9.12 9.31 -39.32
N PRO B 165 -9.31 10.36 -40.13
CA PRO B 165 -8.70 10.46 -41.47
C PRO B 165 -7.19 10.38 -41.47
N GLY B 166 -6.54 10.67 -40.35
CA GLY B 166 -5.09 10.66 -40.29
C GLY B 166 -4.48 9.31 -40.02
N GLY B 167 -5.28 8.37 -39.54
CA GLY B 167 -4.78 7.06 -39.18
C GLY B 167 -5.24 6.62 -37.80
N PHE B 168 -4.60 5.57 -37.29
CA PHE B 168 -5.02 4.98 -36.02
C PHE B 168 -3.86 4.83 -35.05
N SER B 169 -3.97 5.47 -33.90
CA SER B 169 -2.92 5.43 -32.89
C SER B 169 -2.89 4.08 -32.17
N GLU B 170 -3.92 3.28 -32.42
CA GLU B 170 -4.09 2.00 -31.75
C GLU B 170 -4.48 0.92 -32.77
N ASP B 171 -3.88 -0.26 -32.65
CA ASP B 171 -4.28 -1.37 -33.52
C ASP B 171 -5.58 -1.97 -33.03
N GLY B 172 -6.61 -1.91 -33.87
CA GLY B 172 -7.92 -2.38 -33.47
C GLY B 172 -8.68 -1.30 -32.73
N GLN B 173 -8.53 -0.05 -33.18
CA GLN B 173 -9.19 1.07 -32.55
C GLN B 173 -10.67 1.12 -32.95
N VAL B 174 -11.54 1.33 -31.96
CA VAL B 174 -12.98 1.26 -32.17
C VAL B 174 -13.61 2.64 -32.21
N PHE B 175 -14.54 2.83 -33.13
CA PHE B 175 -15.24 4.09 -33.26
C PHE B 175 -16.74 3.90 -33.27
N LYS B 176 -17.46 4.84 -32.67
CA LYS B 176 -18.91 4.79 -32.60
C LYS B 176 -19.53 6.11 -33.02
N ARG B 177 -20.69 6.04 -33.63
CA ARG B 177 -21.37 7.25 -34.10
C ARG B 177 -22.83 6.94 -34.41
N THR B 178 -23.69 7.90 -34.11
CA THR B 178 -25.09 7.80 -34.50
C THR B 178 -25.24 8.27 -35.94
N LEU B 179 -25.92 7.48 -36.73
CA LEU B 179 -26.17 7.85 -38.10
C LEU B 179 -27.40 8.68 -38.18
N THR B 180 -27.32 9.83 -38.85
CA THR B 180 -28.48 10.68 -39.00
C THR B 180 -29.57 10.02 -39.80
N GLN B 181 -30.79 10.46 -39.53
CA GLN B 181 -31.98 9.99 -40.21
C GLN B 181 -31.72 9.86 -41.69
N PHE B 182 -31.00 10.82 -42.20
CA PHE B 182 -30.67 10.83 -43.61
C PHE B 182 -29.83 9.64 -44.00
N GLU B 183 -28.68 9.47 -43.33
CA GLU B 183 -27.75 8.37 -43.57
C GLU B 183 -28.32 6.99 -43.32
N GLY B 184 -29.57 6.91 -42.94
CA GLY B 184 -30.24 5.64 -42.74
C GLY B 184 -30.51 5.32 -41.29
N GLY B 185 -30.00 6.16 -40.39
CA GLY B 185 -30.22 5.98 -38.97
C GLY B 185 -29.49 4.79 -38.38
N GLY B 186 -29.66 4.59 -37.08
CA GLY B 186 -29.00 3.49 -36.38
C GLY B 186 -27.65 3.88 -35.84
N LEU B 187 -26.80 2.89 -35.60
CA LEU B 187 -25.43 3.13 -35.15
C LEU B 187 -24.41 2.78 -36.22
N LEU B 188 -23.36 3.59 -36.32
CA LEU B 188 -22.24 3.27 -37.19
C LEU B 188 -21.05 2.81 -36.34
N ILE B 189 -20.53 1.63 -36.66
CA ILE B 189 -19.38 1.08 -35.96
C ILE B 189 -18.21 0.89 -36.92
N GLY B 190 -17.03 1.34 -36.52
CA GLY B 190 -15.85 1.24 -37.35
C GLY B 190 -14.63 0.79 -36.56
N VAL B 191 -13.78 0.00 -37.19
CA VAL B 191 -12.52 -0.42 -36.59
C VAL B 191 -11.39 -0.15 -37.57
N GLY B 192 -10.27 0.36 -37.06
CA GLY B 192 -9.11 0.57 -37.90
C GLY B 192 -7.94 -0.22 -37.36
N THR B 193 -7.13 -0.78 -38.25
CA THR B 193 -5.97 -1.52 -37.78
C THR B 193 -4.68 -0.77 -38.14
N ARG B 194 -3.64 -1.06 -37.37
CA ARG B 194 -2.38 -0.33 -37.47
C ARG B 194 -1.29 -1.23 -38.01
N VAL B 195 -0.65 -0.79 -39.08
CA VAL B 195 0.52 -1.48 -39.60
C VAL B 195 1.73 -0.60 -39.38
N PRO B 196 2.74 -1.13 -38.65
CA PRO B 196 3.93 -0.36 -38.30
C PRO B 196 4.60 0.25 -39.52
N MET B 197 5.07 1.49 -39.40
CA MET B 197 5.75 2.19 -40.48
C MET B 197 7.06 1.51 -40.83
N THR B 198 7.41 1.54 -42.12
CA THR B 198 8.65 0.92 -42.60
C THR B 198 9.78 1.94 -42.66
N ASP B 199 11.00 1.44 -42.85
CA ASP B 199 12.19 2.30 -42.91
C ASP B 199 12.05 3.36 -44.01
N ASN B 200 11.73 2.90 -45.22
CA ASN B 200 11.39 3.82 -46.30
C ASN B 200 9.88 3.81 -46.54
N LEU B 201 9.30 4.99 -46.74
CA LEU B 201 7.86 5.08 -46.99
C LEU B 201 7.45 4.29 -48.23
N GLN B 202 6.44 3.46 -48.07
CA GLN B 202 5.95 2.66 -49.19
C GLN B 202 4.62 3.22 -49.63
N MET B 203 4.49 3.46 -50.93
CA MET B 203 3.28 4.10 -51.45
C MET B 203 2.64 3.32 -52.57
N SER B 204 1.53 3.87 -53.06
CA SER B 204 0.80 3.28 -54.15
C SER B 204 0.02 4.38 -54.85
N PHE B 205 0.17 4.49 -56.16
CA PHE B 205 -0.66 5.41 -56.90
C PHE B 205 -1.28 4.74 -58.11
N ILE B 206 -2.54 5.08 -58.37
CA ILE B 206 -3.30 4.52 -59.47
C ILE B 206 -3.49 5.59 -60.54
N ILE B 207 -2.96 5.30 -61.73
CA ILE B 207 -3.03 6.23 -62.84
C ILE B 207 -4.14 5.82 -63.81
N SER B 208 -4.97 6.78 -64.18
CA SER B 208 -6.10 6.50 -65.05
C SER B 208 -6.21 7.56 -66.15
N VAL B 209 -6.47 7.11 -67.37
CA VAL B 209 -6.51 8.01 -68.51
C VAL B 209 -7.80 7.87 -69.29
N GLN B 210 -8.19 8.94 -69.97
CA GLN B 210 -9.32 8.91 -70.91
C GLN B 210 -8.89 9.44 -72.27
N TYR B 211 -9.68 9.22 -73.29
CA TYR B 211 -9.36 9.68 -74.64
C TYR B 211 -10.48 10.52 -75.21
N GLY B 212 -10.71 11.68 -74.65
CA GLY B 212 -11.79 12.52 -75.07
C GLY B 212 -11.64 13.27 -76.38
N THR B 213 -12.78 13.52 -77.00
CA THR B 213 -12.88 14.14 -78.30
C THR B 213 -12.61 15.63 -78.21
N GLY B 214 -12.78 16.17 -77.03
CA GLY B 214 -12.64 17.60 -76.81
C GLY B 214 -11.28 18.15 -77.05
N THR B 215 -11.22 19.42 -77.39
CA THR B 215 -9.99 20.06 -77.72
C THR B 215 -9.26 20.40 -76.46
N ASP B 216 -8.34 19.54 -76.06
CA ASP B 216 -7.54 19.77 -74.88
C ASP B 216 -6.96 18.44 -74.57
N SER B 217 -5.65 18.38 -74.39
CA SER B 217 -4.99 17.13 -74.23
C SER B 217 -3.91 17.18 -73.21
N VAL B 218 -3.52 16.01 -72.75
CA VAL B 218 -2.40 15.85 -71.90
C VAL B 218 -1.50 14.91 -72.64
N CYS B 219 -0.47 15.45 -73.29
CA CYS B 219 0.54 14.66 -73.98
C CYS B 219 1.85 14.70 -73.23
N PRO B 220 2.77 13.78 -73.57
CA PRO B 220 4.07 13.85 -72.89
C PRO B 220 4.92 14.99 -73.42
N MET B 221 5.96 15.34 -72.67
CA MET B 221 6.82 16.46 -73.02
C MET B 221 7.86 16.09 -74.06
N LEU B 222 8.10 17.00 -75.00
CA LEU B 222 9.09 16.77 -76.04
C LEU B 222 10.37 17.53 -75.72
N ARG C 2 -25.11 -4.99 47.53
CA ARG C 2 -23.85 -4.26 47.70
C ARG C 2 -23.25 -3.86 46.36
N LYS C 3 -23.00 -2.56 46.17
CA LYS C 3 -22.55 -2.03 44.90
C LYS C 3 -21.02 -2.03 44.74
N THR C 4 -20.56 -2.33 43.53
CA THR C 4 -19.13 -2.34 43.23
C THR C 4 -18.83 -1.39 42.08
N TYR C 5 -17.55 -1.21 41.80
CA TYR C 5 -17.13 -0.43 40.65
C TYR C 5 -17.12 -1.36 39.44
N THR C 6 -18.13 -1.26 38.59
CA THR C 6 -18.33 -2.19 37.48
C THR C 6 -17.63 -1.78 36.20
N LEU C 7 -17.62 -2.70 35.24
CA LEU C 7 -17.04 -2.43 33.93
C LEU C 7 -17.79 -1.29 33.24
N THR C 8 -19.10 -1.25 33.43
CA THR C 8 -19.93 -0.20 32.82
C THR C 8 -19.60 1.14 33.43
N ASP C 9 -19.28 1.15 34.73
CA ASP C 9 -18.88 2.38 35.40
C ASP C 9 -17.55 2.89 34.86
N TYR C 10 -16.65 1.99 34.50
CA TYR C 10 -15.38 2.39 33.92
C TYR C 10 -15.59 2.90 32.50
N LEU C 11 -16.46 2.23 31.76
CA LEU C 11 -16.67 2.52 30.35
C LEU C 11 -17.57 3.73 30.12
N LYS C 12 -18.59 3.89 30.95
CA LYS C 12 -19.51 5.02 30.79
C LYS C 12 -19.08 6.18 31.67
N ASN C 13 -18.00 5.99 32.42
CA ASN C 13 -17.38 7.04 33.22
C ASN C 13 -18.44 7.63 34.18
N THR C 14 -18.90 6.78 35.09
CA THR C 14 -19.99 7.12 36.01
C THR C 14 -19.47 7.97 37.16
N TYR C 15 -18.27 7.63 37.61
CA TYR C 15 -17.64 8.31 38.73
C TYR C 15 -16.52 9.22 38.23
N ARG C 16 -16.80 10.48 38.05
CA ARG C 16 -15.85 11.37 37.41
C ARG C 16 -14.93 12.03 38.36
N LEU C 17 -13.68 12.11 37.98
CA LEU C 17 -12.70 12.92 38.68
C LEU C 17 -12.84 14.36 38.20
N LYS C 18 -13.02 15.29 39.14
CA LYS C 18 -13.04 16.69 38.77
C LYS C 18 -11.62 17.21 38.67
N LEU C 19 -11.42 18.16 37.76
CA LEU C 19 -10.12 18.78 37.57
C LEU C 19 -10.24 20.28 37.79
N TYR C 20 -9.11 20.97 37.81
CA TYR C 20 -9.13 22.42 37.81
C TYR C 20 -8.02 22.91 36.87
N SER C 21 -8.36 23.01 35.59
CA SER C 21 -7.41 23.42 34.56
C SER C 21 -7.42 24.92 34.37
N LEU C 22 -6.31 25.57 34.70
CA LEU C 22 -6.23 27.01 34.51
C LEU C 22 -5.13 27.35 33.52
N ARG C 23 -5.26 28.52 32.90
CA ARG C 23 -4.22 29.09 32.06
C ARG C 23 -3.80 30.45 32.61
N TRP C 24 -2.61 30.54 33.20
CA TRP C 24 -2.09 31.81 33.67
C TRP C 24 -1.95 32.80 32.51
N ILE C 25 -2.50 33.99 32.69
CA ILE C 25 -2.37 35.06 31.68
C ILE C 25 -1.34 36.09 32.12
N SER C 26 -1.18 36.24 33.44
CA SER C 26 -0.20 37.18 33.98
C SER C 26 0.43 36.60 35.24
N ASP C 27 0.95 37.49 36.10
CA ASP C 27 1.61 37.08 37.33
C ASP C 27 0.61 36.89 38.48
N HIS C 28 -0.67 37.19 38.23
CA HIS C 28 -1.66 37.14 39.30
C HIS C 28 -3.07 36.84 38.78
N GLU C 29 -3.17 36.38 37.55
CA GLU C 29 -4.48 36.18 36.94
C GLU C 29 -4.47 34.97 36.02
N TYR C 30 -5.56 34.20 36.03
CA TYR C 30 -5.66 33.03 35.17
C TYR C 30 -7.05 32.84 34.58
N LEU C 31 -7.11 32.19 33.43
CA LEU C 31 -8.39 31.89 32.82
C LEU C 31 -8.86 30.52 33.25
N TYR C 32 -10.17 30.29 33.19
CA TYR C 32 -10.76 29.05 33.65
C TYR C 32 -12.07 28.79 32.93
N LYS C 33 -12.09 27.74 32.11
CA LYS C 33 -13.27 27.41 31.30
C LYS C 33 -14.41 26.82 32.11
N GLN C 34 -15.31 27.67 32.59
CA GLN C 34 -16.44 27.21 33.39
C GLN C 34 -17.14 26.04 32.71
N GLU C 35 -17.69 26.29 31.53
CA GLU C 35 -18.38 25.27 30.74
C GLU C 35 -18.72 25.86 29.39
N ASN C 36 -19.54 26.90 29.41
CA ASN C 36 -19.85 27.66 28.19
C ASN C 36 -19.65 29.20 28.40
N ASN C 37 -18.53 29.52 29.01
CA ASN C 37 -17.93 30.81 29.07
C ASN C 37 -16.55 30.64 29.67
N ILE C 38 -15.70 31.63 29.49
CA ILE C 38 -14.37 31.57 30.07
C ILE C 38 -14.30 32.66 31.11
N LEU C 39 -13.99 32.28 32.33
CA LEU C 39 -13.84 33.24 33.41
C LEU C 39 -12.38 33.62 33.57
N VAL C 40 -12.14 34.86 34.01
CA VAL C 40 -10.82 35.24 34.45
C VAL C 40 -10.87 35.30 35.98
N PHE C 41 -9.82 34.81 36.62
CA PHE C 41 -9.78 34.77 38.08
C PHE C 41 -8.63 35.59 38.63
N ASN C 42 -8.87 36.25 39.75
CA ASN C 42 -7.82 36.95 40.47
C ASN C 42 -7.21 36.02 41.52
N ALA C 43 -5.91 35.77 41.39
CA ALA C 43 -5.23 34.83 42.28
C ALA C 43 -5.28 35.29 43.74
N GLU C 44 -5.22 36.60 43.93
CA GLU C 44 -5.18 37.20 45.27
C GLU C 44 -6.45 36.98 46.08
N TYR C 45 -7.61 37.30 45.50
CA TYR C 45 -8.86 37.29 46.26
C TYR C 45 -9.79 36.19 45.80
N GLY C 46 -9.60 35.72 44.58
CA GLY C 46 -10.43 34.65 44.07
C GLY C 46 -11.70 35.12 43.40
N ASN C 47 -11.87 36.45 43.30
CA ASN C 47 -13.03 36.95 42.58
C ASN C 47 -12.88 36.68 41.09
N SER C 48 -13.99 36.36 40.44
CA SER C 48 -13.98 36.08 39.02
C SER C 48 -14.90 37.03 38.26
N SER C 49 -14.54 37.27 37.00
CA SER C 49 -15.39 38.01 36.08
C SER C 49 -15.53 37.16 34.81
N VAL C 50 -16.68 37.23 34.16
CA VAL C 50 -16.81 36.57 32.86
C VAL C 50 -15.92 37.29 31.87
N PHE C 51 -14.95 36.56 31.32
CA PHE C 51 -13.99 37.13 30.38
C PHE C 51 -14.49 36.94 28.96
N LEU C 52 -15.18 35.84 28.74
CA LEU C 52 -15.65 35.48 27.41
C LEU C 52 -16.83 34.53 27.50
N GLU C 53 -18.04 35.08 27.47
CA GLU C 53 -19.24 34.26 27.40
C GLU C 53 -19.26 33.57 26.05
N ASN C 54 -19.32 32.24 26.04
CA ASN C 54 -19.12 31.49 24.80
C ASN C 54 -20.31 31.58 23.83
N SER C 55 -21.38 32.27 24.24
CA SER C 55 -22.54 32.48 23.39
C SER C 55 -22.42 33.82 22.68
N THR C 56 -21.40 34.59 23.06
CA THR C 56 -20.85 35.63 22.20
C THR C 56 -20.62 35.02 20.78
N PHE C 57 -20.18 33.73 20.76
CA PHE C 57 -19.78 32.91 19.56
C PHE C 57 -20.50 31.59 19.31
N ASP C 58 -21.77 31.46 19.56
CA ASP C 58 -22.33 30.36 18.81
C ASP C 58 -23.47 30.96 18.00
N GLU C 59 -23.05 31.39 16.81
CA GLU C 59 -23.51 32.61 16.14
C GLU C 59 -23.03 32.72 14.70
N PHE C 60 -21.97 31.95 14.40
CA PHE C 60 -21.30 31.84 13.10
C PHE C 60 -21.23 30.41 12.60
N GLY C 61 -21.70 29.43 13.35
CA GLY C 61 -22.10 28.13 12.81
C GLY C 61 -21.13 26.95 12.79
N HIS C 62 -19.95 27.14 13.36
CA HIS C 62 -19.02 26.01 13.48
C HIS C 62 -19.01 25.57 14.92
N SER C 63 -18.02 24.76 15.27
CA SER C 63 -17.87 24.29 16.64
C SER C 63 -16.44 24.49 17.07
N ILE C 64 -16.24 25.28 18.12
CA ILE C 64 -14.89 25.66 18.51
C ILE C 64 -14.21 24.53 19.28
N ASN C 65 -13.10 24.01 18.73
CA ASN C 65 -12.35 22.98 19.45
C ASN C 65 -11.53 23.59 20.57
N ASP C 66 -10.98 24.77 20.32
CA ASP C 66 -10.10 25.40 21.29
C ASP C 66 -9.95 26.91 21.08
N TYR C 67 -9.49 27.60 22.11
CA TYR C 67 -9.28 29.03 22.06
C TYR C 67 -7.85 29.35 22.47
N SER C 68 -7.37 30.52 22.07
CA SER C 68 -6.02 30.94 22.37
C SER C 68 -5.94 32.47 22.45
N ILE C 69 -5.58 32.97 23.62
CA ILE C 69 -5.54 34.42 23.84
C ILE C 69 -4.14 34.98 23.71
N SER C 70 -4.02 36.05 22.93
CA SER C 70 -2.76 36.74 22.73
C SER C 70 -2.31 37.34 24.06
N PRO C 71 -1.01 37.34 24.31
CA PRO C 71 -0.45 37.78 25.61
C PRO C 71 -0.85 39.18 26.05
N ASP C 72 -1.27 40.05 25.12
CA ASP C 72 -1.67 41.41 25.51
C ASP C 72 -3.19 41.55 25.65
N GLY C 73 -3.90 40.44 25.57
CA GLY C 73 -5.32 40.40 25.85
C GLY C 73 -6.21 40.99 24.78
N GLN C 74 -5.63 41.42 23.66
CA GLN C 74 -6.37 42.15 22.64
C GLN C 74 -7.05 41.27 21.60
N PHE C 75 -6.47 40.10 21.33
CA PHE C 75 -7.06 39.19 20.35
C PHE C 75 -7.22 37.79 20.91
N ILE C 76 -8.23 37.07 20.41
CA ILE C 76 -8.38 35.67 20.74
C ILE C 76 -8.38 34.84 19.45
N LEU C 77 -7.72 33.68 19.51
CA LEU C 77 -7.63 32.78 18.37
C LEU C 77 -8.64 31.64 18.53
N LEU C 78 -9.57 31.52 17.59
CA LEU C 78 -10.53 30.43 17.64
C LEU C 78 -10.21 29.34 16.64
N GLU C 79 -10.15 28.10 17.14
CA GLU C 79 -9.79 26.94 16.34
C GLU C 79 -11.00 26.08 16.03
N TYR C 80 -11.22 25.76 14.76
CA TYR C 80 -12.31 24.87 14.39
C TYR C 80 -11.90 23.98 13.22
N ASN C 81 -12.78 23.03 12.87
CA ASN C 81 -12.47 22.00 11.87
C ASN C 81 -11.23 21.19 12.24
N TYR C 82 -11.10 20.86 13.51
CA TYR C 82 -9.96 20.06 13.98
C TYR C 82 -9.97 18.67 13.37
N VAL C 83 -8.91 18.34 12.64
CA VAL C 83 -8.72 16.99 12.13
C VAL C 83 -7.40 16.43 12.66
N LYS C 84 -7.49 15.39 13.50
CA LYS C 84 -6.32 14.79 14.12
C LYS C 84 -5.40 14.10 13.11
N GLN C 85 -4.09 14.18 13.35
CA GLN C 85 -3.13 13.39 12.59
C GLN C 85 -2.47 12.35 13.49
N TRP C 86 -1.26 12.63 13.98
CA TRP C 86 -0.61 11.70 14.90
C TRP C 86 -0.91 12.06 16.36
N ARG C 87 0.00 11.75 17.27
CA ARG C 87 -0.30 11.94 18.68
C ARG C 87 -0.48 13.40 19.05
N HIS C 88 0.30 14.28 18.43
CA HIS C 88 0.27 15.70 18.73
C HIS C 88 -0.20 16.52 17.53
N SER C 89 0.20 16.09 16.35
CA SER C 89 -0.11 16.79 15.11
C SER C 89 -1.60 16.77 14.76
N TYR C 90 -2.03 17.83 14.08
CA TYR C 90 -3.39 17.94 13.54
C TYR C 90 -3.47 19.18 12.65
N THR C 91 -4.55 19.29 11.88
CA THR C 91 -4.80 20.52 11.13
C THR C 91 -6.11 21.13 11.60
N ALA C 92 -6.28 22.42 11.36
CA ALA C 92 -7.48 23.11 11.79
C ALA C 92 -7.67 24.39 11.00
N SER C 93 -8.89 24.91 11.03
CA SER C 93 -9.19 26.26 10.55
C SER C 93 -9.12 27.20 11.74
N TYR C 94 -8.73 28.44 11.49
CA TYR C 94 -8.61 29.40 12.59
C TYR C 94 -9.27 30.72 12.24
N ASP C 95 -9.83 31.37 13.25
CA ASP C 95 -10.35 32.73 13.12
C ASP C 95 -9.78 33.60 14.22
N ILE C 96 -9.50 34.86 13.90
CA ILE C 96 -9.03 35.81 14.92
C ILE C 96 -10.14 36.79 15.25
N TYR C 97 -10.34 37.01 16.55
CA TYR C 97 -11.36 37.95 17.02
C TYR C 97 -10.74 39.04 17.86
N ASP C 98 -11.11 40.29 17.59
CA ASP C 98 -10.62 41.39 18.39
C ASP C 98 -11.51 41.50 19.63
N LEU C 99 -10.89 41.38 20.79
CA LEU C 99 -11.62 41.34 22.06
C LEU C 99 -12.15 42.72 22.45
N ASN C 100 -11.57 43.76 21.88
CA ASN C 100 -12.01 45.11 22.17
C ASN C 100 -13.08 45.60 21.20
N LYS C 101 -12.87 45.43 19.89
CA LYS C 101 -13.91 45.78 18.93
C LYS C 101 -15.07 44.79 19.04
N ARG C 102 -14.88 43.74 19.82
CA ARG C 102 -15.82 42.62 19.91
C ARG C 102 -16.21 42.16 18.50
N GLN C 103 -15.20 41.98 17.65
CA GLN C 103 -15.41 41.73 16.23
C GLN C 103 -14.50 40.66 15.64
N LEU C 104 -14.77 40.31 14.39
CA LEU C 104 -14.03 39.28 13.69
C LEU C 104 -13.14 39.89 12.62
N ILE C 105 -11.91 39.41 12.51
CA ILE C 105 -11.04 39.81 11.41
C ILE C 105 -11.47 39.01 10.18
N THR C 106 -12.02 39.70 9.20
CA THR C 106 -12.51 39.04 8.00
C THR C 106 -11.47 39.07 6.89
N GLU C 107 -10.42 39.85 7.11
CA GLU C 107 -9.43 40.11 6.08
C GLU C 107 -8.10 39.45 6.38
N GLU C 108 -7.42 39.00 5.32
CA GLU C 108 -6.14 38.30 5.43
C GLU C 108 -6.19 37.17 6.46
N ARG C 109 -7.15 36.26 6.31
CA ARG C 109 -7.37 35.21 7.30
C ARG C 109 -6.31 34.12 7.22
N ILE C 110 -6.13 33.42 8.34
CA ILE C 110 -5.29 32.24 8.37
C ILE C 110 -5.97 31.14 7.55
N PRO C 111 -5.23 30.52 6.62
CA PRO C 111 -5.83 29.55 5.70
C PRO C 111 -6.36 28.30 6.37
N ASN C 112 -7.32 27.66 5.72
CA ASN C 112 -7.78 26.32 6.10
C ASN C 112 -6.61 25.34 6.11
N ASN C 113 -6.76 24.23 6.82
CA ASN C 113 -5.72 23.21 6.90
C ASN C 113 -4.38 23.74 7.40
N THR C 114 -4.42 24.61 8.40
CA THR C 114 -3.21 25.11 9.01
C THR C 114 -2.66 24.07 10.00
N GLN C 115 -1.37 23.82 9.92
CA GLN C 115 -0.75 22.73 10.67
C GLN C 115 -0.33 23.14 12.08
N TRP C 116 -0.13 24.43 12.28
CA TRP C 116 0.26 24.93 13.61
C TRP C 116 0.22 26.46 13.68
N VAL C 117 -0.33 26.99 14.78
CA VAL C 117 -0.36 28.43 15.01
C VAL C 117 0.15 28.78 16.40
N THR C 118 0.87 29.89 16.51
CA THR C 118 1.39 30.31 17.80
C THR C 118 1.52 31.83 17.89
N TRP C 119 1.06 32.38 19.01
CA TRP C 119 1.27 33.78 19.31
C TRP C 119 2.71 34.01 19.69
N SER C 120 3.23 35.21 19.42
CA SER C 120 4.50 35.63 20.01
C SER C 120 4.33 35.70 21.54
N PRO C 121 5.43 35.54 22.30
CA PRO C 121 5.32 35.46 23.76
C PRO C 121 4.80 36.77 24.39
N VAL C 122 5.09 37.89 23.75
CA VAL C 122 4.50 39.16 24.14
C VAL C 122 3.87 39.81 22.91
N GLY C 123 2.83 40.60 23.11
CA GLY C 123 2.19 41.30 22.02
C GLY C 123 1.10 40.48 21.33
N HIS C 124 1.10 40.49 20.00
CA HIS C 124 0.08 39.79 19.23
C HIS C 124 0.56 39.39 17.84
N LYS C 125 1.86 39.14 17.70
CA LYS C 125 2.36 38.56 16.45
C LYS C 125 1.91 37.11 16.30
N LEU C 126 1.71 36.69 15.05
CA LEU C 126 1.34 35.32 14.75
C LEU C 126 2.34 34.66 13.82
N ALA C 127 2.71 33.44 14.15
CA ALA C 127 3.43 32.57 13.21
C ALA C 127 2.58 31.33 13.01
N TYR C 128 2.46 30.89 11.77
CA TYR C 128 1.73 29.67 11.52
C TYR C 128 2.36 28.86 10.39
N VAL C 129 2.16 27.56 10.40
CA VAL C 129 2.69 26.69 9.37
C VAL C 129 1.57 26.18 8.48
N TRP C 130 1.74 26.32 7.18
CA TRP C 130 0.72 25.92 6.22
C TRP C 130 1.42 25.34 5.00
N ASN C 131 1.01 24.14 4.61
CA ASN C 131 1.69 23.37 3.57
C ASN C 131 3.17 23.25 3.85
N ASN C 132 3.50 22.95 5.10
CA ASN C 132 4.88 22.75 5.55
C ASN C 132 5.76 24.00 5.41
N ASP C 133 5.16 25.16 5.21
CA ASP C 133 5.94 26.40 5.16
C ASP C 133 5.50 27.40 6.23
N ILE C 134 6.43 28.28 6.62
CA ILE C 134 6.20 29.18 7.74
C ILE C 134 5.75 30.56 7.29
N TYR C 135 4.74 31.09 7.96
CA TYR C 135 4.21 32.42 7.68
C TYR C 135 4.12 33.24 8.96
N VAL C 136 4.51 34.52 8.87
CA VAL C 136 4.40 35.44 10.00
C VAL C 136 3.38 36.54 9.74
N LYS C 137 2.56 36.84 10.74
CA LYS C 137 1.65 37.99 10.68
C LYS C 137 1.92 38.95 11.84
N ILE C 138 2.31 40.18 11.51
CA ILE C 138 2.64 41.17 12.53
C ILE C 138 1.38 41.74 13.19
N GLU C 139 0.34 41.93 12.39
CA GLU C 139 -0.97 42.36 12.90
C GLU C 139 -2.03 41.44 12.32
N PRO C 140 -3.02 41.05 13.14
CA PRO C 140 -4.01 40.05 12.72
C PRO C 140 -4.69 40.35 11.39
N ASN C 141 -4.89 41.62 11.06
CA ASN C 141 -5.62 41.96 9.84
C ASN C 141 -4.71 42.32 8.67
N LEU C 142 -3.40 42.16 8.84
CA LEU C 142 -2.44 42.49 7.79
C LEU C 142 -1.99 41.24 7.03
N PRO C 143 -1.47 41.42 5.81
CA PRO C 143 -0.96 40.27 5.03
C PRO C 143 0.18 39.54 5.72
N SER C 144 0.36 38.27 5.38
CA SER C 144 1.37 37.42 6.00
C SER C 144 2.70 37.53 5.27
N TYR C 145 3.79 37.32 5.99
CA TYR C 145 5.10 37.23 5.36
C TYR C 145 5.51 35.77 5.27
N ARG C 146 5.87 35.34 4.07
CA ARG C 146 6.28 33.96 3.86
C ARG C 146 7.77 33.80 4.14
N ILE C 147 8.08 33.11 5.23
CA ILE C 147 9.45 32.93 5.66
C ILE C 147 10.16 31.84 4.86
N THR C 148 9.45 30.76 4.52
CA THR C 148 10.06 29.63 3.82
C THR C 148 9.33 29.27 2.53
N TRP C 149 10.08 28.70 1.59
CA TRP C 149 9.54 28.32 0.29
C TRP C 149 9.90 26.89 -0.07
N THR C 150 10.51 26.18 0.87
CA THR C 150 11.00 24.83 0.59
C THR C 150 10.06 23.73 1.02
N GLY C 151 8.95 24.11 1.65
CA GLY C 151 7.99 23.14 2.18
C GLY C 151 7.51 22.16 1.13
N LYS C 152 7.50 20.88 1.47
CA LYS C 152 7.02 19.84 0.56
C LYS C 152 6.51 18.65 1.36
N GLU C 153 5.25 18.29 1.17
CA GLU C 153 4.60 17.22 1.92
C GLU C 153 5.43 15.94 1.93
N ASP C 154 5.65 15.39 3.13
CA ASP C 154 6.39 14.15 3.36
C ASP C 154 7.89 14.24 3.02
N ILE C 155 8.35 15.42 2.64
CA ILE C 155 9.77 15.58 2.30
C ILE C 155 10.45 16.62 3.19
N ILE C 156 10.01 17.88 3.04
CA ILE C 156 10.60 19.01 3.76
C ILE C 156 9.60 19.67 4.70
N TYR C 157 9.92 19.64 5.99
CA TYR C 157 9.07 20.19 7.05
C TYR C 157 9.70 21.45 7.64
N ASN C 158 9.03 22.60 7.50
CA ASN C 158 9.50 23.86 8.09
C ASN C 158 8.67 24.28 9.31
N GLY C 159 9.28 24.28 10.48
CA GLY C 159 8.59 24.74 11.67
C GLY C 159 7.63 23.71 12.25
N ILE C 160 7.62 22.52 11.66
CA ILE C 160 6.88 21.38 12.21
C ILE C 160 7.74 20.13 12.16
N THR C 161 7.51 19.21 13.09
CA THR C 161 8.28 17.98 13.15
C THR C 161 7.77 16.95 12.13
N ASP C 162 8.64 16.02 11.74
CA ASP C 162 8.19 14.86 10.98
C ASP C 162 7.66 13.81 11.96
N TRP C 163 7.44 12.58 11.51
CA TRP C 163 6.83 11.59 12.39
C TRP C 163 7.73 11.30 13.60
N VAL C 164 9.00 10.99 13.37
CA VAL C 164 9.83 10.50 14.46
C VAL C 164 10.25 11.60 15.43
N TYR C 165 10.32 12.84 14.95
CA TYR C 165 10.65 13.95 15.83
C TYR C 165 9.45 14.30 16.70
N GLU C 166 8.25 14.14 16.15
CA GLU C 166 7.02 14.40 16.89
C GLU C 166 6.83 13.39 18.02
N GLU C 167 7.06 12.12 17.73
CA GLU C 167 6.80 11.08 18.71
C GLU C 167 7.91 10.93 19.73
N GLU C 168 9.16 10.98 19.28
CA GLU C 168 10.26 10.50 20.13
C GLU C 168 11.19 11.60 20.63
N VAL C 169 11.21 12.75 19.97
CA VAL C 169 12.15 13.80 20.35
C VAL C 169 11.49 14.96 21.06
N PHE C 170 10.57 15.66 20.37
CA PHE C 170 10.00 16.89 20.92
C PHE C 170 8.62 16.71 21.57
N SER C 171 7.97 15.58 21.34
CA SER C 171 6.63 15.33 21.86
C SER C 171 5.69 16.48 21.48
N ALA C 172 5.83 16.96 20.25
CA ALA C 172 5.05 18.08 19.77
C ALA C 172 5.14 18.16 18.25
N TYR C 173 4.13 18.81 17.65
CA TYR C 173 4.14 19.05 16.22
C TYR C 173 4.98 20.27 15.93
N SER C 174 5.09 21.13 16.93
CA SER C 174 5.68 22.44 16.77
C SER C 174 7.21 22.41 16.75
N ALA C 175 7.78 22.99 15.69
CA ALA C 175 9.23 23.21 15.63
C ALA C 175 9.48 24.71 15.41
N LEU C 176 8.77 25.53 16.17
CA LEU C 176 8.92 26.98 16.18
C LEU C 176 9.23 27.47 17.60
N TRP C 177 10.15 28.42 17.71
CA TRP C 177 10.52 28.94 19.02
C TRP C 177 10.75 30.45 18.97
N TRP C 178 9.76 31.21 19.44
CA TRP C 178 9.86 32.67 19.53
C TRP C 178 10.93 33.09 20.52
N SER C 179 11.68 34.15 20.18
CA SER C 179 12.54 34.80 21.16
C SER C 179 11.65 35.37 22.26
N PRO C 180 12.21 35.56 23.47
CA PRO C 180 11.41 35.97 24.63
C PRO C 180 10.52 37.21 24.42
N ASN C 181 10.95 38.19 23.64
CA ASN C 181 10.12 39.38 23.45
C ASN C 181 9.48 39.45 22.05
N GLY C 182 9.56 38.34 21.32
CA GLY C 182 8.89 38.25 20.04
C GLY C 182 9.67 38.77 18.83
N THR C 183 10.93 39.13 19.03
CA THR C 183 11.72 39.67 17.92
C THR C 183 12.14 38.58 16.94
N PHE C 184 12.84 37.57 17.45
CA PHE C 184 13.30 36.47 16.61
C PHE C 184 12.35 35.29 16.65
N LEU C 185 12.15 34.67 15.50
CA LEU C 185 11.47 33.39 15.40
C LEU C 185 12.47 32.32 14.97
N ALA C 186 12.78 31.41 15.88
CA ALA C 186 13.67 30.30 15.58
C ALA C 186 12.86 29.11 15.09
N TYR C 187 13.43 28.30 14.18
CA TYR C 187 12.72 27.11 13.71
C TYR C 187 13.63 26.02 13.18
N ALA C 188 13.13 24.79 13.19
CA ALA C 188 13.87 23.66 12.63
C ALA C 188 13.32 23.28 11.27
N GLN C 189 14.20 22.83 10.40
CA GLN C 189 13.76 22.31 9.11
C GLN C 189 14.11 20.83 8.99
N PHE C 190 13.08 19.99 8.90
CA PHE C 190 13.32 18.56 8.81
C PHE C 190 13.26 18.10 7.37
N ASN C 191 13.98 17.02 7.09
CA ASN C 191 14.19 16.58 5.74
C ASN C 191 14.13 15.06 5.66
N ASP C 192 13.05 14.53 5.08
CA ASP C 192 12.78 13.09 5.07
C ASP C 192 13.03 12.46 3.71
N THR C 193 13.81 13.12 2.86
CA THR C 193 13.97 12.74 1.46
C THR C 193 14.28 11.25 1.22
N GLU C 194 15.14 10.67 2.05
CA GLU C 194 15.54 9.27 1.84
C GLU C 194 15.04 8.33 2.92
N VAL C 195 14.20 8.85 3.82
CA VAL C 195 13.59 8.04 4.86
C VAL C 195 12.52 7.13 4.25
N PRO C 196 12.59 5.83 4.55
CA PRO C 196 11.64 4.89 3.94
C PRO C 196 10.22 5.10 4.44
N LEU C 197 9.24 4.63 3.67
CA LEU C 197 7.83 4.76 4.02
C LEU C 197 7.27 3.48 4.66
N ILE C 198 6.55 3.61 5.76
CA ILE C 198 5.71 2.51 6.22
C ILE C 198 4.39 2.62 5.48
N GLU C 199 3.91 1.52 4.94
CA GLU C 199 2.66 1.51 4.19
C GLU C 199 1.67 0.52 4.81
N TYR C 200 0.44 0.98 5.04
CA TYR C 200 -0.62 0.12 5.55
C TYR C 200 -1.94 0.59 4.98
N SER C 201 -2.92 -0.31 4.97
CA SER C 201 -4.22 0.01 4.41
C SER C 201 -5.07 0.80 5.40
N PHE C 202 -5.92 1.66 4.87
CA PHE C 202 -6.92 2.34 5.68
C PHE C 202 -8.23 2.10 4.97
N TYR C 203 -9.20 1.55 5.69
CA TYR C 203 -10.39 1.07 5.02
C TYR C 203 -11.47 2.12 4.95
N SER C 204 -11.38 3.14 5.82
CA SER C 204 -12.34 4.24 5.85
C SER C 204 -13.74 3.67 6.08
N ASP C 205 -14.80 4.41 5.81
CA ASP C 205 -16.09 3.78 6.09
C ASP C 205 -16.61 3.01 4.88
N GLU C 206 -17.72 2.33 5.10
CA GLU C 206 -18.32 1.37 4.17
C GLU C 206 -18.34 1.81 2.71
N SER C 207 -18.58 3.10 2.48
CA SER C 207 -18.82 3.59 1.12
C SER C 207 -17.57 3.59 0.25
N LEU C 208 -16.39 3.57 0.87
CA LEU C 208 -15.15 3.55 0.12
C LEU C 208 -14.93 2.18 -0.55
N GLN C 209 -14.90 2.16 -1.87
CA GLN C 209 -14.85 0.89 -2.59
C GLN C 209 -13.46 0.26 -2.56
N TYR C 210 -12.42 1.10 -2.72
CA TYR C 210 -11.04 0.63 -2.65
C TYR C 210 -10.34 1.18 -1.43
N PRO C 211 -9.70 0.30 -0.63
CA PRO C 211 -8.98 0.75 0.56
C PRO C 211 -7.87 1.74 0.19
N LYS C 212 -7.54 2.65 1.10
CA LYS C 212 -6.46 3.59 0.87
C LYS C 212 -5.17 3.04 1.43
N THR C 213 -4.05 3.31 0.75
CA THR C 213 -2.75 2.98 1.31
C THR C 213 -2.14 4.24 1.93
N VAL C 214 -2.02 4.24 3.26
CA VAL C 214 -1.41 5.34 3.98
C VAL C 214 0.11 5.17 3.89
N ARG C 215 0.80 6.27 3.64
CA ARG C 215 2.22 6.26 3.43
C ARG C 215 2.93 7.29 4.29
N VAL C 216 3.74 6.83 5.21
CA VAL C 216 4.37 7.71 6.19
C VAL C 216 5.87 7.51 6.27
N PRO C 217 6.65 8.59 6.09
CA PRO C 217 8.10 8.49 6.31
C PRO C 217 8.40 8.12 7.76
N TYR C 218 9.10 7.01 7.94
CA TYR C 218 9.25 6.38 9.24
C TYR C 218 10.54 5.58 9.27
N PRO C 219 11.56 6.08 9.98
CA PRO C 219 12.81 5.33 10.01
C PRO C 219 12.79 4.23 11.06
N LYS C 220 12.83 2.96 10.63
CA LYS C 220 12.95 1.85 11.56
C LYS C 220 14.43 1.67 11.93
N ALA C 221 14.71 0.84 12.94
CA ALA C 221 16.07 0.71 13.48
C ALA C 221 17.10 0.46 12.40
N GLY C 222 18.13 1.31 12.36
CA GLY C 222 19.24 1.13 11.45
C GLY C 222 19.02 1.73 10.07
N ALA C 223 17.83 2.26 9.83
CA ALA C 223 17.50 2.81 8.52
C ALA C 223 17.95 4.27 8.36
N VAL C 224 17.78 4.80 7.16
CA VAL C 224 18.13 6.19 6.90
C VAL C 224 17.25 7.12 7.71
N ASN C 225 17.90 7.94 8.54
CA ASN C 225 17.21 8.89 9.39
C ASN C 225 16.94 10.21 8.70
N PRO C 226 15.97 10.98 9.21
CA PRO C 226 15.76 12.34 8.70
C PRO C 226 16.90 13.25 9.10
N THR C 227 17.14 14.29 8.32
CA THR C 227 18.16 15.28 8.66
C THR C 227 17.51 16.56 9.16
N VAL C 228 18.29 17.41 9.84
CA VAL C 228 17.73 18.63 10.40
C VAL C 228 18.65 19.84 10.26
N LYS C 229 18.05 20.98 9.92
CA LYS C 229 18.76 22.26 9.93
C LYS C 229 18.01 23.23 10.84
N PHE C 230 18.73 24.23 11.34
CA PHE C 230 18.14 25.17 12.29
C PHE C 230 18.33 26.62 11.83
N PHE C 231 17.27 27.41 11.91
CA PHE C 231 17.29 28.80 11.42
C PHE C 231 16.65 29.79 12.39
N VAL C 232 17.13 31.03 12.34
CA VAL C 232 16.53 32.12 13.10
C VAL C 232 16.24 33.28 12.16
N VAL C 233 15.03 33.83 12.26
CA VAL C 233 14.65 34.95 11.41
C VAL C 233 14.21 36.15 12.27
N ASN C 234 14.59 37.35 11.85
CA ASN C 234 14.19 38.58 12.52
C ASN C 234 12.81 39.02 12.02
N THR C 235 11.81 38.97 12.91
CA THR C 235 10.45 39.27 12.49
C THR C 235 10.13 40.76 12.51
N ASP C 236 11.12 41.57 12.90
CA ASP C 236 10.91 43.01 12.97
C ASP C 236 11.52 43.70 11.76
N SER C 237 12.31 42.97 10.98
CA SER C 237 12.90 43.50 9.76
C SER C 237 12.34 42.79 8.53
N LEU C 238 11.09 42.35 8.64
CA LEU C 238 10.41 41.71 7.52
C LEU C 238 10.01 42.73 6.48
N SER C 239 10.14 42.35 5.21
CA SER C 239 9.81 43.22 4.10
C SER C 239 8.76 42.61 3.19
N SER C 240 7.75 43.40 2.83
CA SER C 240 6.69 42.90 1.97
C SER C 240 7.07 43.00 0.49
N VAL C 241 8.33 43.32 0.21
CA VAL C 241 8.80 43.49 -1.16
C VAL C 241 9.97 42.55 -1.47
N THR C 242 10.77 42.22 -0.46
CA THR C 242 11.83 41.23 -0.64
C THR C 242 11.65 40.02 0.28
N ASN C 243 12.17 38.87 -0.16
CA ASN C 243 12.05 37.63 0.61
C ASN C 243 12.84 37.67 1.91
N ALA C 244 12.27 37.07 2.94
CA ALA C 244 12.86 37.04 4.27
C ALA C 244 14.22 36.32 4.26
N THR C 245 15.07 36.72 5.19
CA THR C 245 16.38 36.10 5.32
C THR C 245 16.46 35.33 6.63
N SER C 246 16.77 34.05 6.55
CA SER C 246 16.93 33.21 7.72
C SER C 246 18.40 32.93 7.97
N ILE C 247 18.87 33.21 9.17
CA ILE C 247 20.25 32.89 9.51
C ILE C 247 20.30 31.47 10.02
N GLN C 248 21.17 30.65 9.45
CA GLN C 248 21.32 29.29 9.94
C GLN C 248 22.28 29.23 11.12
N ILE C 249 21.88 28.51 12.16
CA ILE C 249 22.79 28.12 13.21
C ILE C 249 23.19 26.67 12.94
N THR C 250 24.40 26.46 12.46
CA THR C 250 24.84 25.10 12.18
C THR C 250 25.12 24.35 13.48
N ALA C 251 24.96 23.03 13.42
CA ALA C 251 25.33 22.17 14.53
C ALA C 251 26.83 22.22 14.72
N PRO C 252 27.32 21.90 15.93
CA PRO C 252 28.77 21.84 16.15
C PRO C 252 29.43 20.78 15.29
N ALA C 253 30.74 20.94 15.03
CA ALA C 253 31.46 20.04 14.13
C ALA C 253 31.43 18.58 14.60
N SER C 254 31.45 18.38 15.92
CA SER C 254 31.39 17.04 16.49
C SER C 254 30.14 16.27 16.05
N MET C 255 29.10 17.01 15.66
CA MET C 255 27.85 16.42 15.24
C MET C 255 27.80 16.20 13.72
N LEU C 256 28.44 17.11 12.98
CA LEU C 256 28.37 17.11 11.53
C LEU C 256 29.16 15.96 10.88
N ILE C 257 29.95 15.24 11.67
CA ILE C 257 30.76 14.15 11.12
C ILE C 257 29.88 12.94 10.78
N GLY C 258 28.66 12.91 11.31
CA GLY C 258 27.75 11.81 11.04
C GLY C 258 26.32 12.12 11.42
N ASP C 259 25.49 11.07 11.49
CA ASP C 259 24.09 11.23 11.87
C ASP C 259 23.93 11.83 13.27
N HIS C 260 22.96 12.74 13.40
CA HIS C 260 22.71 13.41 14.66
C HIS C 260 21.27 13.86 14.74
N TYR C 261 20.86 14.29 15.93
CA TYR C 261 19.54 14.88 16.14
C TYR C 261 19.64 16.26 16.78
N LEU C 262 18.66 17.12 16.47
CA LEU C 262 18.37 18.27 17.30
C LEU C 262 17.44 17.78 18.41
N CYS C 263 17.79 18.02 19.67
CA CYS C 263 16.97 17.45 20.74
C CYS C 263 16.51 18.44 21.80
N ASP C 264 16.92 19.70 21.67
CA ASP C 264 16.42 20.75 22.57
C ASP C 264 16.70 22.16 22.05
N VAL C 265 15.69 23.02 22.17
CA VAL C 265 15.80 24.43 21.84
C VAL C 265 15.33 25.26 23.03
N THR C 266 16.20 26.11 23.56
CA THR C 266 15.86 26.90 24.73
C THR C 266 16.47 28.30 24.67
N TRP C 267 15.61 29.31 24.51
CA TRP C 267 16.08 30.69 24.50
C TRP C 267 16.63 31.07 25.87
N ALA C 268 17.72 31.84 25.88
CA ALA C 268 18.30 32.30 27.13
C ALA C 268 17.95 33.76 27.38
N THR C 269 18.29 34.63 26.43
CA THR C 269 17.93 36.04 26.53
C THR C 269 17.25 36.48 25.25
N GLN C 270 17.13 37.79 25.06
CA GLN C 270 16.54 38.32 23.84
C GLN C 270 17.44 38.10 22.63
N GLU C 271 18.73 37.84 22.88
CA GLU C 271 19.70 37.71 21.81
C GLU C 271 20.57 36.48 21.98
N ARG C 272 20.16 35.58 22.87
CA ARG C 272 20.95 34.39 23.15
C ARG C 272 20.08 33.13 23.14
N ILE C 273 20.53 32.10 22.43
CA ILE C 273 19.75 30.88 22.29
C ILE C 273 20.62 29.63 22.50
N SER C 274 20.07 28.63 23.18
CA SER C 274 20.81 27.39 23.41
C SER C 274 20.22 26.21 22.65
N LEU C 275 21.12 25.42 22.09
CA LEU C 275 20.75 24.26 21.28
C LEU C 275 21.46 23.05 21.83
N GLN C 276 20.73 21.96 22.05
CA GLN C 276 21.35 20.69 22.36
C GLN C 276 21.23 19.74 21.18
N TRP C 277 22.32 19.06 20.87
CA TRP C 277 22.37 18.09 19.80
C TRP C 277 22.78 16.73 20.35
N LEU C 278 22.47 15.68 19.60
CA LEU C 278 22.70 14.31 20.04
C LEU C 278 23.25 13.49 18.88
N ARG C 279 24.39 12.84 19.07
CA ARG C 279 24.88 11.88 18.06
C ARG C 279 23.87 10.73 17.92
N ARG C 280 23.83 10.10 16.74
CA ARG C 280 22.86 9.02 16.53
C ARG C 280 23.06 7.88 17.54
N ILE C 281 24.31 7.59 17.89
CA ILE C 281 24.59 6.80 19.08
C ILE C 281 24.42 7.74 20.27
N GLN C 282 23.33 7.58 21.00
CA GLN C 282 22.86 8.61 21.92
C GLN C 282 23.46 8.61 23.32
N ASN C 283 24.74 8.28 23.43
CA ASN C 283 25.40 8.46 24.71
C ASN C 283 26.33 9.68 24.67
N TYR C 284 26.12 10.55 23.68
CA TYR C 284 26.90 11.77 23.54
C TYR C 284 26.03 12.93 23.05
N SER C 285 25.98 13.99 23.84
CA SER C 285 25.26 15.20 23.48
C SER C 285 26.10 16.45 23.78
N VAL C 286 25.79 17.55 23.09
CA VAL C 286 26.47 18.81 23.37
C VAL C 286 25.50 19.98 23.27
N MET C 287 25.64 20.95 24.18
CA MET C 287 24.88 22.18 24.10
C MET C 287 25.71 23.29 23.46
N ASP C 288 25.11 23.98 22.49
CA ASP C 288 25.67 25.21 21.93
C ASP C 288 24.99 26.40 22.56
N ILE C 289 25.75 27.45 22.85
CA ILE C 289 25.16 28.72 23.27
C ILE C 289 25.50 29.77 22.23
N CYS C 290 24.49 30.42 21.69
CA CYS C 290 24.65 31.25 20.49
C CYS C 290 24.17 32.68 20.66
N ASP C 291 25.05 33.64 20.41
CA ASP C 291 24.72 35.06 20.55
C ASP C 291 24.51 35.73 19.20
N TYR C 292 23.47 36.55 19.10
CA TYR C 292 23.23 37.30 17.88
C TYR C 292 24.26 38.41 17.74
N ASP C 293 24.73 38.62 16.52
CA ASP C 293 25.72 39.65 16.24
C ASP C 293 25.28 40.47 15.04
N GLU C 294 24.64 41.61 15.29
CA GLU C 294 24.12 42.46 14.22
C GLU C 294 25.24 42.86 13.28
N SER C 295 26.41 43.14 13.86
CA SER C 295 27.59 43.54 13.11
C SER C 295 27.99 42.53 12.04
N SER C 296 28.16 41.28 12.44
CA SER C 296 28.60 40.24 11.51
C SER C 296 27.44 39.59 10.76
N GLY C 297 26.22 39.83 11.23
CA GLY C 297 25.03 39.27 10.62
C GLY C 297 24.89 37.77 10.77
N ARG C 298 25.28 37.26 11.93
CA ARG C 298 25.18 35.83 12.17
C ARG C 298 24.98 35.52 13.64
N TRP C 299 24.57 34.28 13.91
CA TRP C 299 24.43 33.78 15.27
C TRP C 299 25.66 32.95 15.61
N ASN C 300 26.53 33.50 16.43
CA ASN C 300 27.79 32.83 16.72
C ASN C 300 27.75 31.96 17.97
N CYS C 301 28.15 30.70 17.80
CA CYS C 301 28.24 29.76 18.91
C CYS C 301 29.69 29.54 19.30
N LEU C 302 30.13 30.24 20.35
CA LEU C 302 31.52 30.17 20.78
C LEU C 302 31.88 28.77 21.27
N VAL C 303 32.95 28.22 20.69
CA VAL C 303 33.47 26.91 21.10
C VAL C 303 33.69 26.81 22.60
N ALA C 304 34.01 27.95 23.22
CA ALA C 304 34.27 28.03 24.65
C ALA C 304 32.99 27.87 25.47
N ARG C 305 31.85 27.99 24.81
CA ARG C 305 30.57 27.92 25.51
C ARG C 305 29.85 26.60 25.24
N GLN C 306 30.53 25.67 24.59
CA GLN C 306 29.96 24.34 24.37
C GLN C 306 29.97 23.55 25.67
N HIS C 307 28.86 22.86 25.94
CA HIS C 307 28.77 22.02 27.12
C HIS C 307 28.44 20.58 26.74
N ILE C 308 29.45 19.73 26.84
CA ILE C 308 29.34 18.33 26.47
C ILE C 308 28.74 17.49 27.60
N GLU C 309 27.79 16.63 27.25
CA GLU C 309 27.17 15.72 28.21
C GLU C 309 27.09 14.33 27.62
N MET C 310 27.77 13.38 28.25
CA MET C 310 27.78 12.03 27.73
C MET C 310 27.62 11.03 28.86
N SER C 311 27.15 9.83 28.52
CA SER C 311 26.96 8.76 29.49
C SER C 311 27.90 7.60 29.22
N THR C 312 28.47 7.04 30.28
CA THR C 312 29.36 5.90 30.13
C THR C 312 28.64 4.58 30.39
N THR C 313 27.49 4.64 31.05
CA THR C 313 26.76 3.41 31.38
C THR C 313 25.52 3.21 30.50
N GLY C 314 24.98 4.29 29.93
CA GLY C 314 23.81 4.18 29.08
C GLY C 314 23.65 5.30 28.06
N TRP C 315 22.45 5.84 27.96
CA TRP C 315 22.14 6.97 27.07
C TRP C 315 22.15 8.30 27.82
N VAL C 316 21.99 9.40 27.10
CA VAL C 316 21.99 10.72 27.74
C VAL C 316 20.60 11.19 28.06
N GLY C 317 20.34 11.44 29.34
CA GLY C 317 19.02 11.86 29.80
C GLY C 317 18.14 10.67 30.16
N ARG C 318 16.93 10.96 30.62
CA ARG C 318 15.93 9.92 30.84
C ARG C 318 15.38 9.44 29.49
N PHE C 319 14.94 10.39 28.65
CA PHE C 319 14.54 10.07 27.28
C PHE C 319 15.29 10.94 26.28
N ARG C 320 15.74 12.11 26.75
CA ARG C 320 16.60 13.00 25.99
C ARG C 320 17.38 13.85 26.99
N PRO C 321 18.43 14.54 26.55
CA PRO C 321 19.10 15.50 27.44
C PRO C 321 18.11 16.50 28.04
N SER C 322 18.27 16.82 29.32
CA SER C 322 17.35 17.75 29.99
C SER C 322 17.55 19.19 29.49
N GLU C 323 16.52 20.01 29.67
CA GLU C 323 16.55 21.40 29.23
C GLU C 323 17.12 22.30 30.32
N PRO C 324 17.91 23.31 29.92
CA PRO C 324 18.50 24.27 30.86
C PRO C 324 17.50 25.33 31.28
N HIS C 325 17.69 25.87 32.49
CA HIS C 325 16.92 27.01 32.96
C HIS C 325 17.87 28.16 33.25
N PHE C 326 17.84 29.16 32.38
CA PHE C 326 18.80 30.26 32.47
C PHE C 326 18.38 31.28 33.51
N THR C 327 19.37 31.82 34.21
CA THR C 327 19.17 32.97 35.07
C THR C 327 18.86 34.16 34.16
N LEU C 328 18.26 35.20 34.73
CA LEU C 328 17.74 36.32 33.94
C LEU C 328 18.76 37.00 33.00
N ASP C 329 20.03 37.03 33.39
CA ASP C 329 21.03 37.70 32.55
C ASP C 329 21.60 36.73 31.51
N GLY C 330 21.20 35.47 31.61
CA GLY C 330 21.56 34.46 30.65
C GLY C 330 23.01 34.00 30.70
N ASN C 331 23.70 34.33 31.78
CA ASN C 331 25.13 34.00 31.87
C ASN C 331 25.38 32.69 32.59
N SER C 332 24.31 32.12 33.15
CA SER C 332 24.41 30.87 33.89
C SER C 332 23.08 30.13 33.85
N PHE C 333 23.11 28.82 34.09
CA PHE C 333 21.87 28.04 34.03
C PHE C 333 21.90 26.82 34.93
N TYR C 334 20.69 26.31 35.21
CA TYR C 334 20.51 25.10 35.99
C TYR C 334 20.00 24.00 35.07
N LYS C 335 20.51 22.78 35.27
CA LYS C 335 20.25 21.67 34.38
C LYS C 335 20.26 20.37 35.19
N ILE C 336 19.31 19.47 34.94
CA ILE C 336 19.34 18.16 35.58
C ILE C 336 20.28 17.22 34.84
N ILE C 337 21.32 16.75 35.52
CA ILE C 337 22.20 15.75 34.93
C ILE C 337 22.52 14.67 35.96
N SER C 338 23.08 13.57 35.48
CA SER C 338 23.37 12.42 36.34
C SER C 338 24.72 12.59 37.02
N ASN C 339 24.73 12.59 38.36
CA ASN C 339 25.99 12.74 39.09
C ASN C 339 26.82 11.45 39.05
N GLU C 340 27.92 11.44 39.77
CA GLU C 340 28.85 10.31 39.70
C GLU C 340 28.31 9.07 40.41
N GLU C 341 27.22 9.23 41.14
CA GLU C 341 26.58 8.09 41.79
C GLU C 341 25.43 7.58 40.93
N GLY C 342 25.19 8.24 39.81
CA GLY C 342 24.14 7.85 38.89
C GLY C 342 22.77 8.43 39.20
N TYR C 343 22.70 9.32 40.19
CA TYR C 343 21.42 9.94 40.53
C TYR C 343 21.29 11.34 39.91
N ARG C 344 20.12 11.60 39.35
CA ARG C 344 19.88 12.85 38.63
C ARG C 344 19.55 13.99 39.57
N HIS C 345 20.45 14.96 39.62
CA HIS C 345 20.31 16.12 40.49
C HIS C 345 20.55 17.42 39.74
N ILE C 346 20.20 18.54 40.37
CA ILE C 346 20.30 19.84 39.74
C ILE C 346 21.73 20.39 39.77
N CYS C 347 22.25 20.69 38.58
CA CYS C 347 23.62 21.16 38.44
C CYS C 347 23.66 22.64 38.00
N TYR C 348 24.60 23.40 38.55
CA TYR C 348 24.73 24.83 38.24
C TYR C 348 25.89 25.11 37.29
N PHE C 349 25.57 25.66 36.12
CA PHE C 349 26.57 25.95 35.09
C PHE C 349 26.83 27.43 34.89
N GLN C 350 28.07 27.77 34.57
CA GLN C 350 28.41 29.07 33.98
C GLN C 350 28.64 28.83 32.49
N ILE C 351 28.11 29.71 31.64
CA ILE C 351 28.05 29.41 30.21
C ILE C 351 29.41 29.27 29.53
N ASP C 352 30.44 29.84 30.13
CA ASP C 352 31.77 29.73 29.53
C ASP C 352 32.72 28.88 30.36
N LYS C 353 32.20 28.15 31.34
CA LYS C 353 33.03 27.20 32.10
C LYS C 353 32.57 25.75 31.97
N LYS C 354 33.55 24.87 31.84
CA LYS C 354 33.30 23.44 31.66
C LYS C 354 32.61 22.81 32.87
N ASP C 355 33.26 22.93 34.04
CA ASP C 355 32.77 22.25 35.23
C ASP C 355 31.52 22.92 35.80
N CYS C 356 30.62 22.10 36.33
CA CYS C 356 29.41 22.61 36.95
C CYS C 356 29.40 22.27 38.43
N THR C 357 28.39 22.76 39.14
CA THR C 357 28.29 22.52 40.57
C THR C 357 26.91 21.98 40.95
N PHE C 358 26.87 20.79 41.53
CA PHE C 358 25.63 20.21 42.00
C PHE C 358 25.11 20.95 43.21
N ILE C 359 23.84 21.32 43.19
CA ILE C 359 23.25 22.05 44.29
C ILE C 359 22.29 21.16 45.10
N THR C 360 22.01 19.98 44.54
CA THR C 360 21.28 18.93 45.25
C THR C 360 22.06 17.64 45.18
N LYS C 361 21.80 16.73 46.12
CA LYS C 361 22.42 15.41 46.12
C LYS C 361 21.63 14.47 47.02
N GLY C 362 21.93 13.17 46.92
CA GLY C 362 21.24 12.16 47.72
C GLY C 362 20.77 10.98 46.89
N THR C 363 20.48 9.86 47.53
CA THR C 363 20.00 8.69 46.80
C THR C 363 18.50 8.83 46.51
N TRP C 364 18.19 9.87 45.75
CA TRP C 364 16.85 10.13 45.23
C TRP C 364 17.05 10.99 43.98
N GLU C 365 15.98 11.40 43.31
CA GLU C 365 16.18 12.13 42.07
C GLU C 365 15.27 13.35 41.92
N VAL C 366 15.81 14.40 41.31
CA VAL C 366 15.02 15.55 40.90
C VAL C 366 14.26 15.20 39.63
N ILE C 367 12.95 15.31 39.68
CA ILE C 367 12.12 15.00 38.51
C ILE C 367 12.20 16.13 37.48
N GLY C 368 11.99 17.37 37.92
CA GLY C 368 12.09 18.51 37.03
C GLY C 368 12.18 19.87 37.70
N ILE C 369 12.92 20.79 37.07
CA ILE C 369 12.92 22.19 37.50
C ILE C 369 11.65 22.89 37.02
N GLU C 370 10.93 23.50 37.96
CA GLU C 370 9.62 24.07 37.65
C GLU C 370 9.61 25.59 37.49
N ALA C 371 10.49 26.29 38.21
CA ALA C 371 10.53 27.75 38.15
C ALA C 371 11.81 28.28 38.76
N LEU C 372 12.25 29.44 38.29
CA LEU C 372 13.50 30.05 38.74
C LEU C 372 13.33 31.53 38.99
N THR C 373 13.64 31.96 40.21
CA THR C 373 13.65 33.39 40.54
C THR C 373 15.06 33.81 40.93
N SER C 374 15.21 35.07 41.31
CA SER C 374 16.53 35.58 41.71
C SER C 374 16.95 35.03 43.07
N ASP C 375 15.99 34.54 43.85
CA ASP C 375 16.29 34.02 45.17
C ASP C 375 16.09 32.51 45.30
N TYR C 376 15.17 31.95 44.51
CA TYR C 376 14.78 30.56 44.68
C TYR C 376 14.70 29.75 43.38
N LEU C 377 15.16 28.49 43.47
CA LEU C 377 14.96 27.49 42.44
C LEU C 377 13.85 26.55 42.92
N TYR C 378 12.83 26.33 42.09
CA TYR C 378 11.74 25.42 42.45
C TYR C 378 11.82 24.11 41.66
N TYR C 379 11.73 22.98 42.35
CA TYR C 379 11.81 21.69 41.69
C TYR C 379 10.93 20.63 42.32
N ILE C 380 10.59 19.61 41.52
CA ILE C 380 9.87 18.43 41.98
C ILE C 380 10.88 17.30 42.18
N SER C 381 10.76 16.56 43.26
CA SER C 381 11.61 15.39 43.46
C SER C 381 10.90 14.28 44.24
N ASN C 382 11.51 13.11 44.27
CA ASN C 382 10.96 11.99 45.02
C ASN C 382 11.77 11.72 46.29
N GLU C 383 12.25 12.78 46.93
CA GLU C 383 13.07 12.61 48.12
C GLU C 383 12.26 12.15 49.33
N TYR C 384 11.10 12.75 49.52
CA TYR C 384 10.27 12.54 50.73
C TYR C 384 10.03 11.07 51.06
N LYS C 385 10.48 10.67 52.25
CA LYS C 385 10.35 9.31 52.77
C LYS C 385 10.97 8.24 51.87
N GLY C 386 11.89 8.66 51.00
CA GLY C 386 12.59 7.74 50.12
C GLY C 386 11.67 6.91 49.23
N MET C 387 10.53 7.49 48.85
CA MET C 387 9.59 6.81 47.97
C MET C 387 9.74 7.31 46.54
N PRO C 388 10.35 6.51 45.66
CA PRO C 388 10.55 6.94 44.27
C PRO C 388 9.24 7.20 43.54
N GLY C 389 8.15 6.57 44.00
CA GLY C 389 6.83 6.77 43.40
C GLY C 389 6.05 7.94 43.98
N GLY C 390 6.71 8.75 44.82
CA GLY C 390 6.12 9.99 45.31
C GLY C 390 6.71 11.21 44.63
N ARG C 391 5.98 12.32 44.64
CA ARG C 391 6.48 13.58 44.09
C ARG C 391 6.12 14.75 44.99
N ASN C 392 7.08 15.61 45.30
CA ASN C 392 6.81 16.81 46.08
C ASN C 392 7.51 18.06 45.57
N LEU C 393 6.93 19.21 45.86
CA LEU C 393 7.50 20.49 45.46
C LEU C 393 8.49 21.01 46.49
N TYR C 394 9.67 21.38 46.02
CA TYR C 394 10.71 21.93 46.89
C TYR C 394 11.18 23.27 46.35
N LYS C 395 11.71 24.12 47.23
CA LYS C 395 12.45 25.28 46.78
C LYS C 395 13.78 25.31 47.51
N ILE C 396 14.83 25.69 46.78
CA ILE C 396 16.16 25.75 47.35
C ILE C 396 16.70 27.17 47.20
N GLN C 397 17.13 27.75 48.32
CA GLN C 397 17.68 29.10 48.36
C GLN C 397 18.98 29.18 47.55
N LEU C 398 19.03 30.10 46.59
CA LEU C 398 20.16 30.20 45.68
C LEU C 398 21.43 30.71 46.38
N SER C 399 21.26 31.58 47.38
CA SER C 399 22.41 32.12 48.11
C SER C 399 22.97 31.11 49.11
N ASP C 400 22.15 30.12 49.49
CA ASP C 400 22.60 29.07 50.40
C ASP C 400 21.89 27.74 50.12
N TYR C 401 22.60 26.82 49.47
CA TYR C 401 22.04 25.56 49.00
C TYR C 401 21.61 24.62 50.14
N THR C 402 21.96 24.97 51.38
CA THR C 402 21.60 24.12 52.51
C THR C 402 20.18 24.42 52.99
N LYS C 403 19.66 25.58 52.60
CA LYS C 403 18.29 25.95 52.95
C LYS C 403 17.31 25.43 51.90
N VAL C 404 16.84 24.20 52.10
CA VAL C 404 15.87 23.59 51.20
C VAL C 404 14.54 23.42 51.93
N THR C 405 13.46 23.91 51.32
CA THR C 405 12.15 23.91 51.95
C THR C 405 11.15 23.07 51.14
N CYS C 406 10.55 22.06 51.78
CA CYS C 406 9.51 21.29 51.10
C CYS C 406 8.18 22.00 51.20
N LEU C 407 7.62 22.34 50.04
CA LEU C 407 6.41 23.14 50.01
C LEU C 407 5.13 22.33 49.98
N SER C 408 5.24 21.01 49.79
CA SER C 408 4.03 20.21 49.63
C SER C 408 3.98 19.00 50.55
N CYS C 409 5.14 18.57 51.05
CA CYS C 409 5.24 17.34 51.85
C CYS C 409 4.22 17.25 52.98
N GLU C 410 4.05 18.33 53.73
CA GLU C 410 3.21 18.27 54.93
C GLU C 410 1.86 18.92 54.77
N LEU C 411 1.48 19.31 53.55
CA LEU C 411 0.20 19.97 53.32
C LEU C 411 -0.97 19.06 53.69
N ASN C 412 -0.79 17.77 53.46
CA ASN C 412 -1.77 16.75 53.78
C ASN C 412 -1.15 15.39 53.51
N PRO C 413 -0.23 14.97 54.39
CA PRO C 413 0.67 13.83 54.10
C PRO C 413 -0.05 12.49 54.02
N GLU C 414 -1.28 12.42 54.51
CA GLU C 414 -2.05 11.20 54.46
C GLU C 414 -2.75 11.01 53.12
N ARG C 415 -3.23 12.12 52.56
CA ARG C 415 -4.01 12.10 51.34
C ARG C 415 -3.17 12.41 50.10
N CYS C 416 -2.10 13.17 50.29
CA CYS C 416 -1.36 13.72 49.15
C CYS C 416 0.12 13.43 49.17
N GLN C 417 0.57 12.57 48.26
CA GLN C 417 1.99 12.22 48.19
C GLN C 417 2.55 12.37 46.77
N TYR C 418 1.72 12.87 45.86
CA TYR C 418 2.10 12.97 44.45
C TYR C 418 1.66 14.31 43.87
N TYR C 419 2.62 15.20 43.68
CA TYR C 419 2.33 16.58 43.30
C TYR C 419 2.90 16.97 41.94
N SER C 420 2.16 17.80 41.21
CA SER C 420 2.73 18.61 40.15
C SER C 420 2.34 20.06 40.42
N VAL C 421 2.99 21.00 39.75
CA VAL C 421 2.81 22.42 40.07
C VAL C 421 2.66 23.28 38.81
N SER C 422 1.90 24.36 38.93
CA SER C 422 1.72 25.29 37.84
C SER C 422 1.92 26.75 38.30
N PHE C 423 3.09 27.31 38.02
CA PHE C 423 3.39 28.67 38.46
C PHE C 423 2.80 29.73 37.55
N SER C 424 2.47 30.88 38.13
CA SER C 424 2.13 32.06 37.34
C SER C 424 3.41 32.62 36.74
N LYS C 425 3.29 33.72 36.00
CA LYS C 425 4.48 34.41 35.50
C LYS C 425 5.21 35.05 36.68
N GLU C 426 6.54 35.04 36.61
CA GLU C 426 7.40 35.53 37.69
C GLU C 426 7.26 34.68 38.96
N ALA C 427 6.51 33.58 38.86
CA ALA C 427 6.30 32.65 39.97
C ALA C 427 5.82 33.34 41.23
N LYS C 428 4.85 34.24 41.09
CA LYS C 428 4.30 34.94 42.25
C LYS C 428 3.24 34.08 42.92
N TYR C 429 2.52 33.30 42.10
CA TYR C 429 1.55 32.34 42.60
C TYR C 429 1.81 30.98 41.97
N TYR C 430 1.37 29.92 42.64
CA TYR C 430 1.44 28.60 42.04
C TYR C 430 0.25 27.73 42.44
N GLN C 431 -0.22 26.96 41.47
CA GLN C 431 -1.24 25.96 41.71
C GLN C 431 -0.59 24.61 42.00
N LEU C 432 -0.97 23.99 43.10
CA LEU C 432 -0.51 22.65 43.41
C LEU C 432 -1.60 21.64 43.04
N ARG C 433 -1.17 20.51 42.49
CA ARG C 433 -2.09 19.50 41.99
C ARG C 433 -1.69 18.17 42.59
N CYS C 434 -2.50 17.69 43.52
CA CYS C 434 -2.27 16.44 44.21
C CYS C 434 -2.98 15.32 43.44
N SER C 435 -2.26 14.24 43.13
CA SER C 435 -2.81 13.17 42.30
C SER C 435 -3.19 11.92 43.08
N GLY C 436 -2.69 11.79 44.31
CA GLY C 436 -2.97 10.64 45.14
C GLY C 436 -2.06 10.60 46.34
N PRO C 437 -2.20 9.57 47.20
CA PRO C 437 -3.03 8.37 47.01
C PRO C 437 -4.52 8.58 47.25
N GLY C 438 -4.89 9.68 47.90
CA GLY C 438 -6.29 10.01 48.08
C GLY C 438 -6.88 10.62 46.82
N LEU C 439 -8.12 11.09 46.91
CA LEU C 439 -8.74 11.78 45.77
C LEU C 439 -7.93 13.03 45.42
N PRO C 440 -7.83 13.34 44.13
CA PRO C 440 -7.07 14.49 43.65
C PRO C 440 -7.53 15.79 44.31
N LEU C 441 -6.56 16.66 44.63
CA LEU C 441 -6.83 17.90 45.35
C LEU C 441 -6.09 19.07 44.74
N TYR C 442 -6.82 20.11 44.37
CA TYR C 442 -6.23 21.28 43.71
C TYR C 442 -6.28 22.52 44.61
N THR C 443 -5.13 23.13 44.84
CA THR C 443 -5.03 24.30 45.71
C THR C 443 -4.20 25.43 45.11
N LEU C 444 -4.44 26.65 45.56
CA LEU C 444 -3.69 27.80 45.07
C LEU C 444 -2.86 28.41 46.18
N HIS C 445 -1.65 28.86 45.83
CA HIS C 445 -0.70 29.34 46.82
C HIS C 445 0.00 30.62 46.34
N SER C 446 0.55 31.39 47.28
CA SER C 446 1.36 32.56 46.94
C SER C 446 2.80 32.32 47.38
N SER C 447 3.75 32.68 46.53
CA SER C 447 5.15 32.32 46.73
C SER C 447 5.87 33.13 47.80
N VAL C 448 5.36 34.31 48.12
CA VAL C 448 6.09 35.22 48.98
C VAL C 448 6.24 34.66 50.41
N ASN C 449 5.20 33.99 50.90
CA ASN C 449 5.27 33.35 52.21
C ASN C 449 4.68 31.94 52.19
N ASP C 450 4.54 31.38 51.00
CA ASP C 450 4.01 30.03 50.81
C ASP C 450 2.67 29.85 51.51
N LYS C 451 1.82 30.86 51.42
CA LYS C 451 0.51 30.81 52.04
C LYS C 451 -0.49 30.00 51.20
N GLY C 452 -1.23 29.12 51.84
CA GLY C 452 -2.33 28.45 51.17
C GLY C 452 -3.51 29.39 51.05
N LEU C 453 -3.77 29.85 49.84
CA LEU C 453 -4.82 30.83 49.60
C LEU C 453 -6.20 30.21 49.72
N ARG C 454 -6.47 29.20 48.90
CA ARG C 454 -7.79 28.55 48.91
C ARG C 454 -7.76 27.19 48.23
N VAL C 455 -8.78 26.41 48.50
CA VAL C 455 -8.96 25.15 47.84
C VAL C 455 -9.72 25.39 46.54
N LEU C 456 -9.13 25.00 45.42
CA LEU C 456 -9.74 25.17 44.11
C LEU C 456 -10.75 24.07 43.81
N GLU C 457 -10.39 22.83 44.13
CA GLU C 457 -11.26 21.67 43.90
C GLU C 457 -10.77 20.49 44.72
N ASP C 458 -11.67 19.91 45.51
CA ASP C 458 -11.29 18.88 46.46
C ASP C 458 -11.94 17.53 46.16
N ASN C 459 -12.75 17.48 45.09
CA ASN C 459 -13.41 16.26 44.65
C ASN C 459 -14.32 15.62 45.69
N SER C 460 -14.90 16.45 46.55
CA SER C 460 -15.78 15.97 47.62
C SER C 460 -17.10 15.45 47.07
N ALA C 461 -17.50 15.91 45.89
CA ALA C 461 -18.71 15.39 45.26
C ALA C 461 -18.53 13.90 44.91
N LEU C 462 -17.40 13.56 44.31
CA LEU C 462 -17.08 12.18 43.98
C LEU C 462 -16.88 11.36 45.25
N ASP C 463 -16.27 11.97 46.26
CA ASP C 463 -16.02 11.28 47.53
C ASP C 463 -17.31 10.79 48.16
N LYS C 464 -18.40 11.54 47.95
CA LYS C 464 -19.70 11.17 48.49
C LYS C 464 -20.37 10.10 47.65
N MET C 465 -20.18 10.15 46.34
CA MET C 465 -20.73 9.14 45.45
C MET C 465 -20.08 7.79 45.72
N LEU C 466 -18.80 7.82 46.02
CA LEU C 466 -18.05 6.59 46.26
C LEU C 466 -18.29 6.07 47.66
N GLN C 467 -19.13 6.75 48.43
CA GLN C 467 -19.20 6.46 49.86
C GLN C 467 -19.67 5.05 50.18
N ASN C 468 -20.73 4.52 49.57
CA ASN C 468 -20.80 3.07 49.80
C ASN C 468 -20.83 2.28 48.46
N VAL C 469 -19.91 2.59 47.56
CA VAL C 469 -19.52 1.57 46.57
C VAL C 469 -18.27 0.91 47.14
N GLN C 470 -18.20 -0.40 47.06
CA GLN C 470 -17.04 -1.12 47.57
C GLN C 470 -15.84 -0.90 46.67
N MET C 471 -15.00 0.06 47.05
CA MET C 471 -13.83 0.43 46.26
C MET C 471 -12.60 -0.36 46.68
N PRO C 472 -11.67 -0.57 45.74
CA PRO C 472 -10.44 -1.29 46.08
C PRO C 472 -9.45 -0.39 46.81
N SER C 473 -8.47 -1.00 47.48
CA SER C 473 -7.42 -0.24 48.12
C SER C 473 -6.10 -0.50 47.41
N LYS C 474 -5.10 0.33 47.66
CA LYS C 474 -3.83 0.21 46.96
C LYS C 474 -2.67 0.06 47.93
N LYS C 475 -1.89 -1.00 47.74
CA LYS C 475 -0.72 -1.25 48.56
C LYS C 475 0.53 -0.91 47.78
N LEU C 476 1.26 0.09 48.25
CA LEU C 476 2.55 0.43 47.67
C LEU C 476 3.64 -0.05 48.60
N ASP C 477 4.59 -0.80 48.07
CA ASP C 477 5.60 -1.44 48.90
C ASP C 477 6.75 -1.93 48.04
N PHE C 478 7.72 -2.61 48.66
CA PHE C 478 8.88 -3.07 47.94
C PHE C 478 9.30 -4.48 48.36
N ILE C 479 10.02 -5.16 47.48
CA ILE C 479 10.68 -6.41 47.81
C ILE C 479 12.17 -6.20 47.60
N ILE C 480 12.98 -7.16 48.03
CA ILE C 480 14.43 -7.00 47.91
C ILE C 480 15.04 -8.12 47.07
N LEU C 481 15.63 -7.74 45.94
CA LEU C 481 16.37 -8.67 45.09
C LEU C 481 17.85 -8.31 45.17
N ASN C 482 18.65 -9.27 45.61
CA ASN C 482 20.04 -9.08 46.07
C ASN C 482 20.43 -7.64 46.39
N GLU C 483 20.09 -7.23 47.61
CA GLU C 483 20.47 -5.92 48.16
C GLU C 483 20.07 -4.74 47.29
N THR C 484 18.83 -4.76 46.82
CA THR C 484 18.27 -3.64 46.07
C THR C 484 16.75 -3.61 46.24
N LYS C 485 16.24 -2.49 46.71
CA LYS C 485 14.79 -2.31 46.81
C LYS C 485 14.18 -2.21 45.43
N PHE C 486 13.12 -2.99 45.20
CA PHE C 486 12.32 -2.87 43.99
C PHE C 486 10.88 -2.73 44.42
N TRP C 487 10.21 -1.72 43.87
CA TRP C 487 8.89 -1.36 44.33
C TRP C 487 7.81 -2.02 43.50
N TYR C 488 6.72 -2.40 44.16
CA TYR C 488 5.54 -2.90 43.47
C TYR C 488 4.32 -2.19 44.00
N GLN C 489 3.20 -2.35 43.31
CA GLN C 489 1.92 -1.91 43.85
C GLN C 489 0.88 -2.98 43.59
N MET C 490 -0.07 -3.12 44.50
CA MET C 490 -1.18 -4.03 44.28
C MET C 490 -2.50 -3.29 44.45
N ILE C 491 -3.36 -3.39 43.44
CA ILE C 491 -4.74 -2.95 43.60
C ILE C 491 -5.47 -4.12 44.26
N LEU C 492 -5.83 -3.93 45.53
CA LEU C 492 -6.43 -5.00 46.32
C LEU C 492 -7.95 -4.90 46.33
N PRO C 493 -8.63 -6.05 46.17
CA PRO C 493 -10.10 -6.11 46.21
C PRO C 493 -10.64 -5.58 47.54
N PRO C 494 -11.90 -5.09 47.55
CA PRO C 494 -12.50 -4.61 48.81
C PRO C 494 -12.57 -5.71 49.85
N HIS C 495 -12.56 -5.34 51.12
CA HIS C 495 -12.64 -6.30 52.22
C HIS C 495 -11.58 -7.38 52.08
N PHE C 496 -10.41 -6.97 51.60
CA PHE C 496 -9.30 -7.87 51.32
C PHE C 496 -8.89 -8.72 52.52
N ASP C 497 -9.07 -10.02 52.38
CA ASP C 497 -8.73 -10.99 53.42
C ASP C 497 -7.48 -11.75 53.00
N LYS C 498 -6.38 -11.55 53.71
CA LYS C 498 -5.12 -12.15 53.28
C LYS C 498 -5.03 -13.64 53.60
N SER C 499 -6.06 -14.19 54.20
CA SER C 499 -6.10 -15.63 54.45
C SER C 499 -6.64 -16.37 53.22
N LYS C 500 -7.43 -15.69 52.40
CA LYS C 500 -7.99 -16.29 51.18
C LYS C 500 -6.99 -16.31 50.03
N LYS C 501 -7.35 -16.99 48.95
CA LYS C 501 -6.52 -17.04 47.75
C LYS C 501 -7.16 -16.26 46.61
N TYR C 502 -6.44 -15.26 46.11
CA TYR C 502 -6.94 -14.44 45.03
C TYR C 502 -6.19 -14.71 43.72
N PRO C 503 -6.92 -14.69 42.59
CA PRO C 503 -6.23 -14.66 41.30
C PRO C 503 -5.50 -13.33 41.16
N LEU C 504 -4.39 -13.32 40.45
CA LEU C 504 -3.61 -12.10 40.30
C LEU C 504 -3.34 -11.79 38.83
N LEU C 505 -3.53 -10.53 38.47
CA LEU C 505 -3.20 -10.01 37.15
C LEU C 505 -2.02 -9.05 37.21
N LEU C 506 -0.94 -9.41 36.53
CA LEU C 506 0.25 -8.56 36.49
C LEU C 506 0.12 -7.51 35.38
N ASP C 507 -0.03 -6.26 35.77
CA ASP C 507 -0.13 -5.15 34.85
C ASP C 507 1.29 -4.65 34.59
N VAL C 508 1.75 -4.78 33.36
CA VAL C 508 3.16 -4.51 33.07
C VAL C 508 3.33 -3.48 31.96
N TYR C 509 4.32 -2.62 32.14
CA TYR C 509 4.83 -1.79 31.04
C TYR C 509 6.32 -2.03 30.93
N ALA C 510 7.06 -1.58 31.94
CA ALA C 510 8.46 -1.94 32.13
C ALA C 510 9.39 -1.46 31.02
N GLY C 511 9.02 -0.40 30.32
CA GLY C 511 9.94 0.23 29.40
C GLY C 511 11.07 0.93 30.16
N PRO C 512 12.16 1.28 29.45
CA PRO C 512 13.24 2.01 30.12
C PRO C 512 12.72 3.29 30.75
N CYS C 513 13.12 3.54 31.99
CA CYS C 513 12.69 4.71 32.77
C CYS C 513 11.18 4.76 33.02
N SER C 514 10.55 3.60 33.08
CA SER C 514 9.14 3.55 33.39
C SER C 514 8.92 3.44 34.90
N GLN C 515 7.73 3.78 35.35
CA GLN C 515 7.36 3.63 36.74
C GLN C 515 5.88 3.27 36.82
N LYS C 516 5.58 2.04 37.24
CA LYS C 516 4.20 1.57 37.36
C LYS C 516 3.79 1.41 38.82
N ALA C 517 4.76 1.46 39.72
CA ALA C 517 4.45 1.53 41.15
C ALA C 517 4.55 2.97 41.62
N ASP C 518 3.41 3.61 41.84
CA ASP C 518 3.40 4.99 42.34
C ASP C 518 2.28 5.23 43.33
N THR C 519 2.10 6.49 43.72
CA THR C 519 1.10 6.83 44.72
C THR C 519 -0.11 7.52 44.10
N VAL C 520 -0.19 7.52 42.78
CA VAL C 520 -1.29 8.18 42.08
C VAL C 520 -2.62 7.43 42.25
N PHE C 521 -3.72 8.19 42.39
CA PHE C 521 -5.07 7.62 42.45
C PHE C 521 -5.68 7.45 41.06
N ARG C 522 -6.15 6.25 40.75
CA ARG C 522 -6.71 5.98 39.43
C ARG C 522 -8.06 5.29 39.48
N LEU C 523 -8.95 5.71 38.57
CA LEU C 523 -10.18 4.98 38.28
C LEU C 523 -10.07 4.39 36.87
N ASN C 524 -9.63 3.15 36.79
CA ASN C 524 -9.44 2.53 35.48
C ASN C 524 -9.96 1.09 35.43
N TRP C 525 -9.48 0.33 34.45
CA TRP C 525 -9.88 -1.07 34.29
C TRP C 525 -9.50 -1.92 35.50
N ALA C 526 -8.30 -1.68 36.04
CA ALA C 526 -7.83 -2.40 37.23
C ALA C 526 -8.78 -2.22 38.40
N THR C 527 -9.40 -1.04 38.47
CA THR C 527 -10.33 -0.73 39.55
C THR C 527 -11.53 -1.66 39.47
N TYR C 528 -12.01 -1.87 38.25
CA TYR C 528 -13.14 -2.76 38.04
C TYR C 528 -12.78 -4.20 38.38
N LEU C 529 -11.61 -4.65 37.93
CA LEU C 529 -11.18 -6.04 38.17
C LEU C 529 -11.05 -6.35 39.66
N ALA C 530 -10.51 -5.42 40.43
CA ALA C 530 -10.37 -5.62 41.87
C ALA C 530 -11.69 -5.50 42.59
N SER C 531 -12.48 -4.48 42.24
CA SER C 531 -13.72 -4.20 42.94
C SER C 531 -14.84 -5.19 42.66
N THR C 532 -15.00 -5.56 41.40
CA THR C 532 -16.11 -6.43 41.00
C THR C 532 -15.70 -7.91 40.91
N GLU C 533 -14.56 -8.18 40.29
CA GLU C 533 -14.18 -9.57 40.05
C GLU C 533 -13.20 -10.12 41.11
N ASN C 534 -12.88 -9.30 42.11
CA ASN C 534 -11.97 -9.68 43.20
C ASN C 534 -10.63 -10.22 42.71
N ILE C 535 -10.08 -9.54 41.72
CA ILE C 535 -8.78 -9.87 41.17
C ILE C 535 -7.74 -8.85 41.66
N ILE C 536 -6.63 -9.35 42.19
CA ILE C 536 -5.52 -8.46 42.52
C ILE C 536 -4.84 -8.03 41.25
N VAL C 537 -4.63 -6.72 41.07
CA VAL C 537 -3.90 -6.24 39.91
C VAL C 537 -2.57 -5.64 40.35
N ALA C 538 -1.49 -6.35 40.07
CA ALA C 538 -0.17 -5.94 40.54
C ALA C 538 0.69 -5.33 39.44
N SER C 539 1.59 -4.43 39.83
CA SER C 539 2.59 -3.90 38.92
C SER C 539 3.92 -3.85 39.65
N PHE C 540 5.00 -4.06 38.92
CA PHE C 540 6.31 -4.16 39.52
C PHE C 540 7.34 -3.35 38.72
N ASP C 541 8.13 -2.55 39.42
CA ASP C 541 9.20 -1.78 38.77
C ASP C 541 10.55 -2.41 39.00
N GLY C 542 11.01 -3.19 38.03
CA GLY C 542 12.28 -3.89 38.16
C GLY C 542 13.40 -3.17 37.45
N ARG C 543 14.46 -3.90 37.11
CA ARG C 543 15.59 -3.28 36.43
C ARG C 543 15.14 -2.59 35.15
N GLY C 544 15.73 -1.42 34.88
CA GLY C 544 15.37 -0.64 33.72
C GLY C 544 14.38 0.46 34.06
N SER C 545 13.65 0.29 35.16
CA SER C 545 12.68 1.31 35.58
C SER C 545 13.43 2.58 36.00
N GLY C 546 12.69 3.67 36.21
CA GLY C 546 13.29 4.98 36.36
C GLY C 546 13.19 5.63 37.72
N TYR C 547 13.79 6.82 37.82
CA TYR C 547 13.73 7.66 39.02
C TYR C 547 14.33 6.97 40.23
N GLN C 548 15.29 6.08 39.99
CA GLN C 548 15.97 5.37 41.07
C GLN C 548 17.48 5.29 40.86
N GLY C 549 18.01 6.13 39.97
CA GLY C 549 19.43 6.11 39.68
C GLY C 549 19.78 5.28 38.46
N ASP C 550 20.94 5.54 37.87
CA ASP C 550 21.36 4.90 36.63
C ASP C 550 21.68 3.41 36.78
N LYS C 551 22.14 2.99 37.96
CA LYS C 551 22.46 1.57 38.16
C LYS C 551 21.26 0.70 37.82
N ILE C 552 20.08 1.14 38.25
CA ILE C 552 18.84 0.43 37.95
C ILE C 552 18.38 0.67 36.51
N MET C 553 18.34 1.93 36.09
CA MET C 553 17.78 2.27 34.78
C MET C 553 18.62 1.73 33.64
N HIS C 554 19.94 1.87 33.74
CA HIS C 554 20.82 1.43 32.66
C HIS C 554 21.14 -0.06 32.70
N ALA C 555 20.52 -0.80 33.62
CA ALA C 555 20.76 -2.24 33.71
C ALA C 555 20.42 -2.96 32.40
N ILE C 556 19.40 -2.48 31.71
CA ILE C 556 18.97 -3.09 30.44
C ILE C 556 19.62 -2.47 29.23
N ASN C 557 20.65 -1.66 29.41
CA ASN C 557 21.30 -1.02 28.28
C ASN C 557 21.86 -2.03 27.27
N ARG C 558 21.49 -1.84 26.00
CA ARG C 558 21.91 -2.70 24.88
C ARG C 558 21.39 -4.13 24.98
N ARG C 559 20.46 -4.38 25.90
CA ARG C 559 19.91 -5.72 26.04
C ARG C 559 18.44 -5.67 26.47
N LEU C 560 17.62 -5.01 25.66
CA LEU C 560 16.18 -5.02 25.89
C LEU C 560 15.64 -6.45 25.82
N GLY C 561 14.57 -6.71 26.55
CA GLY C 561 13.96 -8.03 26.55
C GLY C 561 14.78 -9.07 27.30
N THR C 562 15.47 -8.64 28.36
CA THR C 562 16.19 -9.58 29.20
C THR C 562 15.85 -9.33 30.66
N PHE C 563 16.56 -8.40 31.30
CA PHE C 563 16.41 -8.16 32.74
C PHE C 563 15.01 -7.71 33.13
N GLU C 564 14.45 -6.77 32.35
CA GLU C 564 13.14 -6.25 32.68
C GLU C 564 12.08 -7.34 32.53
N VAL C 565 12.32 -8.27 31.61
CA VAL C 565 11.44 -9.42 31.43
C VAL C 565 11.57 -10.40 32.59
N GLU C 566 12.81 -10.75 32.93
CA GLU C 566 13.07 -11.68 34.01
C GLU C 566 12.52 -11.19 35.34
N ASP C 567 12.62 -9.89 35.60
CA ASP C 567 12.21 -9.36 36.90
C ASP C 567 10.70 -9.41 37.08
N GLN C 568 9.96 -9.22 35.99
CA GLN C 568 8.51 -9.39 36.05
C GLN C 568 8.16 -10.82 36.45
N ILE C 569 8.87 -11.78 35.85
CA ILE C 569 8.68 -13.18 36.20
C ILE C 569 9.01 -13.42 37.66
N GLU C 570 10.17 -12.93 38.08
CA GLU C 570 10.64 -13.08 39.45
C GLU C 570 9.68 -12.42 40.44
N ALA C 571 9.15 -11.25 40.07
CA ALA C 571 8.19 -10.55 40.92
C ALA C 571 6.94 -11.39 41.13
N ALA C 572 6.44 -12.00 40.07
CA ALA C 572 5.25 -12.85 40.14
C ALA C 572 5.45 -14.05 41.06
N ARG C 573 6.64 -14.63 41.02
CA ARG C 573 6.99 -15.71 41.96
C ARG C 573 6.85 -15.28 43.41
N GLN C 574 7.42 -14.12 43.71
CA GLN C 574 7.35 -13.59 45.06
C GLN C 574 5.90 -13.33 45.47
N PHE C 575 5.10 -12.81 44.53
CA PHE C 575 3.70 -12.54 44.80
C PHE C 575 2.93 -13.83 45.10
N SER C 576 3.23 -14.89 44.34
CA SER C 576 2.54 -16.15 44.51
C SER C 576 2.88 -16.79 45.86
N LYS C 577 4.08 -16.50 46.36
CA LYS C 577 4.48 -17.03 47.66
C LYS C 577 4.31 -15.97 48.75
N MET C 578 3.22 -15.22 48.67
CA MET C 578 2.87 -14.26 49.71
C MET C 578 1.67 -14.78 50.49
N GLY C 579 1.10 -15.89 50.02
CA GLY C 579 0.06 -16.57 50.77
C GLY C 579 -1.37 -16.24 50.38
N PHE C 580 -1.59 -15.08 49.77
CA PHE C 580 -2.95 -14.70 49.40
C PHE C 580 -3.15 -14.73 47.89
N VAL C 581 -2.14 -15.20 47.16
CA VAL C 581 -2.25 -15.36 45.72
C VAL C 581 -2.43 -16.83 45.31
N ASP C 582 -3.51 -17.12 44.58
CA ASP C 582 -3.72 -18.41 43.94
C ASP C 582 -2.73 -18.55 42.80
N ASN C 583 -1.72 -19.40 42.99
CA ASN C 583 -0.63 -19.49 42.01
C ASN C 583 -1.01 -20.29 40.74
N LYS C 584 -2.23 -20.81 40.68
CA LYS C 584 -2.69 -21.48 39.47
C LYS C 584 -3.44 -20.52 38.57
N ARG C 585 -3.73 -19.33 39.08
CA ARG C 585 -4.46 -18.33 38.31
C ARG C 585 -3.72 -16.99 38.32
N ILE C 586 -2.56 -16.97 37.68
CA ILE C 586 -1.80 -15.73 37.54
C ILE C 586 -1.73 -15.35 36.06
N ALA C 587 -2.18 -14.13 35.75
CA ALA C 587 -2.17 -13.63 34.38
C ALA C 587 -1.25 -12.43 34.23
N ILE C 588 -0.92 -12.07 33.00
CA ILE C 588 -0.12 -10.88 32.75
C ILE C 588 -0.59 -10.12 31.50
N TRP C 589 -0.63 -8.80 31.55
CA TRP C 589 -1.05 -8.04 30.36
C TRP C 589 -0.34 -6.71 30.23
N GLY C 590 -0.25 -6.22 28.99
CA GLY C 590 0.38 -4.93 28.74
C GLY C 590 0.10 -4.35 27.38
N TRP C 591 0.41 -3.07 27.23
CA TRP C 591 0.19 -2.32 26.01
C TRP C 591 1.53 -1.80 25.50
N SER C 592 1.75 -1.87 24.20
CA SER C 592 2.99 -1.35 23.58
C SER C 592 4.15 -2.13 24.21
N TYR C 593 5.13 -1.41 24.76
CA TYR C 593 6.26 -2.08 25.42
C TYR C 593 5.73 -3.13 26.40
N GLY C 594 4.61 -2.81 27.03
CA GLY C 594 3.95 -3.72 27.94
C GLY C 594 3.53 -4.97 27.20
N GLY C 595 3.11 -4.82 25.96
CA GLY C 595 2.72 -5.96 25.15
C GLY C 595 3.92 -6.83 24.82
N TYR C 596 5.04 -6.18 24.54
CA TYR C 596 6.32 -6.85 24.27
C TYR C 596 6.75 -7.70 25.46
N VAL C 597 6.82 -7.08 26.65
CA VAL C 597 7.23 -7.79 27.85
C VAL C 597 6.27 -8.92 28.20
N THR C 598 4.98 -8.68 28.01
CA THR C 598 3.98 -9.72 28.21
C THR C 598 4.23 -10.93 27.32
N SER C 599 4.42 -10.67 26.03
CA SER C 599 4.64 -11.75 25.07
C SER C 599 5.96 -12.49 25.35
N MET C 600 7.00 -11.75 25.69
CA MET C 600 8.28 -12.37 26.04
C MET C 600 8.17 -13.23 27.30
N VAL C 601 7.36 -12.77 28.26
CA VAL C 601 7.14 -13.51 29.50
C VAL C 601 6.34 -14.80 29.24
N LEU C 602 5.29 -14.70 28.45
CA LEU C 602 4.51 -15.88 28.06
C LEU C 602 5.33 -16.86 27.25
N GLY C 603 6.36 -16.35 26.57
CA GLY C 603 7.20 -17.20 25.73
C GLY C 603 8.46 -17.68 26.42
N SER C 604 8.54 -17.48 27.73
CA SER C 604 9.76 -17.84 28.45
C SER C 604 9.74 -19.28 28.98
N GLY C 605 8.57 -19.91 29.00
CA GLY C 605 8.45 -21.25 29.52
C GLY C 605 8.69 -21.34 31.03
N SER C 606 8.23 -20.33 31.77
CA SER C 606 8.50 -20.25 33.20
C SER C 606 7.47 -21.00 34.03
N GLY C 607 6.33 -21.31 33.42
CA GLY C 607 5.25 -21.99 34.10
C GLY C 607 4.49 -21.17 35.14
N VAL C 608 4.91 -19.92 35.31
CA VAL C 608 4.34 -19.06 36.35
C VAL C 608 2.96 -18.53 35.94
N PHE C 609 2.83 -18.18 34.66
CA PHE C 609 1.65 -17.51 34.16
C PHE C 609 0.75 -18.42 33.37
N LYS C 610 -0.54 -18.34 33.61
CA LYS C 610 -1.51 -19.17 32.90
C LYS C 610 -1.97 -18.53 31.59
N CYS C 611 -2.16 -17.22 31.59
CA CYS C 611 -2.63 -16.54 30.40
C CYS C 611 -2.12 -15.11 30.35
N GLY C 612 -2.34 -14.48 29.20
CA GLY C 612 -1.86 -13.13 28.99
C GLY C 612 -2.51 -12.45 27.81
N ILE C 613 -2.54 -11.12 27.86
CA ILE C 613 -3.03 -10.31 26.76
C ILE C 613 -1.95 -9.32 26.33
N ALA C 614 -1.67 -9.27 25.03
CA ALA C 614 -0.74 -8.28 24.51
C ALA C 614 -1.48 -7.33 23.58
N VAL C 615 -1.49 -6.05 23.92
CA VAL C 615 -2.11 -5.05 23.06
C VAL C 615 -1.06 -4.24 22.33
N ALA C 616 -1.11 -4.27 21.00
CA ALA C 616 -0.17 -3.55 20.14
C ALA C 616 1.29 -3.71 20.56
N PRO C 617 1.76 -4.96 20.69
CA PRO C 617 3.12 -5.19 21.21
C PRO C 617 4.23 -4.97 20.18
N VAL C 618 5.39 -4.54 20.65
CA VAL C 618 6.59 -4.63 19.83
C VAL C 618 6.97 -6.10 19.84
N SER C 619 7.47 -6.63 18.72
CA SER C 619 7.83 -8.04 18.64
C SER C 619 9.26 -8.25 18.15
N ARG C 620 9.79 -7.26 17.45
CA ARG C 620 11.15 -7.32 16.92
C ARG C 620 11.65 -5.89 16.79
N TRP C 621 12.75 -5.56 17.45
CA TRP C 621 13.17 -4.16 17.55
C TRP C 621 13.55 -3.53 16.21
N GLU C 622 13.95 -4.33 15.22
CA GLU C 622 14.22 -3.77 13.90
C GLU C 622 12.94 -3.28 13.22
N TYR C 623 11.79 -3.56 13.82
CA TYR C 623 10.52 -3.11 13.30
C TYR C 623 10.15 -1.75 13.86
N TYR C 624 10.76 -1.37 14.97
CA TYR C 624 10.35 -0.13 15.65
C TYR C 624 11.23 1.06 15.24
N ASP C 625 10.83 2.29 15.61
CA ASP C 625 11.51 3.46 15.06
C ASP C 625 12.93 3.60 15.58
N SER C 626 13.73 4.34 14.82
CA SER C 626 15.16 4.47 15.09
C SER C 626 15.48 5.20 16.40
N VAL C 627 14.91 6.39 16.59
CA VAL C 627 15.28 7.23 17.73
C VAL C 627 15.08 6.52 19.06
N TYR C 628 13.91 5.91 19.26
CA TYR C 628 13.65 5.18 20.50
C TYR C 628 14.48 3.91 20.60
N THR C 629 14.42 3.06 19.58
CA THR C 629 15.08 1.75 19.63
C THR C 629 16.59 1.88 19.79
N GLU C 630 17.22 2.64 18.91
CA GLU C 630 18.67 2.81 18.93
C GLU C 630 19.16 3.45 20.23
N ARG C 631 18.30 4.25 20.86
CA ARG C 631 18.62 4.86 22.14
C ARG C 631 19.03 3.79 23.14
N TYR C 632 18.36 2.65 23.12
CA TYR C 632 18.63 1.60 24.09
C TYR C 632 19.41 0.41 23.51
N MET C 633 19.44 0.29 22.18
CA MET C 633 19.96 -0.92 21.56
C MET C 633 21.13 -0.69 20.60
N GLY C 634 21.48 0.56 20.35
CA GLY C 634 22.48 0.88 19.35
C GLY C 634 21.99 0.45 17.98
N LEU C 635 22.91 0.12 17.09
CA LEU C 635 22.55 -0.20 15.72
C LEU C 635 22.45 -1.70 15.47
N PRO C 636 21.52 -2.11 14.58
CA PRO C 636 21.38 -3.51 14.19
C PRO C 636 22.40 -3.94 13.15
N THR C 637 23.69 -3.84 13.49
CA THR C 637 24.77 -4.25 12.60
C THR C 637 25.66 -5.26 13.31
N PRO C 638 26.36 -6.09 12.54
CA PRO C 638 27.25 -7.09 13.16
C PRO C 638 28.37 -6.44 13.98
N GLU C 639 28.79 -5.26 13.58
CA GLU C 639 29.82 -4.52 14.30
C GLU C 639 29.32 -3.97 15.62
N ASP C 640 28.00 -3.74 15.70
CA ASP C 640 27.44 -3.12 16.90
C ASP C 640 26.68 -4.13 17.76
N ASN C 641 25.39 -4.27 17.51
CA ASN C 641 24.54 -5.01 18.43
C ASN C 641 23.47 -5.87 17.76
N LEU C 642 23.79 -6.38 16.56
CA LEU C 642 22.84 -7.21 15.83
C LEU C 642 22.44 -8.47 16.59
N ASP C 643 23.40 -9.08 17.30
CA ASP C 643 23.14 -10.30 18.05
C ASP C 643 21.97 -10.15 19.02
N HIS C 644 21.99 -9.08 19.82
CA HIS C 644 20.94 -8.84 20.80
C HIS C 644 19.63 -8.39 20.15
N TYR C 645 19.72 -7.77 18.98
CA TYR C 645 18.52 -7.48 18.21
C TYR C 645 17.82 -8.79 17.84
N ARG C 646 18.61 -9.73 17.34
CA ARG C 646 18.08 -10.99 16.82
C ARG C 646 17.69 -11.99 17.89
N ASN C 647 18.18 -11.78 19.11
CA ASN C 647 17.94 -12.75 20.17
C ASN C 647 16.76 -12.37 21.07
N SER C 648 16.20 -11.17 20.84
CA SER C 648 15.17 -10.62 21.70
C SER C 648 13.81 -10.46 21.04
N THR C 649 13.56 -11.24 20.00
CA THR C 649 12.26 -11.19 19.32
C THR C 649 11.25 -12.09 20.01
N VAL C 650 9.97 -11.76 19.85
CA VAL C 650 8.91 -12.61 20.36
C VAL C 650 8.81 -13.89 19.54
N MET C 651 9.04 -13.77 18.23
CA MET C 651 8.86 -14.88 17.30
C MET C 651 9.80 -16.04 17.64
N SER C 652 10.96 -15.71 18.17
CA SER C 652 11.94 -16.69 18.62
C SER C 652 11.39 -17.69 19.66
N ARG C 653 10.36 -17.28 20.40
CA ARG C 653 9.89 -18.07 21.53
C ARG C 653 8.54 -18.75 21.29
N ALA C 654 8.08 -18.71 20.05
CA ALA C 654 6.74 -19.19 19.68
C ALA C 654 6.39 -20.56 20.26
N GLU C 655 7.37 -21.47 20.29
CA GLU C 655 7.14 -22.84 20.76
C GLU C 655 6.59 -22.86 22.17
N ASN C 656 7.07 -21.95 23.01
CA ASN C 656 6.71 -21.96 24.41
C ASN C 656 5.31 -21.44 24.69
N PHE C 657 4.65 -20.90 23.66
CA PHE C 657 3.30 -20.40 23.85
C PHE C 657 2.28 -21.55 23.99
N LYS C 658 2.75 -22.78 23.74
CA LYS C 658 1.94 -23.97 23.97
C LYS C 658 1.43 -24.06 25.40
N GLN C 659 2.20 -23.54 26.34
CA GLN C 659 1.87 -23.69 27.76
C GLN C 659 0.93 -22.61 28.30
N VAL C 660 0.53 -21.67 27.45
CA VAL C 660 -0.24 -20.53 27.91
C VAL C 660 -1.44 -20.22 27.02
N GLU C 661 -2.43 -19.54 27.57
CA GLU C 661 -3.52 -18.96 26.77
C GLU C 661 -3.13 -17.52 26.43
N TYR C 662 -3.29 -17.13 25.18
CA TYR C 662 -2.74 -15.89 24.67
C TYR C 662 -3.75 -15.09 23.84
N LEU C 663 -3.95 -13.83 24.22
CA LEU C 663 -4.81 -12.93 23.44
C LEU C 663 -3.96 -11.82 22.83
N LEU C 664 -3.99 -11.71 21.51
CA LEU C 664 -3.15 -10.77 20.77
C LEU C 664 -4.03 -9.75 20.07
N ILE C 665 -3.87 -8.48 20.44
CA ILE C 665 -4.73 -7.41 19.94
C ILE C 665 -3.89 -6.32 19.27
N HIS C 666 -4.37 -5.83 18.13
CA HIS C 666 -3.67 -4.80 17.40
C HIS C 666 -4.60 -4.02 16.47
N GLY C 667 -4.39 -2.71 16.37
CA GLY C 667 -5.12 -1.87 15.45
C GLY C 667 -4.44 -1.85 14.09
N THR C 668 -5.22 -1.88 13.01
CA THR C 668 -4.65 -2.04 11.68
C THR C 668 -4.08 -0.74 11.12
N ALA C 669 -4.47 0.38 11.72
CA ALA C 669 -3.99 1.69 11.28
C ALA C 669 -3.03 2.25 12.31
N ASP C 670 -2.26 1.37 12.94
CA ASP C 670 -1.30 1.77 13.96
C ASP C 670 -0.04 2.29 13.27
N ASP C 671 0.18 3.60 13.36
CA ASP C 671 1.33 4.26 12.76
C ASP C 671 2.57 4.16 13.64
N ASN C 672 2.36 3.88 14.91
CA ASN C 672 3.43 3.81 15.90
C ASN C 672 4.07 2.42 15.95
N VAL C 673 3.43 1.49 16.67
CA VAL C 673 3.79 0.09 16.58
C VAL C 673 2.98 -0.56 15.45
N HIS C 674 3.60 -0.77 14.30
CA HIS C 674 2.85 -1.16 13.11
C HIS C 674 2.22 -2.55 13.24
N PHE C 675 1.12 -2.77 12.52
CA PHE C 675 0.38 -4.03 12.60
C PHE C 675 1.29 -5.20 12.24
N GLN C 676 2.24 -4.94 11.34
CA GLN C 676 3.30 -5.86 10.96
C GLN C 676 3.85 -6.67 12.13
N GLN C 677 4.04 -6.00 13.26
CA GLN C 677 4.64 -6.60 14.44
C GLN C 677 3.81 -7.75 14.98
N SER C 678 2.49 -7.53 15.08
CA SER C 678 1.59 -8.59 15.51
C SER C 678 1.40 -9.60 14.40
N ALA C 679 1.40 -9.11 13.16
CA ALA C 679 1.28 -9.98 12.00
C ALA C 679 2.39 -11.03 12.01
N GLN C 680 3.58 -10.65 12.46
CA GLN C 680 4.70 -11.59 12.51
C GLN C 680 4.63 -12.51 13.73
N ILE C 681 4.08 -12.04 14.84
CA ILE C 681 3.86 -12.91 15.99
C ILE C 681 2.89 -14.03 15.63
N SER C 682 1.75 -13.66 15.06
CA SER C 682 0.74 -14.65 14.70
C SER C 682 1.27 -15.65 13.67
N LYS C 683 2.08 -15.18 12.73
CA LYS C 683 2.63 -16.08 11.71
C LYS C 683 3.59 -17.09 12.35
N ALA C 684 4.34 -16.64 13.35
CA ALA C 684 5.28 -17.53 14.03
C ALA C 684 4.55 -18.58 14.86
N LEU C 685 3.44 -18.18 15.47
CA LEU C 685 2.67 -19.09 16.30
C LEU C 685 1.96 -20.13 15.43
N VAL C 686 1.42 -19.67 14.31
CA VAL C 686 0.77 -20.57 13.36
C VAL C 686 1.76 -21.60 12.83
N ASP C 687 2.95 -21.14 12.43
CA ASP C 687 3.93 -22.03 11.81
C ASP C 687 4.48 -23.08 12.79
N VAL C 688 4.28 -22.85 14.08
CA VAL C 688 4.79 -23.75 15.11
C VAL C 688 3.61 -24.53 15.71
N GLY C 689 2.40 -24.21 15.26
CA GLY C 689 1.22 -24.98 15.65
C GLY C 689 0.64 -24.68 17.03
N VAL C 690 0.66 -23.40 17.42
CA VAL C 690 0.14 -22.99 18.72
C VAL C 690 -1.19 -22.25 18.57
N ASP C 691 -2.20 -22.66 19.33
CA ASP C 691 -3.47 -21.95 19.23
C ASP C 691 -3.44 -20.71 20.13
N PHE C 692 -4.19 -19.69 19.74
CA PHE C 692 -4.23 -18.44 20.46
C PHE C 692 -5.45 -17.65 20.02
N GLN C 693 -5.76 -16.59 20.75
CA GLN C 693 -6.85 -15.69 20.40
C GLN C 693 -6.29 -14.40 19.79
N ALA C 694 -7.00 -13.86 18.82
CA ALA C 694 -6.57 -12.62 18.19
C ALA C 694 -7.74 -11.66 18.02
N MET C 695 -7.43 -10.36 17.97
CA MET C 695 -8.41 -9.36 17.61
C MET C 695 -7.70 -8.23 16.90
N TRP C 696 -8.11 -7.94 15.68
CA TRP C 696 -7.68 -6.74 14.98
C TRP C 696 -8.73 -5.66 15.17
N TYR C 697 -8.32 -4.40 15.13
CA TYR C 697 -9.30 -3.31 15.17
C TYR C 697 -9.13 -2.42 13.95
N THR C 698 -10.09 -2.55 13.05
CA THR C 698 -10.10 -1.86 11.78
C THR C 698 -9.97 -0.34 11.96
N ASP C 699 -8.93 0.23 11.34
CA ASP C 699 -8.70 1.67 11.30
C ASP C 699 -8.45 2.32 12.66
N GLU C 700 -8.06 1.53 13.65
CA GLU C 700 -7.69 2.08 14.95
C GLU C 700 -6.19 2.25 15.00
N ASP C 701 -5.72 3.26 15.73
CA ASP C 701 -4.28 3.46 15.82
C ASP C 701 -3.75 2.88 17.13
N HIS C 702 -2.62 3.40 17.60
CA HIS C 702 -1.94 2.81 18.74
C HIS C 702 -2.73 2.93 20.02
N GLY C 703 -3.62 3.91 20.07
CA GLY C 703 -4.41 4.17 21.25
C GLY C 703 -5.63 3.27 21.35
N ILE C 704 -6.19 2.86 20.21
CA ILE C 704 -7.46 2.14 20.14
C ILE C 704 -8.45 2.88 21.05
N ALA C 705 -8.53 4.19 20.84
CA ALA C 705 -9.11 5.09 21.83
C ALA C 705 -10.41 5.74 21.37
N SER C 706 -10.85 5.41 20.16
CA SER C 706 -12.16 5.84 19.74
C SER C 706 -13.18 5.23 20.70
N SER C 707 -14.28 5.95 20.89
CA SER C 707 -15.28 5.58 21.90
C SER C 707 -15.75 4.12 21.77
N THR C 708 -16.11 3.71 20.57
CA THR C 708 -16.64 2.37 20.36
C THR C 708 -15.55 1.30 20.51
N ALA C 709 -14.37 1.57 19.96
CA ALA C 709 -13.29 0.59 20.06
C ALA C 709 -12.83 0.44 21.50
N HIS C 710 -12.69 1.56 22.21
CA HIS C 710 -12.24 1.53 23.60
C HIS C 710 -13.13 0.67 24.49
N GLN C 711 -14.45 0.74 24.27
CA GLN C 711 -15.38 -0.05 25.04
C GLN C 711 -15.32 -1.51 24.61
N HIS C 712 -15.08 -1.72 23.32
CA HIS C 712 -15.09 -3.06 22.77
C HIS C 712 -13.86 -3.87 23.21
N ILE C 713 -12.70 -3.25 23.18
CA ILE C 713 -11.48 -3.97 23.55
C ILE C 713 -11.46 -4.31 25.04
N TYR C 714 -11.96 -3.41 25.89
CA TYR C 714 -11.94 -3.66 27.32
C TYR C 714 -13.00 -4.66 27.74
N THR C 715 -14.12 -4.68 27.02
CA THR C 715 -15.11 -5.73 27.24
C THR C 715 -14.53 -7.08 26.83
N HIS C 716 -13.90 -7.12 25.67
CA HIS C 716 -13.31 -8.34 25.15
C HIS C 716 -12.22 -8.89 26.07
N MET C 717 -11.32 -8.02 26.52
CA MET C 717 -10.28 -8.43 27.47
C MET C 717 -10.87 -8.91 28.80
N SER C 718 -11.94 -8.25 29.24
CA SER C 718 -12.60 -8.64 30.49
C SER C 718 -13.12 -10.07 30.41
N HIS C 719 -13.79 -10.41 29.30
CA HIS C 719 -14.27 -11.76 29.07
C HIS C 719 -13.11 -12.76 29.08
N PHE C 720 -12.02 -12.43 28.41
CA PHE C 720 -10.86 -13.31 28.31
C PHE C 720 -10.26 -13.62 29.68
N ILE C 721 -10.05 -12.60 30.50
CA ILE C 721 -9.48 -12.76 31.83
C ILE C 721 -10.41 -13.57 32.74
N LYS C 722 -11.69 -13.23 32.74
CA LYS C 722 -12.68 -13.94 33.54
C LYS C 722 -12.73 -15.42 33.14
N GLN C 723 -12.71 -15.69 31.85
CA GLN C 723 -12.74 -17.06 31.36
C GLN C 723 -11.50 -17.83 31.84
N CYS C 724 -10.35 -17.18 31.74
CA CYS C 724 -9.09 -17.78 32.17
C CYS C 724 -9.03 -18.02 33.68
N PHE C 725 -9.69 -17.15 34.46
CA PHE C 725 -9.70 -17.27 35.90
C PHE C 725 -10.92 -18.05 36.39
N SER C 726 -11.68 -18.59 35.43
CA SER C 726 -12.89 -19.36 35.72
C SER C 726 -13.93 -18.56 36.51
N LEU C 727 -14.08 -17.30 36.16
CA LEU C 727 -15.10 -16.46 36.79
C LEU C 727 -16.35 -16.41 35.93
N PRO C 728 -17.53 -16.43 36.55
CA PRO C 728 -18.79 -16.44 35.83
C PRO C 728 -19.28 -15.05 35.47
N THR D 15 49.69 49.84 -25.14
CA THR D 15 49.21 48.47 -24.94
C THR D 15 48.23 48.40 -23.76
N GLU D 16 46.95 48.20 -24.08
CA GLU D 16 45.87 48.30 -23.10
C GLU D 16 45.83 47.13 -22.11
N CYS D 17 45.69 47.47 -20.84
CA CYS D 17 45.40 46.48 -19.80
C CYS D 17 43.99 45.96 -20.04
N ASP D 18 43.85 44.64 -20.21
CA ASP D 18 42.56 44.09 -20.59
C ASP D 18 41.81 43.46 -19.42
N PHE D 19 40.67 44.05 -19.08
CA PHE D 19 39.83 43.57 -18.00
C PHE D 19 38.82 42.55 -18.49
N SER D 20 39.13 41.90 -19.60
CA SER D 20 38.24 40.91 -20.20
C SER D 20 37.90 39.73 -19.26
N PRO D 21 38.91 39.09 -18.64
CA PRO D 21 38.60 37.87 -17.88
C PRO D 21 37.57 38.02 -16.76
N MET D 22 37.43 39.21 -16.17
CA MET D 22 36.51 39.36 -15.04
C MET D 22 35.06 39.53 -15.51
N LEU D 23 34.84 39.45 -16.81
CA LEU D 23 33.52 39.63 -17.37
C LEU D 23 33.09 38.40 -18.17
N THR D 24 34.06 37.77 -18.85
CA THR D 24 33.79 36.58 -19.65
C THR D 24 33.74 35.34 -18.77
N GLY D 25 32.79 34.47 -19.04
CA GLY D 25 32.64 33.22 -18.31
C GLY D 25 31.68 33.34 -17.14
N VAL D 26 31.79 32.41 -16.21
CA VAL D 26 30.94 32.42 -15.03
C VAL D 26 31.67 33.03 -13.84
N ALA D 27 31.07 34.05 -13.25
CA ALA D 27 31.66 34.74 -12.12
C ALA D 27 32.03 33.75 -11.01
N PRO D 28 33.23 33.90 -10.44
CA PRO D 28 33.64 33.01 -9.35
C PRO D 28 32.97 33.39 -8.03
N GLN D 29 32.91 32.45 -7.10
CA GLN D 29 32.32 32.73 -5.80
C GLN D 29 33.33 33.49 -4.95
N VAL D 30 32.84 34.24 -3.97
CA VAL D 30 33.69 35.07 -3.13
C VAL D 30 34.86 34.29 -2.52
N TYR D 31 34.65 33.01 -2.17
CA TYR D 31 35.72 32.22 -1.57
C TYR D 31 36.63 31.60 -2.64
N ASN D 32 36.24 31.73 -3.90
CA ASN D 32 37.06 31.27 -5.00
C ASN D 32 37.37 32.43 -5.95
N PHE D 33 37.62 33.60 -5.37
CA PHE D 33 37.87 34.84 -6.12
C PHE D 33 39.02 34.68 -7.12
N LYS D 34 38.93 35.38 -8.24
CA LYS D 34 40.01 35.36 -9.22
C LYS D 34 40.75 36.70 -9.20
N ARG D 35 42.04 36.64 -9.50
CA ARG D 35 42.89 37.81 -9.43
C ARG D 35 43.57 38.15 -10.74
N LEU D 36 43.43 39.40 -11.16
CA LEU D 36 44.15 39.91 -12.32
C LEU D 36 45.28 40.83 -11.88
N VAL D 37 46.50 40.53 -12.29
CA VAL D 37 47.65 41.37 -11.95
C VAL D 37 48.20 42.07 -13.19
N PHE D 38 48.19 43.40 -13.17
CA PHE D 38 48.62 44.18 -14.32
C PHE D 38 49.93 44.92 -14.08
N SER D 39 50.89 44.69 -14.98
CA SER D 39 52.13 45.47 -15.01
C SER D 39 52.49 45.80 -16.45
N ASN D 40 53.05 46.99 -16.67
CA ASN D 40 53.45 47.43 -18.01
C ASN D 40 52.27 47.44 -18.99
N CYS D 41 51.33 48.34 -18.75
CA CYS D 41 50.18 48.53 -19.62
C CYS D 41 49.43 49.78 -19.21
N ASN D 42 48.47 50.20 -20.03
CA ASN D 42 47.66 51.36 -19.70
C ASN D 42 46.17 51.03 -19.64
N TYR D 43 45.43 51.75 -18.81
CA TYR D 43 44.06 51.38 -18.51
C TYR D 43 43.05 52.52 -18.66
N ASN D 44 41.82 52.16 -19.00
CA ASN D 44 40.70 53.08 -18.94
C ASN D 44 39.73 52.56 -17.89
N LEU D 45 39.81 53.15 -16.69
CA LEU D 45 38.98 52.70 -15.58
C LEU D 45 37.53 53.14 -15.76
N THR D 46 37.35 54.32 -16.32
CA THR D 46 36.02 54.86 -16.63
C THR D 46 35.24 53.90 -17.54
N LYS D 47 35.94 53.29 -18.48
CA LYS D 47 35.35 52.34 -19.40
C LYS D 47 34.91 51.07 -18.68
N LEU D 48 35.83 50.49 -17.91
CA LEU D 48 35.53 49.30 -17.12
C LEU D 48 34.33 49.52 -16.20
N LEU D 49 34.32 50.67 -15.52
CA LEU D 49 33.27 50.97 -14.55
C LEU D 49 31.92 51.27 -15.20
N SER D 50 31.94 51.57 -16.50
CA SER D 50 30.72 51.94 -17.20
C SER D 50 29.82 50.75 -17.45
N LEU D 51 30.40 49.54 -17.41
CA LEU D 51 29.65 48.30 -17.59
C LEU D 51 28.88 47.90 -16.35
N PHE D 52 29.05 48.64 -15.27
CA PHE D 52 28.40 48.31 -14.01
C PHE D 52 27.53 49.45 -13.50
N ALA D 53 26.53 49.11 -12.71
CA ALA D 53 25.81 50.09 -11.91
C ALA D 53 26.36 50.02 -10.50
N VAL D 54 27.27 50.93 -10.18
CA VAL D 54 27.97 50.90 -8.91
C VAL D 54 27.08 51.30 -7.74
N ASP D 55 27.16 50.54 -6.66
CA ASP D 55 26.36 50.78 -5.47
C ASP D 55 27.22 51.36 -4.35
N GLU D 56 28.42 50.81 -4.19
CA GLU D 56 29.37 51.27 -3.19
C GLU D 56 30.77 51.37 -3.81
N PHE D 57 31.57 52.32 -3.35
CA PHE D 57 32.95 52.47 -3.80
C PHE D 57 33.77 53.02 -2.64
N SER D 58 34.11 52.17 -1.68
CA SER D 58 34.93 52.58 -0.55
C SER D 58 36.42 52.42 -0.84
N CYS D 59 37.16 53.50 -0.76
CA CYS D 59 38.55 53.43 -1.12
C CYS D 59 39.37 53.74 0.10
N ASN D 60 40.60 53.26 0.11
CA ASN D 60 41.46 53.37 1.28
C ASN D 60 42.91 53.69 0.97
N GLY D 61 43.37 54.87 1.31
CA GLY D 61 44.75 55.23 1.07
C GLY D 61 44.87 55.87 -0.29
N ILE D 62 43.72 56.21 -0.82
CA ILE D 62 43.61 56.79 -2.15
C ILE D 62 42.14 57.18 -2.36
N SER D 63 41.87 58.19 -3.19
CA SER D 63 40.51 58.65 -3.40
C SER D 63 39.92 58.00 -4.67
N PRO D 64 38.62 57.90 -4.82
CA PRO D 64 38.09 57.15 -5.96
C PRO D 64 38.34 57.83 -7.27
N ASP D 65 38.29 59.15 -7.26
CA ASP D 65 38.56 59.93 -8.46
C ASP D 65 40.02 59.84 -8.87
N SER D 66 40.88 59.67 -7.89
CA SER D 66 42.29 59.70 -8.13
C SER D 66 42.86 58.36 -8.51
N ILE D 67 42.12 57.29 -8.28
CA ILE D 67 42.64 55.98 -8.55
C ILE D 67 42.66 55.75 -10.03
N ALA D 68 41.83 56.49 -10.74
CA ALA D 68 41.73 56.31 -12.18
C ALA D 68 42.66 57.24 -12.88
N ARG D 69 43.60 57.81 -12.15
CA ARG D 69 44.41 58.88 -12.68
C ARG D 69 45.85 58.65 -12.40
N GLY D 70 46.15 57.71 -11.54
CA GLY D 70 47.51 57.51 -11.08
C GLY D 70 48.37 56.58 -11.88
N CYS D 71 49.65 56.58 -11.56
CA CYS D 71 50.65 55.76 -12.25
C CYS D 71 51.27 54.76 -11.29
N TYR D 72 51.17 53.48 -11.64
CA TYR D 72 51.48 52.40 -10.71
C TYR D 72 52.55 51.45 -11.21
N SER D 73 53.18 50.74 -10.29
CA SER D 73 54.03 49.61 -10.65
C SER D 73 53.15 48.42 -10.99
N THR D 74 52.21 48.10 -10.09
CA THR D 74 51.24 47.03 -10.33
C THR D 74 49.82 47.49 -10.07
N LEU D 75 48.89 46.94 -10.84
CA LEU D 75 47.47 47.11 -10.58
C LEU D 75 46.86 45.71 -10.48
N THR D 76 46.22 45.41 -9.34
CA THR D 76 45.59 44.11 -9.19
C THR D 76 44.09 44.25 -8.94
N VAL D 77 43.32 43.38 -9.57
CA VAL D 77 41.88 43.33 -9.33
C VAL D 77 41.48 41.96 -8.80
N ASP D 78 40.88 41.93 -7.62
CA ASP D 78 40.23 40.73 -7.13
C ASP D 78 38.76 40.85 -7.45
N TYR D 79 38.21 39.89 -8.19
CA TYR D 79 36.80 39.97 -8.54
C TYR D 79 36.06 38.68 -8.20
N PHE D 80 34.78 38.84 -7.85
CA PHE D 80 33.92 37.70 -7.53
C PHE D 80 32.45 38.12 -7.52
N ALA D 81 31.57 37.13 -7.74
CA ALA D 81 30.14 37.33 -7.58
C ALA D 81 29.84 37.56 -6.10
N TYR D 82 28.97 38.51 -5.82
CA TYR D 82 28.67 38.87 -4.44
C TYR D 82 27.38 39.69 -4.36
N PRO D 83 26.43 39.26 -3.51
CA PRO D 83 25.16 39.97 -3.41
C PRO D 83 25.26 41.26 -2.61
N LEU D 84 24.59 42.31 -3.08
CA LEU D 84 24.64 43.60 -2.43
C LEU D 84 23.98 43.59 -1.06
N SER D 85 23.11 42.60 -0.83
CA SER D 85 22.46 42.46 0.47
C SER D 85 23.50 42.24 1.56
N MET D 86 24.63 41.71 1.16
CA MET D 86 25.70 41.41 2.06
C MET D 86 26.79 42.45 2.05
N LYS D 87 26.48 43.65 1.59
CA LYS D 87 27.42 44.76 1.54
C LYS D 87 28.15 44.98 2.87
N SER D 88 27.36 44.95 3.94
CA SER D 88 27.84 45.32 5.27
C SER D 88 28.82 44.31 5.87
N TYR D 89 28.84 43.10 5.31
CA TYR D 89 29.55 41.98 5.92
C TYR D 89 30.92 41.71 5.33
N ILE D 90 31.45 42.67 4.59
CA ILE D 90 32.73 42.51 3.92
C ILE D 90 33.59 43.75 4.19
N ARG D 91 33.10 44.61 5.06
CA ARG D 91 33.81 45.83 5.44
C ARG D 91 34.85 45.54 6.53
N PRO D 92 35.86 46.41 6.66
CA PRO D 92 36.94 46.18 7.62
C PRO D 92 36.46 46.09 9.07
N GLY D 93 36.73 44.95 9.70
CA GLY D 93 36.48 44.79 11.13
C GLY D 93 35.06 44.35 11.47
N SER D 94 34.15 44.53 10.52
CA SER D 94 32.77 44.07 10.70
C SER D 94 32.69 42.62 10.22
N ALA D 95 33.14 41.71 11.07
CA ALA D 95 33.62 40.40 10.63
C ALA D 95 33.29 39.26 11.59
N GLY D 96 32.52 38.25 11.16
CA GLY D 96 32.01 38.15 9.80
C GLY D 96 32.37 36.85 9.11
N ASN D 97 31.38 36.13 8.57
CA ASN D 97 31.66 34.88 7.84
C ASN D 97 32.54 35.12 6.62
N ILE D 98 32.30 36.26 5.97
CA ILE D 98 32.99 36.55 4.72
C ILE D 98 34.51 36.68 4.93
N PRO D 99 34.96 37.51 5.89
CA PRO D 99 36.43 37.59 5.96
C PRO D 99 37.07 36.51 6.84
N LEU D 100 36.29 35.76 7.59
CA LEU D 100 36.84 34.64 8.34
C LEU D 100 37.14 33.46 7.42
N TYR D 101 36.24 33.20 6.48
CA TYR D 101 36.28 31.95 5.72
C TYR D 101 36.34 32.13 4.21
N ASN D 102 36.14 33.35 3.73
CA ASN D 102 35.99 33.53 2.29
C ASN D 102 37.02 34.47 1.69
N TYR D 103 36.83 35.76 1.91
CA TYR D 103 37.72 36.76 1.36
C TYR D 103 37.93 37.86 2.38
N LYS D 104 39.19 38.12 2.71
CA LYS D 104 39.56 39.20 3.62
C LYS D 104 40.41 40.23 2.89
N GLN D 105 39.92 41.46 2.80
CA GLN D 105 40.61 42.52 2.07
C GLN D 105 41.90 42.90 2.76
N SER D 106 42.97 43.03 1.98
CA SER D 106 44.24 43.52 2.49
C SER D 106 44.28 45.05 2.43
N PHE D 107 44.89 45.66 3.43
CA PHE D 107 45.03 47.11 3.46
C PHE D 107 46.50 47.52 3.48
N ALA D 108 47.38 46.58 3.14
CA ALA D 108 48.81 46.84 3.07
C ALA D 108 49.13 47.86 1.98
N ASN D 109 48.24 47.94 0.99
CA ASN D 109 48.41 48.84 -0.13
C ASN D 109 47.15 49.65 -0.36
N PRO D 110 47.26 50.77 -1.09
CA PRO D 110 46.07 51.55 -1.45
C PRO D 110 45.03 50.72 -2.18
N THR D 111 43.86 50.56 -1.59
CA THR D 111 42.83 49.69 -2.14
C THR D 111 41.52 50.42 -2.39
N CYS D 112 40.77 49.92 -3.37
CA CYS D 112 39.41 50.39 -3.63
C CYS D 112 38.47 49.21 -3.76
N ARG D 113 37.44 49.19 -2.92
CA ARG D 113 36.44 48.13 -2.96
C ARG D 113 35.20 48.62 -3.70
N VAL D 114 34.78 47.86 -4.71
CA VAL D 114 33.63 48.27 -5.51
C VAL D 114 32.49 47.26 -5.47
N MET D 115 31.32 47.73 -5.02
CA MET D 115 30.10 46.94 -5.00
C MET D 115 29.20 47.36 -6.16
N ALA D 116 28.92 46.43 -7.07
CA ALA D 116 28.18 46.81 -8.26
C ALA D 116 27.31 45.68 -8.83
N SER D 117 26.33 46.10 -9.64
CA SER D 117 25.56 45.16 -10.44
C SER D 117 25.89 45.42 -11.91
N VAL D 118 26.14 44.36 -12.68
CA VAL D 118 26.41 44.55 -14.10
C VAL D 118 25.12 45.01 -14.78
N LEU D 119 25.25 45.72 -15.89
CA LEU D 119 24.11 46.29 -16.58
C LEU D 119 23.34 45.23 -17.36
N ALA D 120 22.08 45.52 -17.65
CA ALA D 120 21.07 44.53 -18.05
C ALA D 120 21.40 43.76 -19.34
N ASN D 121 22.15 44.34 -20.27
CA ASN D 121 22.59 43.57 -21.42
C ASN D 121 24.08 43.78 -21.79
N VAL D 122 24.90 43.99 -20.79
CA VAL D 122 26.13 43.27 -20.72
C VAL D 122 25.68 41.82 -20.63
N THR D 123 26.22 40.96 -21.49
CA THR D 123 25.72 39.58 -21.48
C THR D 123 26.59 38.74 -20.53
N ILE D 124 26.11 38.59 -19.30
CA ILE D 124 26.70 37.76 -18.28
C ILE D 124 26.19 36.33 -18.41
N THR D 125 26.93 35.37 -17.88
CA THR D 125 26.37 34.05 -17.63
C THR D 125 26.60 33.76 -16.15
N LYS D 126 25.61 34.09 -15.33
CA LYS D 126 25.78 34.05 -13.89
C LYS D 126 25.71 32.62 -13.34
N PRO D 127 26.31 32.41 -12.15
CA PRO D 127 26.19 31.09 -11.51
C PRO D 127 24.74 30.81 -11.12
N HIS D 128 24.46 29.58 -10.74
CA HIS D 128 23.11 29.20 -10.32
C HIS D 128 22.66 30.02 -9.11
N ALA D 129 23.58 30.21 -8.17
CA ALA D 129 23.32 31.05 -7.00
C ALA D 129 24.63 31.54 -6.39
N TYR D 130 24.52 32.47 -5.43
CA TYR D 130 25.68 32.90 -4.67
C TYR D 130 25.96 31.88 -3.58
N GLY D 131 27.22 31.82 -3.13
CA GLY D 131 27.59 30.90 -2.08
C GLY D 131 28.78 31.41 -1.27
N TYR D 132 28.74 31.20 0.03
CA TYR D 132 29.90 31.46 0.86
C TYR D 132 30.05 30.40 1.94
N ILE D 133 31.28 30.16 2.34
CA ILE D 133 31.55 29.23 3.44
C ILE D 133 31.11 29.86 4.76
N SER D 134 30.46 29.08 5.61
CA SER D 134 29.99 29.60 6.90
C SER D 134 30.44 28.72 8.05
N LYS D 135 31.29 27.75 7.75
CA LYS D 135 31.91 26.93 8.76
C LYS D 135 33.13 26.22 8.17
N CYS D 136 34.18 26.12 8.96
CA CYS D 136 35.41 25.49 8.51
C CYS D 136 36.28 25.16 9.72
N SER D 137 36.13 23.96 10.24
CA SER D 137 36.81 23.57 11.46
C SER D 137 37.66 22.31 11.28
N ARG D 138 38.73 22.22 12.06
CA ARG D 138 39.47 20.99 12.20
C ARG D 138 38.96 20.28 13.45
N LEU D 139 38.87 18.97 13.40
CA LEU D 139 38.36 18.21 14.49
C LEU D 139 39.33 17.13 14.88
N THR D 140 39.63 17.03 16.15
CA THR D 140 40.52 16.00 16.66
C THR D 140 39.94 15.43 17.93
N GLY D 141 40.69 14.53 18.55
CA GLY D 141 40.28 13.96 19.83
C GLY D 141 39.74 12.54 19.74
N ALA D 142 39.75 11.85 20.88
CA ALA D 142 39.26 10.49 20.95
C ALA D 142 37.77 10.43 20.63
N ASN D 143 37.04 11.43 21.10
CA ASN D 143 35.61 11.53 20.82
C ASN D 143 35.33 12.44 19.64
N GLN D 144 36.39 12.82 18.92
CA GLN D 144 36.28 13.73 17.79
C GLN D 144 35.44 14.95 18.14
N ASP D 145 35.92 15.72 19.11
CA ASP D 145 35.15 16.81 19.66
C ASP D 145 35.97 18.02 20.06
N VAL D 146 37.26 18.01 19.80
CA VAL D 146 38.10 19.20 19.90
C VAL D 146 38.02 19.97 18.59
N GLU D 147 37.23 21.04 18.58
CA GLU D 147 37.01 21.82 17.37
C GLU D 147 37.90 23.05 17.31
N THR D 148 38.60 23.21 16.19
CA THR D 148 39.43 24.38 15.94
C THR D 148 38.98 25.06 14.65
N PRO D 149 38.22 26.16 14.77
CA PRO D 149 37.84 26.93 13.59
C PRO D 149 39.08 27.41 12.81
N LEU D 150 39.04 27.28 11.49
CA LEU D 150 40.16 27.66 10.64
C LEU D 150 39.84 28.92 9.86
N TYR D 151 40.60 29.99 10.12
CA TYR D 151 40.40 31.27 9.47
C TYR D 151 41.44 31.54 8.41
N ILE D 152 41.17 32.51 7.55
CA ILE D 152 42.07 32.85 6.45
C ILE D 152 42.94 34.08 6.73
N ASN D 153 44.11 34.13 6.11
CA ASN D 153 44.86 35.36 5.97
C ASN D 153 44.35 36.10 4.74
N PRO D 154 44.45 37.43 4.73
CA PRO D 154 44.00 38.18 3.55
C PRO D 154 44.69 37.72 2.27
N GLY D 155 43.90 37.53 1.21
CA GLY D 155 44.43 37.15 -0.09
C GLY D 155 44.62 35.67 -0.30
N GLU D 156 44.28 34.87 0.71
CA GLU D 156 44.47 33.42 0.61
C GLU D 156 43.15 32.66 0.61
N TYR D 157 43.16 31.48 -0.01
CA TYR D 157 41.95 30.69 -0.12
C TYR D 157 41.77 29.78 1.08
N SER D 158 40.53 29.73 1.58
CA SER D 158 40.17 28.84 2.68
C SER D 158 40.46 27.39 2.33
N ILE D 159 40.87 26.61 3.33
CA ILE D 159 41.11 25.19 3.15
C ILE D 159 39.82 24.43 2.80
N CYS D 160 38.67 25.08 3.00
CA CYS D 160 37.37 24.46 2.71
C CYS D 160 36.87 24.75 1.29
N ARG D 161 37.65 25.49 0.53
CA ARG D 161 37.23 25.94 -0.78
C ARG D 161 37.26 24.85 -1.84
N ASP D 162 38.10 23.86 -1.63
CA ASP D 162 38.19 22.76 -2.55
C ASP D 162 36.97 21.89 -2.57
N PHE D 163 36.19 21.91 -1.50
CA PHE D 163 35.06 21.02 -1.37
C PHE D 163 34.11 21.21 -2.52
N SER D 164 33.89 22.44 -2.91
CA SER D 164 32.96 22.77 -3.98
C SER D 164 33.17 24.21 -4.42
N PRO D 165 34.17 24.44 -5.27
CA PRO D 165 34.57 25.80 -5.68
C PRO D 165 33.53 26.50 -6.53
N GLY D 166 32.61 25.75 -7.11
CA GLY D 166 31.60 26.33 -7.96
C GLY D 166 30.45 26.97 -7.19
N GLY D 167 30.26 26.54 -5.96
CA GLY D 167 29.13 27.00 -5.16
C GLY D 167 28.47 25.85 -4.42
N PHE D 168 27.27 26.09 -3.91
CA PHE D 168 26.57 25.04 -3.15
C PHE D 168 25.16 24.80 -3.65
N SER D 169 24.87 23.56 -3.98
CA SER D 169 23.56 23.18 -4.47
C SER D 169 22.52 23.25 -3.35
N GLU D 170 23.01 23.26 -2.11
CA GLU D 170 22.16 23.17 -0.95
C GLU D 170 22.51 24.22 0.10
N ASP D 171 21.51 24.93 0.63
CA ASP D 171 21.76 25.86 1.72
C ASP D 171 22.05 25.09 3.00
N GLY D 172 23.30 25.14 3.44
CA GLY D 172 23.69 24.41 4.63
C GLY D 172 24.33 23.08 4.28
N GLN D 173 24.89 23.02 3.07
CA GLN D 173 25.56 21.83 2.57
C GLN D 173 26.82 21.51 3.38
N VAL D 174 26.95 20.24 3.77
CA VAL D 174 28.00 19.83 4.70
C VAL D 174 29.07 19.00 3.99
N PHE D 175 30.34 19.24 4.36
CA PHE D 175 31.46 18.55 3.75
C PHE D 175 32.42 18.01 4.80
N LYS D 176 32.98 16.84 4.53
CA LYS D 176 33.88 16.19 5.46
C LYS D 176 35.08 15.67 4.67
N ARG D 177 36.24 15.63 5.32
CA ARG D 177 37.49 15.28 4.65
C ARG D 177 38.54 14.96 5.69
N THR D 178 39.31 13.89 5.47
CA THR D 178 40.45 13.62 6.34
C THR D 178 41.57 14.60 5.99
N LEU D 179 42.22 15.16 7.01
CA LEU D 179 43.33 16.06 6.77
C LEU D 179 44.65 15.26 6.73
N THR D 180 45.48 15.47 5.72
CA THR D 180 46.79 14.81 5.71
C THR D 180 47.59 15.36 6.89
N GLN D 181 48.68 14.68 7.24
CA GLN D 181 49.42 14.99 8.45
C GLN D 181 50.26 16.25 8.25
N PHE D 182 50.47 16.60 6.99
CA PHE D 182 51.14 17.86 6.63
C PHE D 182 50.24 19.08 6.84
N GLU D 183 48.93 18.90 6.80
CA GLU D 183 48.07 20.01 7.18
C GLU D 183 47.57 19.83 8.61
N GLY D 184 48.16 18.88 9.34
CA GLY D 184 47.97 18.82 10.78
C GLY D 184 47.07 17.73 11.35
N GLY D 185 46.69 16.76 10.51
CA GLY D 185 45.88 15.64 10.97
C GLY D 185 44.45 16.00 11.34
N GLY D 186 43.68 14.98 11.72
CA GLY D 186 42.30 15.19 12.14
C GLY D 186 41.32 15.24 11.00
N LEU D 187 40.10 15.69 11.28
CA LEU D 187 39.06 15.82 10.27
C LEU D 187 38.80 17.27 9.91
N LEU D 188 38.44 17.51 8.65
CA LEU D 188 38.03 18.85 8.23
C LEU D 188 36.53 18.86 7.96
N ILE D 189 35.83 19.76 8.64
CA ILE D 189 34.39 19.94 8.49
C ILE D 189 34.11 21.29 7.85
N GLY D 190 33.31 21.31 6.80
CA GLY D 190 32.93 22.54 6.14
C GLY D 190 31.45 22.65 5.86
N VAL D 191 30.91 23.86 5.92
CA VAL D 191 29.53 24.12 5.57
C VAL D 191 29.45 25.32 4.63
N GLY D 192 28.57 25.25 3.62
CA GLY D 192 28.38 26.38 2.72
C GLY D 192 26.94 26.83 2.71
N THR D 193 26.70 28.13 2.78
CA THR D 193 25.32 28.60 2.63
C THR D 193 25.09 29.10 1.22
N ARG D 194 23.81 29.15 0.86
CA ARG D 194 23.36 29.49 -0.48
C ARG D 194 22.52 30.77 -0.42
N VAL D 195 22.86 31.75 -1.24
CA VAL D 195 22.05 32.94 -1.39
C VAL D 195 21.50 32.96 -2.80
N PRO D 196 20.17 33.09 -2.93
CA PRO D 196 19.53 33.04 -4.25
C PRO D 196 20.04 34.12 -5.20
N MET D 197 20.33 33.71 -6.44
CA MET D 197 20.78 34.62 -7.49
C MET D 197 19.78 35.76 -7.70
N THR D 198 20.29 36.93 -8.09
CA THR D 198 19.44 38.10 -8.34
C THR D 198 19.15 38.26 -9.83
N ASP D 199 18.21 39.16 -10.15
CA ASP D 199 17.82 39.40 -11.53
C ASP D 199 19.02 39.81 -12.37
N ASN D 200 19.77 40.79 -11.88
CA ASN D 200 21.04 41.17 -12.48
C ASN D 200 22.20 40.70 -11.60
N LEU D 201 23.26 40.22 -12.22
CA LEU D 201 24.41 39.72 -11.46
C LEU D 201 25.06 40.82 -10.65
N GLN D 202 25.20 40.57 -9.35
CA GLN D 202 25.86 41.51 -8.48
C GLN D 202 27.28 41.03 -8.21
N MET D 203 28.25 41.92 -8.45
CA MET D 203 29.66 41.59 -8.30
C MET D 203 30.37 42.54 -7.35
N SER D 204 31.53 42.09 -6.88
CA SER D 204 32.38 42.92 -6.07
C SER D 204 33.81 42.79 -6.55
N PHE D 205 34.50 43.90 -6.72
CA PHE D 205 35.91 43.79 -7.02
C PHE D 205 36.77 44.80 -6.26
N ILE D 206 37.89 44.29 -5.76
CA ILE D 206 38.82 45.05 -4.95
C ILE D 206 39.99 45.44 -5.83
N ILE D 207 40.23 46.74 -5.95
CA ILE D 207 41.33 47.23 -6.77
C ILE D 207 42.49 47.68 -5.89
N SER D 208 43.66 47.08 -6.12
CA SER D 208 44.83 47.35 -5.29
C SER D 208 46.02 47.83 -6.13
N VAL D 209 46.58 48.98 -5.76
CA VAL D 209 47.66 49.57 -6.54
C VAL D 209 48.96 49.72 -5.73
N GLN D 210 50.08 49.69 -6.45
CA GLN D 210 51.40 49.94 -5.87
C GLN D 210 52.14 51.01 -6.65
N TYR D 211 53.07 51.70 -6.01
CA TYR D 211 53.92 52.67 -6.69
C TYR D 211 55.38 52.25 -6.60
N GLY D 212 55.87 51.49 -7.56
CA GLY D 212 57.19 50.89 -7.43
C GLY D 212 58.38 51.70 -7.91
N THR D 213 59.53 51.42 -7.32
CA THR D 213 60.80 52.01 -7.72
C THR D 213 61.21 51.49 -9.09
N GLY D 214 60.66 50.33 -9.42
CA GLY D 214 61.11 49.56 -10.57
C GLY D 214 60.93 50.19 -11.93
N THR D 215 61.40 49.46 -12.95
CA THR D 215 61.47 49.97 -14.31
C THR D 215 60.29 49.59 -15.20
N ASP D 216 59.07 50.02 -14.83
CA ASP D 216 57.97 50.34 -15.76
C ASP D 216 56.66 50.46 -14.98
N SER D 217 55.67 51.07 -15.61
CA SER D 217 54.56 51.74 -14.97
C SER D 217 53.19 51.22 -15.44
N VAL D 218 52.14 51.42 -14.65
CA VAL D 218 50.78 51.26 -15.14
C VAL D 218 50.05 52.59 -15.05
N CYS D 219 49.83 53.24 -16.18
CA CYS D 219 49.28 54.59 -16.21
C CYS D 219 47.94 54.64 -16.93
N PRO D 220 47.15 55.70 -16.70
CA PRO D 220 45.89 55.82 -17.46
C PRO D 220 46.16 56.04 -18.94
N MET D 221 45.12 55.99 -19.76
CA MET D 221 45.30 56.16 -21.20
C MET D 221 45.00 57.59 -21.64
N LEU D 222 45.88 58.12 -22.47
CA LEU D 222 45.71 59.49 -22.97
C LEU D 222 44.98 59.48 -24.31
C1 NAG E . 1.93 -54.61 -25.03
C2 NAG E . 3.10 -53.76 -25.52
C3 NAG E . 3.27 -53.86 -27.05
C4 NAG E . 3.35 -55.33 -27.49
C5 NAG E . 2.06 -56.02 -27.02
C6 NAG E . 2.01 -57.49 -27.37
C7 NAG E . 3.36 -51.88 -23.95
C8 NAG E . 3.10 -50.42 -23.72
N2 NAG E . 2.95 -52.37 -25.13
O3 NAG E . 4.42 -53.13 -27.46
O4 NAG E . 3.48 -55.45 -28.90
O5 NAG E . 2.01 -55.95 -25.59
O6 NAG E . 0.85 -58.13 -26.84
O7 NAG E . 3.92 -52.57 -23.11
C1 NAG E . 4.53 -56.36 -29.31
C2 NAG E . 4.51 -56.51 -30.85
C3 NAG E . 5.66 -57.40 -31.34
C4 NAG E . 6.99 -56.98 -30.74
C5 NAG E . 6.87 -56.92 -29.22
C6 NAG E . 8.14 -56.46 -28.53
C7 NAG E . 2.12 -56.33 -31.41
C8 NAG E . 0.90 -57.07 -31.86
N2 NAG E . 3.24 -57.06 -31.29
O3 NAG E . 5.75 -57.31 -32.76
O4 NAG E . 7.99 -57.91 -31.12
O5 NAG E . 5.84 -55.96 -28.89
O6 NAG E . 8.32 -55.06 -28.65
O7 NAG E . 2.10 -55.14 -31.16
C1 NAG F . -5.13 -0.33 -23.90
C2 NAG F . -4.65 0.12 -25.28
C3 NAG F . -4.32 1.62 -25.28
C4 NAG F . -5.39 2.45 -24.57
C5 NAG F . -5.77 1.80 -23.25
C6 NAG F . -6.90 2.51 -22.54
C7 NAG F . -3.56 -1.72 -26.49
C8 NAG F . -2.27 -2.40 -26.81
N2 NAG F . -3.48 -0.65 -25.70
O3 NAG F . -4.21 2.06 -26.62
O4 NAG F . -4.86 3.72 -24.25
O5 NAG F . -6.19 0.46 -23.49
O6 NAG F . -8.09 2.50 -23.31
O7 NAG F . -4.64 -2.13 -26.92
C1 NAG F . -5.50 4.69 -25.11
C2 NAG F . -4.79 5.93 -24.54
C3 NAG F . -5.33 7.20 -25.19
C4 NAG F . -5.24 7.07 -26.70
C5 NAG F . -6.04 5.85 -27.11
C6 NAG F . -6.09 5.62 -28.60
C7 NAG F . -3.93 5.60 -22.26
C8 NAG F . -2.66 5.13 -22.90
N2 NAG F . -4.91 5.98 -23.10
O3 NAG F . -4.59 8.34 -24.74
O4 NAG F . -5.71 8.23 -27.38
O5 NAG F . -5.44 4.70 -26.52
O6 NAG F . -7.43 5.59 -29.07
O7 NAG F . -4.08 5.64 -21.04
C1 BMA F . -6.53 9.42 -27.52
C2 BMA F . -5.48 10.47 -27.66
C3 BMA F . -6.13 11.78 -27.59
C4 BMA F . -7.29 11.95 -28.43
C5 BMA F . -8.05 10.73 -28.82
C6 BMA F . -8.54 10.87 -30.23
O2 BMA F . -4.82 10.33 -28.89
O3 BMA F . -5.16 12.80 -27.91
O4 BMA F . -8.19 12.81 -27.73
O5 BMA F . -7.33 9.43 -28.67
O6 BMA F . -9.55 9.94 -30.69
C1 NAG G . 9.70 -5.53 -34.64
C2 NAG G . 10.88 -4.81 -35.29
C3 NAG G . 11.74 -4.11 -34.22
C4 NAG G . 10.89 -3.25 -33.29
C5 NAG G . 9.74 -4.09 -32.73
C6 NAG G . 8.78 -3.32 -31.85
C7 NAG G . 11.78 -5.71 -37.39
C8 NAG G . 12.65 -6.76 -38.01
N2 NAG G . 11.69 -5.74 -36.06
O3 NAG G . 12.75 -3.31 -34.86
O4 NAG G . 11.73 -2.81 -32.23
O5 NAG G . 8.98 -4.62 -33.82
O6 NAG G . 8.04 -2.33 -32.54
O7 NAG G . 11.19 -4.87 -38.07
C1 NAG G . 11.55 -1.43 -31.84
C2 NAG G . 12.40 -1.21 -30.60
C3 NAG G . 12.13 0.17 -30.02
C4 NAG G . 12.40 1.23 -31.10
C5 NAG G . 11.61 0.91 -32.37
C6 NAG G . 11.96 1.82 -33.53
C7 NAG G . 11.04 -2.53 -29.01
C8 NAG G . 11.06 -3.66 -28.02
N2 NAG G . 12.21 -2.26 -29.61
O3 NAG G . 12.97 0.41 -28.90
O4 NAG G . 12.02 2.52 -30.62
O5 NAG G . 11.87 -0.44 -32.82
O6 NAG G . 12.08 3.18 -33.10
O7 NAG G . 10.01 -1.89 -29.25
C1 NAG H . -30.94 -8.04 -19.48
C2 NAG H . -32.11 -7.78 -20.42
C3 NAG H . -32.52 -6.31 -20.37
C4 NAG H . -32.69 -5.81 -18.94
C5 NAG H . -31.50 -6.21 -18.09
C6 NAG H . -31.67 -5.90 -16.62
C7 NAG H . -32.32 -9.16 -22.44
C8 NAG H . -31.84 -9.39 -23.84
N2 NAG H . -31.75 -8.15 -21.79
O3 NAG H . -33.75 -6.15 -21.07
O4 NAG H . -32.77 -4.40 -18.98
O5 NAG H . -31.28 -7.62 -18.18
O6 NAG H . -32.76 -6.64 -16.06
O7 NAG H . -33.21 -9.86 -21.93
C1 NAG H . -33.98 -3.97 -18.33
C2 NAG H . -34.04 -2.45 -18.49
C3 NAG H . -35.31 -1.89 -17.84
C4 NAG H . -36.53 -2.64 -18.35
C5 NAG H . -36.34 -4.13 -18.12
C6 NAG H . -37.50 -4.96 -18.63
C7 NAG H . -32.41 -1.99 -16.69
C8 NAG H . -31.15 -1.26 -16.33
N2 NAG H . -32.85 -1.81 -17.95
O3 NAG H . -35.44 -0.50 -18.16
O4 NAG H . -37.72 -2.20 -17.69
O5 NAG H . -35.17 -4.57 -18.82
O6 NAG H . -37.15 -5.67 -19.81
O7 NAG H . -33.01 -2.69 -15.88
C1 NAG I . -11.37 41.64 41.96
C2 NAG I . -11.50 42.25 40.55
C3 NAG I . -10.71 43.56 40.44
C4 NAG I . -11.10 44.52 41.54
C5 NAG I . -10.88 43.84 42.90
C6 NAG I . -11.29 44.69 44.08
C7 NAG I . -11.86 40.38 38.99
C8 NAG I . -11.22 39.49 37.97
N2 NAG I . -11.06 41.31 39.54
O3 NAG I . -10.93 44.15 39.15
O4 NAG I . -10.34 45.73 41.46
O5 NAG I . -11.67 42.65 42.96
O6 NAG I . -11.28 43.94 45.29
O7 NAG I . -13.03 40.27 39.32
C1 NAG I . -11.17 46.93 41.50
C2 NAG I . -10.28 48.17 41.47
C3 NAG I . -11.14 49.45 41.51
C4 NAG I . -12.23 49.40 40.44
C5 NAG I . -13.02 48.11 40.57
C6 NAG I . -14.08 47.96 39.50
C7 NAG I . -8.19 47.52 42.56
C8 NAG I . -7.35 47.61 43.80
N2 NAG I . -9.35 48.17 42.59
O3 NAG I . -10.32 50.59 41.32
O4 NAG I . -13.11 50.52 40.59
O5 NAG I . -12.13 47.00 40.44
O6 NAG I . -13.53 47.59 38.25
O7 NAG I . -7.81 46.88 41.58
C1 NAG J . 17.07 17.27 1.91
C2 NAG J . 17.70 18.43 1.15
C3 NAG J . 18.06 18.01 -0.26
C4 NAG J . 18.81 16.69 -0.29
C5 NAG J . 18.09 15.65 0.57
C6 NAG J . 18.85 14.35 0.70
C7 NAG J . 16.89 20.60 2.00
C8 NAG J . 15.89 21.68 1.82
N2 NAG J . 16.81 19.56 1.13
O3 NAG J . 18.88 19.02 -0.85
O4 NAG J . 18.80 16.18 -1.62
O5 NAG J . 17.94 16.18 1.90
O6 NAG J . 20.14 14.54 1.24
O7 NAG J . 17.75 20.62 2.86
C1 NAG J . 20.13 16.13 -2.10
C2 NAG J . 20.06 15.57 -3.52
C3 NAG J . 21.44 15.59 -4.17
C4 NAG J . 22.07 16.98 -4.04
C5 NAG J . 22.04 17.41 -2.58
C6 NAG J . 22.57 18.81 -2.37
C7 NAG J . 18.23 13.93 -3.73
C8 NAG J . 17.32 15.09 -4.05
N2 NAG J . 19.52 14.22 -3.50
O3 NAG J . 21.33 15.25 -5.55
O4 NAG J . 23.41 16.96 -4.49
O5 NAG J . 20.68 17.41 -2.13
O6 NAG J . 23.75 18.80 -1.57
O7 NAG J . 17.81 12.78 -3.70
C1 BMA J . 24.21 16.49 -5.60
C2 BMA J . 23.52 16.73 -6.91
C3 BMA J . 24.44 16.34 -7.99
C4 BMA J . 25.78 16.85 -7.89
C5 BMA J . 26.29 17.29 -6.55
C6 BMA J . 27.04 18.59 -6.71
O2 BMA J . 23.17 18.08 -7.03
O3 BMA J . 23.86 16.75 -9.24
O4 BMA J . 26.67 15.85 -8.37
O5 BMA J . 25.25 17.42 -5.48
O6 BMA J . 28.32 18.74 -6.04
C1 NAG K . 10.91 34.58 -3.14
C2 NAG K . 10.84 35.40 -4.43
C3 NAG K . 9.90 34.71 -5.43
C4 NAG K . 10.28 33.24 -5.62
C5 NAG K . 10.36 32.55 -4.26
C6 NAG K . 10.82 31.10 -4.33
C7 NAG K . 11.21 37.81 -4.21
C8 NAG K . 10.59 39.14 -3.89
N2 NAG K . 10.40 36.76 -4.17
O3 NAG K . 9.95 35.40 -6.68
O4 NAG K . 9.26 32.64 -6.42
O5 NAG K . 11.29 33.23 -3.43
O6 NAG K . 12.23 30.97 -4.28
O7 NAG K . 12.41 37.70 -4.47
C1 NAG K . 9.75 31.72 -7.42
C2 NAG K . 8.56 31.03 -8.04
C3 NAG K . 9.02 29.96 -9.02
C4 NAG K . 9.96 30.58 -10.06
C5 NAG K . 11.09 31.36 -9.37
C6 NAG K . 11.94 32.14 -10.34
C7 NAG K . 7.98 29.53 -6.16
C8 NAG K . 6.89 29.12 -5.21
N2 NAG K . 7.65 30.48 -7.04
O3 NAG K . 7.89 29.39 -9.67
O4 NAG K . 10.50 29.57 -10.90
O5 NAG K . 10.56 32.31 -8.43
O6 NAG K . 12.23 31.39 -11.51
O7 NAG K . 9.09 29.02 -6.12
C1 NAG L . 28.75 5.00 23.47
C2 NAG L . 30.20 5.12 23.93
C3 NAG L . 31.13 4.38 22.97
C4 NAG L . 30.63 2.97 22.70
C5 NAG L . 29.14 2.96 22.34
C6 NAG L . 28.55 1.57 22.25
C7 NAG L . 30.70 7.16 25.21
C8 NAG L . 31.12 8.60 25.13
N2 NAG L . 30.59 6.51 24.04
O3 NAG L . 32.43 4.33 23.52
O4 NAG L . 31.34 2.43 21.59
O5 NAG L . 28.40 3.66 23.35
O6 NAG L . 28.48 0.98 23.54
O7 NAG L . 30.45 6.62 26.29
C1 NAG L . 32.03 1.23 21.95
C2 NAG L . 32.84 0.75 20.75
C3 NAG L . 33.54 -0.56 21.07
C4 NAG L . 34.42 -0.37 22.31
C5 NAG L . 33.58 0.16 23.47
C6 NAG L . 34.40 0.51 24.69
C7 NAG L . 30.92 -0.11 19.44
C8 NAG L . 30.24 -0.07 18.10
N2 NAG L . 32.02 0.64 19.54
O3 NAG L . 34.34 -0.97 19.97
O4 NAG L . 35.02 -1.60 22.69
O5 NAG L . 32.90 1.38 23.08
O6 NAG L . 33.86 1.63 25.37
O7 NAG L . 30.49 -0.79 20.36
C1 NAG M . 18.06 -19.06 -14.65
C2 NAG M . 19.01 -19.14 -15.85
C3 NAG M . 20.31 -19.86 -15.46
C4 NAG M . 20.92 -19.22 -14.21
C5 NAG M . 19.89 -19.19 -13.09
C6 NAG M . 20.39 -18.52 -11.83
C7 NAG M . 18.19 -19.23 -18.16
C8 NAG M . 17.51 -20.08 -19.21
N2 NAG M . 18.39 -19.81 -16.97
O3 NAG M . 21.24 -19.78 -16.53
O4 NAG M . 22.06 -19.97 -13.79
O5 NAG M . 18.74 -18.46 -13.53
O6 NAG M . 20.51 -17.11 -12.01
O7 NAG M . 18.52 -18.07 -18.38
C1 NAG N . -2.79 -27.99 -41.34
C2 NAG N . -2.08 -28.65 -42.52
C3 NAG N . -1.79 -27.61 -43.61
C4 NAG N . -3.04 -26.82 -43.97
C5 NAG N . -3.67 -26.26 -42.71
C6 NAG N . -4.96 -25.52 -42.97
C7 NAG N . -0.74 -30.59 -41.83
C8 NAG N . 0.60 -31.07 -41.38
N2 NAG N . -0.85 -29.28 -42.08
O3 NAG N . -1.31 -28.29 -44.77
O4 NAG N . -2.71 -25.77 -44.87
O5 NAG N . -3.98 -27.32 -41.80
O6 NAG N . -5.96 -26.36 -43.51
O7 NAG N . -1.70 -31.34 -41.97
C1 NAG O . 12.26 -45.57 -8.58
C2 NAG O . 11.94 -45.33 -7.10
C3 NAG O . 12.28 -46.57 -6.28
C4 NAG O . 11.59 -47.79 -6.85
C5 NAG O . 11.98 -47.96 -8.31
C6 NAG O . 11.28 -49.11 -8.99
C7 NAG O . 12.03 -43.03 -6.23
C8 NAG O . 12.91 -41.93 -5.74
N2 NAG O . 12.64 -44.17 -6.60
O3 NAG O . 11.87 -46.36 -4.92
O4 NAG O . 11.95 -48.97 -6.12
O5 NAG O . 11.61 -46.77 -9.05
O6 NAG O . 11.30 -50.28 -8.18
O7 NAG O . 10.80 -42.92 -6.29
C1 NAG P . -12.34 27.13 4.30
C2 NAG P . -12.39 28.56 3.72
C3 NAG P . -13.83 29.07 3.66
C4 NAG P . -14.70 28.09 2.89
C5 NAG P . -14.61 26.71 3.52
C6 NAG P . -15.39 25.65 2.79
C7 NAG P . -10.48 30.09 4.03
C8 NAG P . -9.75 30.98 4.99
N2 NAG P . -11.56 29.46 4.52
O3 NAG P . -13.86 30.35 3.04
O4 NAG P . -16.05 28.53 2.88
O5 NAG P . -13.23 26.28 3.53
O6 NAG P . -14.77 25.27 1.56
O7 NAG P . -10.11 29.93 2.87
C1 NAG Q . 13.33 42.90 21.86
C2 NAG Q . 13.24 44.43 21.98
C3 NAG Q . 14.16 45.09 20.96
C4 NAG Q . 15.57 44.51 21.00
C5 NAG Q . 15.52 42.98 20.93
C6 NAG Q . 16.87 42.34 21.10
C7 NAG Q . 11.02 45.04 22.84
C8 NAG Q . 9.65 45.52 22.47
N2 NAG Q . 11.88 44.89 21.82
O3 NAG Q . 14.21 46.49 21.24
O4 NAG Q . 16.35 45.02 19.92
O5 NAG Q . 14.68 42.48 21.98
O6 NAG Q . 17.62 42.96 22.12
O7 NAG Q . 11.35 44.80 24.00
#